data_5U8X
#
_entry.id   5U8X
#
_cell.length_a   100.908
_cell.length_b   100.908
_cell.length_c   448.815
_cell.angle_alpha   90.000
_cell.angle_beta   90.000
_cell.angle_gamma   120.000
#
_symmetry.space_group_name_H-M   'P 32 2 1'
#
loop_
_entity.id
_entity.type
_entity.pdbx_description
1 polymer 'Carotenoid oxygenase 1'
2 non-polymer 'FE (II) ION'
3 non-polymer 'CHLORIDE ION'
4 non-polymer 'BENZOIC ACID'
5 water water
#
_entity_poly.entity_id   1
_entity_poly.type   'polypeptide(L)'
_entity_poly.pdbx_seq_one_letter_code
;MAEYVFSDAPKDSHGNGVKDAVPGKQPEELPPAPRYFQGENTAGFMRPVRFEGDITNLEVVGEIPKSIEGTFYRVMPEPH
LPSFIPNDPWFNGDGNISGFYFKDGHVDLKQRYVRTEKFVREAEARRSLLGKYRNRYTDLVEFKIRSTANTNIVYWRGQL
LALKEDSPPYAMDPETLETFGVYDFDGQLPSLTFTAHPKFDPVTREMVCFGYEAKGDGTRDICYYSFGPDGKIAETVWLV
SPVCGMIHDFAVTENFVIFPIIPLVCDVERMKQGGDHWQWDYSIPMYIGVLPRRGAQGSDVKWFEAPHGFAGHVANAFED
DKGHIQLQMAYAKDNVFFWWPDANGKGPRPGEVEAHFANFVLDYQSDKLPLAEPTYLVDDDMEFPRIDDRVATRKHKHTF
FCIFDRKPGVTDFEFVMPRAGGGAPMSNGLAHLNHETGDIQRYLPGPRKLTGECIFIPRNSEAAEGDGYVMVLLANYEDM
CSELAVLDTKDLTNEVALIKLPVRLRPGLHGNWVDKSDVDGHPAPL
;
_entity_poly.pdbx_strand_id   A,B,C,D
#
loop_
_chem_comp.id
_chem_comp.type
_chem_comp.name
_chem_comp.formula
BEZ non-polymer 'BENZOIC ACID' 'C7 H6 O2'
CL non-polymer 'CHLORIDE ION' 'Cl -1'
FE2 non-polymer 'FE (II) ION' 'Fe 2'
#
# COMPACT_ATOMS: atom_id res chain seq x y z
N LEU A 30 -12.94 -15.12 -30.69
CA LEU A 30 -11.99 -13.99 -30.86
C LEU A 30 -10.73 -14.47 -31.58
N PRO A 31 -9.99 -13.59 -32.29
CA PRO A 31 -8.68 -13.95 -32.85
C PRO A 31 -7.77 -14.49 -31.75
N PRO A 32 -6.99 -15.57 -32.02
CA PRO A 32 -6.19 -16.20 -30.97
C PRO A 32 -5.10 -15.26 -30.45
N ALA A 33 -4.93 -15.23 -29.13
CA ALA A 33 -3.91 -14.43 -28.48
C ALA A 33 -2.60 -15.23 -28.42
N PRO A 34 -1.52 -14.81 -29.11
CA PRO A 34 -0.23 -15.49 -28.99
C PRO A 34 0.30 -15.34 -27.56
N ARG A 35 1.07 -16.34 -27.10
CA ARG A 35 1.58 -16.36 -25.73
C ARG A 35 3.07 -16.03 -25.70
N TYR A 36 3.66 -15.75 -26.87
CA TYR A 36 5.00 -15.19 -26.93
C TYR A 36 5.10 -14.31 -28.17
N PHE A 37 6.09 -13.41 -28.17
CA PHE A 37 6.26 -12.44 -29.25
C PHE A 37 6.91 -13.12 -30.45
N GLN A 38 6.38 -12.82 -31.64
CA GLN A 38 6.89 -13.35 -32.90
C GLN A 38 6.95 -12.21 -33.92
N GLY A 39 7.88 -12.31 -34.87
CA GLY A 39 8.03 -11.30 -35.91
C GLY A 39 9.23 -10.39 -35.65
N GLU A 40 9.58 -9.60 -36.67
CA GLU A 40 10.80 -8.81 -36.68
C GLU A 40 10.70 -7.65 -35.71
N ASN A 41 9.48 -7.12 -35.51
CA ASN A 41 9.27 -5.93 -34.70
C ASN A 41 9.47 -6.24 -33.22
N THR A 42 9.61 -7.52 -32.85
CA THR A 42 9.80 -7.91 -31.46
C THR A 42 10.93 -8.92 -31.34
N ALA A 43 11.91 -8.87 -32.26
CA ALA A 43 13.03 -9.80 -32.24
C ALA A 43 14.30 -9.07 -31.81
N GLY A 44 15.26 -9.83 -31.26
CA GLY A 44 16.56 -9.29 -30.90
C GLY A 44 16.45 -8.20 -29.84
N PHE A 45 17.04 -7.03 -30.13
CA PHE A 45 17.05 -5.92 -29.19
C PHE A 45 15.65 -5.32 -29.07
N MET A 46 14.74 -5.65 -30.00
CA MET A 46 13.39 -5.12 -30.00
C MET A 46 12.45 -6.02 -29.19
N ARG A 47 12.96 -7.14 -28.66
CA ARG A 47 12.13 -8.03 -27.86
C ARG A 47 11.68 -7.30 -26.59
N PRO A 48 10.35 -7.19 -26.33
CA PRO A 48 9.86 -6.56 -25.12
C PRO A 48 10.39 -7.21 -23.85
N VAL A 49 10.74 -6.38 -22.86
CA VAL A 49 11.16 -6.84 -21.56
C VAL A 49 9.97 -6.75 -20.60
N ARG A 50 9.35 -5.56 -20.57
CA ARG A 50 8.04 -5.36 -19.95
C ARG A 50 8.17 -5.35 -18.43
N PHE A 51 9.31 -4.90 -17.91
CA PHE A 51 9.49 -4.85 -16.48
C PHE A 51 9.03 -3.48 -15.98
N GLU A 52 8.48 -3.48 -14.77
CA GLU A 52 8.19 -2.27 -14.01
C GLU A 52 8.86 -2.38 -12.65
N GLY A 53 9.45 -1.28 -12.18
CA GLY A 53 10.00 -1.24 -10.84
C GLY A 53 11.23 -0.35 -10.76
N ASP A 54 12.24 -0.82 -10.02
CA ASP A 54 13.37 0.01 -9.63
C ASP A 54 14.68 -0.75 -9.82
N ILE A 55 15.70 -0.01 -10.26
CA ILE A 55 17.09 -0.42 -10.10
C ILE A 55 17.84 0.81 -9.59
N THR A 56 18.19 0.80 -8.30
CA THR A 56 18.89 1.92 -7.69
C THR A 56 20.41 1.73 -7.86
N ASN A 57 21.14 2.85 -7.75
CA ASN A 57 22.59 2.82 -7.69
C ASN A 57 23.15 2.12 -8.91
N LEU A 58 22.83 2.65 -10.10
CA LEU A 58 23.29 2.05 -11.34
C LEU A 58 24.82 2.08 -11.39
N GLU A 59 25.39 1.04 -12.01
CA GLU A 59 26.83 0.95 -12.24
C GLU A 59 27.26 2.11 -13.15
N VAL A 60 28.39 2.73 -12.81
CA VAL A 60 28.92 3.84 -13.56
C VAL A 60 30.40 3.58 -13.87
N VAL A 61 30.75 3.71 -15.15
CA VAL A 61 32.13 3.82 -15.61
C VAL A 61 32.39 5.29 -15.89
N GLY A 62 33.51 5.81 -15.38
CA GLY A 62 33.77 7.24 -15.39
C GLY A 62 33.15 7.90 -14.17
N GLU A 63 32.69 9.15 -14.33
CA GLU A 63 32.24 9.93 -13.21
C GLU A 63 31.13 10.87 -13.67
N ILE A 64 29.95 10.75 -13.05
CA ILE A 64 28.85 11.66 -13.31
C ILE A 64 29.16 12.96 -12.58
N PRO A 65 29.21 14.12 -13.28
CA PRO A 65 29.39 15.41 -12.62
C PRO A 65 28.42 15.56 -11.44
N LYS A 66 28.95 15.90 -10.26
CA LYS A 66 28.19 15.90 -9.04
C LYS A 66 27.21 17.06 -8.98
N SER A 67 27.41 18.07 -9.85
CA SER A 67 26.53 19.24 -9.89
C SER A 67 25.20 18.92 -10.58
N ILE A 68 25.17 17.85 -11.40
CA ILE A 68 23.94 17.47 -12.09
C ILE A 68 22.91 16.97 -11.08
N GLU A 69 21.74 17.62 -11.06
CA GLU A 69 20.66 17.20 -10.18
C GLU A 69 19.33 17.39 -10.90
N GLY A 70 18.61 16.27 -11.09
CA GLY A 70 17.34 16.26 -11.80
C GLY A 70 17.02 14.86 -12.34
N THR A 71 16.04 14.80 -13.24
CA THR A 71 15.56 13.52 -13.75
C THR A 71 15.44 13.55 -15.27
N PHE A 72 15.95 12.50 -15.90
CA PHE A 72 15.76 12.24 -17.31
C PHE A 72 14.58 11.28 -17.47
N TYR A 73 13.48 11.78 -18.02
CA TYR A 73 12.32 10.96 -18.33
C TYR A 73 12.30 10.65 -19.82
N ARG A 74 12.11 9.37 -20.17
CA ARG A 74 11.88 9.00 -21.56
C ARG A 74 10.80 7.92 -21.63
N VAL A 75 10.14 7.84 -22.78
CA VAL A 75 9.08 6.88 -23.00
C VAL A 75 9.47 5.99 -24.18
N MET A 76 9.15 4.70 -24.07
CA MET A 76 9.29 3.77 -25.17
C MET A 76 7.97 3.05 -25.39
N PRO A 77 7.57 2.79 -26.66
CA PRO A 77 6.53 1.80 -26.93
C PRO A 77 7.06 0.43 -26.55
N GLU A 78 6.27 -0.33 -25.79
CA GLU A 78 6.67 -1.66 -25.39
C GLU A 78 5.42 -2.50 -25.15
N PRO A 79 5.00 -3.34 -26.13
CA PRO A 79 3.79 -4.14 -25.97
C PRO A 79 3.81 -4.94 -24.69
N HIS A 80 2.77 -4.77 -23.86
CA HIS A 80 2.64 -5.50 -22.62
C HIS A 80 2.20 -6.94 -22.90
N LEU A 81 1.40 -7.12 -23.96
CA LEU A 81 0.89 -8.43 -24.36
C LEU A 81 1.09 -8.60 -25.86
N PRO A 82 1.37 -9.83 -26.35
CA PRO A 82 1.50 -10.04 -27.80
C PRO A 82 0.22 -9.67 -28.53
N SER A 83 0.36 -8.88 -29.59
CA SER A 83 -0.76 -8.44 -30.39
C SER A 83 -1.36 -9.62 -31.16
N PHE A 84 -2.66 -9.53 -31.45
CA PHE A 84 -3.32 -10.46 -32.37
C PHE A 84 -3.15 -9.96 -33.80
N ILE A 85 -2.71 -8.71 -33.98
CA ILE A 85 -2.36 -8.14 -35.26
C ILE A 85 -0.93 -8.57 -35.60
N PRO A 86 -0.68 -9.30 -36.71
CA PRO A 86 0.69 -9.62 -37.13
C PRO A 86 1.45 -8.38 -37.60
N ASN A 87 2.74 -8.30 -37.23
CA ASN A 87 3.62 -7.20 -37.59
C ASN A 87 3.00 -5.86 -37.20
N ASP A 88 2.49 -5.79 -35.97
CA ASP A 88 1.98 -4.55 -35.41
C ASP A 88 3.14 -3.55 -35.35
N PRO A 89 3.01 -2.34 -35.93
CA PRO A 89 4.10 -1.37 -35.90
C PRO A 89 4.53 -0.97 -34.48
N TRP A 90 5.80 -0.57 -34.39
CA TRP A 90 6.46 -0.09 -33.20
C TRP A 90 5.65 1.01 -32.50
N PHE A 91 5.04 1.92 -33.28
CA PHE A 91 4.26 3.03 -32.76
C PHE A 91 3.02 2.62 -31.98
N ASN A 92 2.67 1.32 -31.96
CA ASN A 92 1.40 0.92 -31.39
C ASN A 92 1.62 0.21 -30.04
N GLY A 93 2.86 0.23 -29.52
CA GLY A 93 3.18 -0.41 -28.26
C GLY A 93 2.84 0.45 -27.05
N ASP A 94 2.46 -0.20 -25.95
CA ASP A 94 2.09 0.47 -24.71
C ASP A 94 3.25 1.33 -24.19
N GLY A 95 2.94 2.56 -23.78
CA GLY A 95 3.93 3.47 -23.27
C GLY A 95 4.48 3.03 -21.92
N ASN A 96 5.81 2.86 -21.85
CA ASN A 96 6.52 2.53 -20.63
C ASN A 96 7.49 3.66 -20.32
N ILE A 97 7.37 4.26 -19.12
CA ILE A 97 8.13 5.44 -18.75
C ILE A 97 9.35 5.04 -17.94
N SER A 98 10.52 5.56 -18.35
CA SER A 98 11.75 5.44 -17.59
C SER A 98 12.08 6.79 -16.95
N GLY A 99 12.48 6.76 -15.68
CA GLY A 99 13.04 7.92 -15.03
C GLY A 99 14.45 7.61 -14.49
N PHE A 100 15.42 8.44 -14.86
CA PHE A 100 16.76 8.36 -14.31
C PHE A 100 16.96 9.54 -13.37
N TYR A 101 17.02 9.26 -12.06
CA TYR A 101 17.07 10.28 -11.03
C TYR A 101 18.53 10.48 -10.62
N PHE A 102 19.05 11.69 -10.86
CA PHE A 102 20.45 12.02 -10.62
C PHE A 102 20.60 12.92 -9.39
N LYS A 103 21.56 12.57 -8.53
CA LYS A 103 21.99 13.46 -7.45
C LYS A 103 23.37 13.03 -6.95
N ASP A 104 24.25 14.03 -6.78
CA ASP A 104 25.56 13.87 -6.17
C ASP A 104 26.34 12.75 -6.84
N GLY A 105 26.20 12.61 -8.16
CA GLY A 105 26.97 11.65 -8.93
C GLY A 105 26.42 10.23 -8.84
N HIS A 106 25.26 10.04 -8.20
CA HIS A 106 24.57 8.76 -8.16
C HIS A 106 23.31 8.84 -9.02
N VAL A 107 22.87 7.70 -9.55
CA VAL A 107 21.68 7.66 -10.39
C VAL A 107 20.88 6.39 -10.12
N ASP A 108 19.55 6.54 -10.04
CA ASP A 108 18.61 5.45 -9.88
C ASP A 108 17.65 5.43 -11.06
N LEU A 109 17.20 4.22 -11.44
CA LEU A 109 16.19 4.04 -12.46
C LEU A 109 14.87 3.63 -11.82
N LYS A 110 13.80 4.30 -12.25
CA LYS A 110 12.45 3.85 -12.00
C LYS A 110 11.74 3.68 -13.35
N GLN A 111 10.91 2.64 -13.45
CA GLN A 111 10.30 2.23 -14.71
C GLN A 111 8.86 1.81 -14.45
N ARG A 112 7.91 2.37 -15.22
CA ARG A 112 6.51 2.02 -15.01
C ARG A 112 5.67 2.32 -16.26
N TYR A 113 4.78 1.38 -16.59
CA TYR A 113 3.81 1.55 -17.65
C TYR A 113 2.77 2.61 -17.28
N VAL A 114 2.37 3.41 -18.28
CA VAL A 114 1.22 4.28 -18.14
C VAL A 114 -0.04 3.40 -18.07
N ARG A 115 -0.91 3.69 -17.08
CA ARG A 115 -2.17 2.97 -16.93
C ARG A 115 -3.22 3.57 -17.85
N THR A 116 -3.02 3.38 -19.16
CA THR A 116 -4.03 3.74 -20.15
C THR A 116 -5.22 2.80 -20.01
N GLU A 117 -6.35 3.19 -20.61
CA GLU A 117 -7.52 2.32 -20.68
C GLU A 117 -7.12 1.00 -21.34
N LYS A 118 -6.37 1.11 -22.45
CA LYS A 118 -5.86 -0.06 -23.16
C LYS A 118 -5.09 -0.97 -22.21
N PHE A 119 -4.10 -0.39 -21.49
CA PHE A 119 -3.24 -1.18 -20.63
C PHE A 119 -4.06 -1.91 -19.56
N VAL A 120 -4.98 -1.17 -18.92
CA VAL A 120 -5.72 -1.71 -17.79
C VAL A 120 -6.65 -2.83 -18.25
N ARG A 121 -7.38 -2.62 -19.35
CA ARG A 121 -8.37 -3.59 -19.78
C ARG A 121 -7.69 -4.84 -20.34
N GLU A 122 -6.57 -4.66 -21.04
CA GLU A 122 -5.82 -5.80 -21.56
C GLU A 122 -5.17 -6.57 -20.42
N ALA A 123 -4.77 -5.87 -19.35
CA ALA A 123 -4.21 -6.53 -18.18
C ALA A 123 -5.27 -7.38 -17.47
N GLU A 124 -6.50 -6.86 -17.38
CA GLU A 124 -7.63 -7.60 -16.80
C GLU A 124 -7.90 -8.87 -17.60
N ALA A 125 -7.93 -8.75 -18.92
CA ALA A 125 -8.29 -9.86 -19.80
C ALA A 125 -7.09 -10.81 -20.01
N ARG A 126 -5.87 -10.31 -19.75
CA ARG A 126 -4.63 -11.04 -19.99
C ARG A 126 -4.52 -11.42 -21.46
N ARG A 127 -4.95 -10.51 -22.35
CA ARG A 127 -4.78 -10.67 -23.78
C ARG A 127 -4.97 -9.31 -24.45
N SER A 128 -4.44 -9.17 -25.67
CA SER A 128 -4.59 -7.94 -26.43
C SER A 128 -6.03 -7.82 -26.92
N LEU A 129 -6.53 -6.58 -26.94
CA LEU A 129 -7.90 -6.25 -27.29
C LEU A 129 -7.93 -5.14 -28.33
N LEU A 130 -7.00 -4.19 -28.21
CA LEU A 130 -6.87 -3.11 -29.19
C LEU A 130 -6.24 -3.67 -30.46
N GLY A 131 -6.76 -3.23 -31.61
CA GLY A 131 -6.34 -3.75 -32.90
C GLY A 131 -5.28 -2.89 -33.56
N LYS A 132 -5.53 -2.53 -34.83
CA LYS A 132 -4.55 -1.83 -35.64
C LYS A 132 -4.38 -0.40 -35.18
N TYR A 133 -3.21 0.18 -35.50
CA TYR A 133 -2.89 1.55 -35.20
C TYR A 133 -4.00 2.48 -35.67
N ARG A 134 -4.61 3.18 -34.70
CA ARG A 134 -5.58 4.24 -34.95
C ARG A 134 -6.76 3.74 -35.80
N ASN A 135 -7.16 2.49 -35.62
CA ASN A 135 -8.32 1.95 -36.32
C ASN A 135 -9.23 1.23 -35.34
N ARG A 136 -10.21 1.96 -34.81
CA ARG A 136 -11.10 1.43 -33.79
C ARG A 136 -12.00 0.33 -34.33
N TYR A 137 -12.14 0.22 -35.66
CA TYR A 137 -13.01 -0.78 -36.27
C TYR A 137 -12.38 -2.17 -36.19
N THR A 138 -11.11 -2.26 -35.76
CA THR A 138 -10.44 -3.55 -35.62
C THR A 138 -10.33 -3.96 -34.15
N ASP A 139 -10.80 -3.13 -33.22
CA ASP A 139 -10.73 -3.42 -31.80
C ASP A 139 -11.73 -4.53 -31.45
N LEU A 140 -11.40 -5.34 -30.44
CA LEU A 140 -12.24 -6.45 -30.01
C LEU A 140 -13.26 -5.98 -28.97
N VAL A 141 -13.04 -4.81 -28.38
CA VAL A 141 -14.02 -4.19 -27.50
C VAL A 141 -14.04 -2.71 -27.84
N GLU A 142 -15.08 -2.01 -27.35
CA GLU A 142 -15.21 -0.59 -27.58
C GLU A 142 -14.39 0.16 -26.51
N PHE A 143 -13.40 0.92 -26.98
CA PHE A 143 -12.59 1.77 -26.10
C PHE A 143 -13.12 3.19 -26.15
N LYS A 144 -13.10 3.86 -25.00
CA LYS A 144 -13.38 5.28 -24.91
C LYS A 144 -12.12 6.05 -25.31
N ILE A 145 -10.95 5.65 -24.76
CA ILE A 145 -9.66 6.25 -25.06
C ILE A 145 -8.75 5.15 -25.60
N ARG A 146 -8.07 5.41 -26.73
CA ARG A 146 -7.26 4.38 -27.37
C ARG A 146 -5.77 4.67 -27.20
N SER A 147 -5.42 5.67 -26.39
CA SER A 147 -4.03 6.07 -26.21
C SER A 147 -3.16 4.92 -25.71
N THR A 148 -1.95 4.82 -26.28
CA THR A 148 -0.87 4.03 -25.71
C THR A 148 0.09 4.94 -24.93
N ALA A 149 -0.08 6.27 -25.05
CA ALA A 149 0.68 7.25 -24.29
C ALA A 149 2.17 6.99 -24.41
N ASN A 150 2.67 6.83 -25.65
CA ASN A 150 3.97 6.20 -25.85
C ASN A 150 4.93 7.09 -26.64
N THR A 151 4.59 8.36 -26.86
CA THR A 151 5.35 9.19 -27.80
C THR A 151 6.27 10.17 -27.08
N ASN A 152 5.74 10.87 -26.08
CA ASN A 152 6.51 11.86 -25.36
C ASN A 152 6.06 11.90 -23.90
N ILE A 153 6.93 12.44 -23.05
CA ILE A 153 6.68 12.54 -21.62
C ILE A 153 7.25 13.89 -21.16
N VAL A 154 6.36 14.81 -20.75
CA VAL A 154 6.76 16.17 -20.45
C VAL A 154 6.30 16.53 -19.04
N TYR A 155 6.87 17.62 -18.52
CA TYR A 155 6.56 18.08 -17.17
C TYR A 155 5.69 19.33 -17.26
N TRP A 156 4.59 19.34 -16.51
CA TRP A 156 3.70 20.49 -16.48
C TRP A 156 3.03 20.60 -15.11
N ARG A 157 3.33 21.70 -14.41
CA ARG A 157 2.67 22.07 -13.16
C ARG A 157 2.62 20.87 -12.21
N GLY A 158 3.78 20.27 -11.96
CA GLY A 158 3.92 19.28 -10.89
C GLY A 158 3.53 17.87 -11.28
N GLN A 159 3.16 17.66 -12.56
CA GLN A 159 2.81 16.35 -13.09
C GLN A 159 3.65 16.05 -14.32
N LEU A 160 3.77 14.76 -14.63
CA LEU A 160 4.19 14.33 -15.95
C LEU A 160 2.94 14.18 -16.81
N LEU A 161 3.06 14.53 -18.10
CA LEU A 161 2.02 14.27 -19.09
C LEU A 161 2.58 13.29 -20.11
N ALA A 162 1.99 12.10 -20.19
CA ALA A 162 2.37 11.09 -21.17
C ALA A 162 1.50 11.26 -22.40
N LEU A 163 2.14 11.48 -23.55
CA LEU A 163 1.47 12.06 -24.71
C LEU A 163 1.35 11.05 -25.85
N LYS A 164 0.21 11.14 -26.54
CA LYS A 164 -0.05 10.40 -27.77
C LYS A 164 -1.06 11.21 -28.58
N GLU A 165 -0.71 11.51 -29.84
CA GLU A 165 -1.34 12.58 -30.60
C GLU A 165 -2.79 12.25 -30.98
N ASP A 166 -3.26 11.02 -30.72
CA ASP A 166 -4.64 10.64 -31.02
C ASP A 166 -5.53 10.79 -29.80
N SER A 167 -5.03 11.39 -28.71
CA SER A 167 -5.68 11.28 -27.42
C SER A 167 -5.33 12.47 -26.51
N PRO A 168 -6.08 12.68 -25.41
CA PRO A 168 -5.64 13.61 -24.37
C PRO A 168 -4.41 13.05 -23.66
N PRO A 169 -3.68 13.86 -22.87
CA PRO A 169 -2.55 13.35 -22.10
C PRO A 169 -3.01 12.46 -20.96
N TYR A 170 -2.11 11.59 -20.49
CA TYR A 170 -2.27 10.91 -19.22
C TYR A 170 -1.34 11.58 -18.20
N ALA A 171 -1.90 11.95 -17.05
CA ALA A 171 -1.15 12.61 -15.99
C ALA A 171 -0.53 11.56 -15.09
N MET A 172 0.72 11.82 -14.65
CA MET A 172 1.48 10.88 -13.85
C MET A 172 2.26 11.62 -12.76
N ASP A 173 2.58 10.91 -11.69
CA ASP A 173 3.37 11.44 -10.58
C ASP A 173 4.86 11.42 -10.97
N PRO A 174 5.58 12.57 -10.93
CA PRO A 174 6.99 12.59 -11.30
C PRO A 174 7.91 11.73 -10.42
N GLU A 175 7.49 11.49 -9.18
CA GLU A 175 8.32 10.82 -8.19
C GLU A 175 8.13 9.31 -8.26
N THR A 176 6.87 8.85 -8.36
CA THR A 176 6.54 7.43 -8.27
C THR A 176 6.14 6.84 -9.62
N LEU A 177 5.84 7.69 -10.61
CA LEU A 177 5.33 7.29 -11.91
C LEU A 177 3.97 6.60 -11.81
N GLU A 178 3.24 6.85 -10.71
CA GLU A 178 1.84 6.46 -10.62
C GLU A 178 1.07 7.23 -11.69
N THR A 179 0.10 6.55 -12.32
CA THR A 179 -0.80 7.19 -13.27
C THR A 179 -2.02 7.73 -12.54
N PHE A 180 -2.25 9.04 -12.64
CA PHE A 180 -3.45 9.66 -12.06
C PHE A 180 -4.66 9.39 -12.96
N GLY A 181 -4.47 9.52 -14.28
CA GLY A 181 -5.51 9.21 -15.24
C GLY A 181 -5.47 10.17 -16.43
N VAL A 182 -6.43 10.01 -17.34
CA VAL A 182 -6.56 10.90 -18.48
C VAL A 182 -6.79 12.32 -17.95
N TYR A 183 -6.12 13.30 -18.55
CA TYR A 183 -6.05 14.64 -18.01
C TYR A 183 -6.73 15.63 -18.97
N ASP A 184 -7.63 16.47 -18.44
CA ASP A 184 -8.38 17.40 -19.26
C ASP A 184 -8.21 18.84 -18.76
N PHE A 185 -7.12 19.12 -18.03
CA PHE A 185 -6.77 20.47 -17.61
C PHE A 185 -7.94 21.16 -16.89
N ASP A 186 -8.50 20.47 -15.89
CA ASP A 186 -9.58 20.99 -15.07
C ASP A 186 -10.80 21.30 -15.93
N GLY A 187 -11.09 20.39 -16.87
CA GLY A 187 -12.27 20.51 -17.72
C GLY A 187 -12.15 21.57 -18.81
N GLN A 188 -10.94 22.11 -19.02
CA GLN A 188 -10.73 23.18 -19.98
C GLN A 188 -10.32 22.67 -21.36
N LEU A 189 -9.88 21.40 -21.45
CA LEU A 189 -9.32 20.89 -22.70
C LEU A 189 -10.41 20.90 -23.77
N PRO A 190 -10.25 21.70 -24.85
CA PRO A 190 -11.30 21.83 -25.87
C PRO A 190 -11.28 20.76 -26.97
N SER A 191 -10.19 19.99 -27.02
CA SER A 191 -9.89 19.10 -28.13
C SER A 191 -9.93 17.65 -27.66
N LEU A 192 -10.27 16.73 -28.57
CA LEU A 192 -10.17 15.31 -28.30
C LEU A 192 -8.73 14.84 -28.37
N THR A 193 -7.83 15.67 -28.91
CA THR A 193 -6.46 15.26 -29.16
C THR A 193 -5.48 16.30 -28.62
N PHE A 194 -4.30 15.81 -28.23
CA PHE A 194 -3.25 16.66 -27.69
C PHE A 194 -1.93 16.20 -28.30
N THR A 195 -1.26 17.14 -28.99
CA THR A 195 -0.02 16.85 -29.69
C THR A 195 1.01 16.23 -28.74
N ALA A 196 1.91 15.42 -29.32
CA ALA A 196 3.02 14.85 -28.58
C ALA A 196 4.17 15.86 -28.49
N HIS A 197 4.06 17.01 -29.16
CA HIS A 197 5.14 17.97 -29.22
C HIS A 197 4.66 19.37 -28.83
N PRO A 198 4.17 19.56 -27.58
CA PRO A 198 3.86 20.92 -27.11
C PRO A 198 5.16 21.69 -26.95
N LYS A 199 5.06 23.02 -26.97
CA LYS A 199 6.23 23.89 -26.85
C LYS A 199 6.09 24.71 -25.57
N PHE A 200 7.22 24.93 -24.90
CA PHE A 200 7.25 25.67 -23.64
C PHE A 200 7.98 26.99 -23.88
N ASP A 201 7.25 28.10 -23.75
CA ASP A 201 7.81 29.42 -23.96
C ASP A 201 8.63 29.78 -22.72
N PRO A 202 9.97 29.97 -22.85
CA PRO A 202 10.79 30.25 -21.68
C PRO A 202 10.53 31.63 -21.06
N VAL A 203 9.93 32.55 -21.82
CA VAL A 203 9.67 33.90 -21.34
C VAL A 203 8.30 33.97 -20.69
N THR A 204 7.24 33.54 -21.38
CA THR A 204 5.88 33.68 -20.88
C THR A 204 5.50 32.52 -19.95
N ARG A 205 6.27 31.43 -20.01
CA ARG A 205 6.06 30.23 -19.21
C ARG A 205 4.75 29.55 -19.62
N GLU A 206 4.31 29.78 -20.86
CA GLU A 206 3.12 29.14 -21.40
C GLU A 206 3.49 27.77 -21.97
N MET A 207 2.53 26.83 -21.91
CA MET A 207 2.59 25.63 -22.72
C MET A 207 1.70 25.85 -23.94
N VAL A 208 2.31 25.78 -25.13
CA VAL A 208 1.60 26.01 -26.38
C VAL A 208 1.34 24.66 -27.04
N CYS A 209 0.06 24.42 -27.38
CA CYS A 209 -0.42 23.11 -27.77
C CYS A 209 -1.29 23.18 -29.01
N PHE A 210 -1.58 21.99 -29.56
CA PHE A 210 -2.64 21.84 -30.53
C PHE A 210 -3.05 20.38 -30.56
N GLY A 211 -4.13 20.11 -31.28
CA GLY A 211 -4.50 18.76 -31.69
C GLY A 211 -5.05 18.77 -33.11
N TYR A 212 -4.70 17.74 -33.90
CA TYR A 212 -5.31 17.54 -35.20
C TYR A 212 -6.24 16.33 -35.09
N GLU A 213 -7.08 16.12 -36.12
CA GLU A 213 -8.23 15.23 -36.02
C GLU A 213 -8.95 15.53 -34.70
N ALA A 214 -9.15 16.82 -34.44
CA ALA A 214 -9.52 17.30 -33.12
C ALA A 214 -10.97 17.02 -32.78
N LYS A 215 -11.77 16.61 -33.78
CA LYS A 215 -13.16 16.24 -33.53
C LYS A 215 -13.40 14.77 -33.84
N GLY A 216 -12.33 13.98 -34.02
CA GLY A 216 -12.44 12.55 -34.21
C GLY A 216 -11.78 12.08 -35.50
N ASP A 217 -11.87 10.77 -35.74
CA ASP A 217 -11.27 10.11 -36.88
C ASP A 217 -11.64 10.86 -38.16
N GLY A 218 -10.61 11.23 -38.94
CA GLY A 218 -10.78 11.71 -40.30
C GLY A 218 -11.20 13.17 -40.38
N THR A 219 -11.40 13.85 -39.24
CA THR A 219 -11.79 15.24 -39.26
C THR A 219 -10.59 16.12 -39.62
N ARG A 220 -10.86 17.23 -40.30
CA ARG A 220 -9.81 18.14 -40.75
C ARG A 220 -9.66 19.28 -39.75
N ASP A 221 -10.34 19.15 -38.60
CA ASP A 221 -10.32 20.16 -37.57
C ASP A 221 -9.00 20.13 -36.82
N ILE A 222 -8.37 21.31 -36.74
CA ILE A 222 -7.22 21.54 -35.87
C ILE A 222 -7.66 22.48 -34.77
N CYS A 223 -7.33 22.12 -33.52
CA CYS A 223 -7.57 23.01 -32.40
C CYS A 223 -6.23 23.47 -31.84
N TYR A 224 -5.98 24.78 -31.94
CA TYR A 224 -4.80 25.42 -31.37
C TYR A 224 -5.19 26.01 -30.01
N TYR A 225 -4.43 25.68 -28.97
CA TYR A 225 -4.73 26.15 -27.64
C TYR A 225 -3.45 26.26 -26.81
N SER A 226 -3.51 27.11 -25.77
CA SER A 226 -2.36 27.35 -24.90
C SER A 226 -2.83 27.45 -23.45
N PHE A 227 -1.89 27.20 -22.54
CA PHE A 227 -2.13 27.29 -21.12
C PHE A 227 -1.09 28.19 -20.49
N GLY A 228 -1.54 29.17 -19.68
CA GLY A 228 -0.65 30.01 -18.92
C GLY A 228 -0.02 29.23 -17.78
N PRO A 229 1.04 29.77 -17.12
CA PRO A 229 1.72 29.05 -16.03
C PRO A 229 0.83 28.75 -14.82
N ASP A 230 -0.27 29.50 -14.67
CA ASP A 230 -1.23 29.28 -13.60
C ASP A 230 -2.21 28.16 -13.96
N GLY A 231 -2.12 27.62 -15.18
CA GLY A 231 -2.94 26.49 -15.58
C GLY A 231 -4.24 26.86 -16.31
N LYS A 232 -4.49 28.17 -16.47
CA LYS A 232 -5.69 28.64 -17.16
C LYS A 232 -5.45 28.62 -18.66
N ILE A 233 -6.48 28.19 -19.41
CA ILE A 233 -6.39 28.20 -20.86
C ILE A 233 -6.38 29.66 -21.33
N ALA A 234 -5.55 29.93 -22.35
CA ALA A 234 -5.45 31.27 -22.91
C ALA A 234 -6.05 31.25 -24.32
N GLU A 235 -5.27 30.81 -25.31
CA GLU A 235 -5.74 30.73 -26.68
C GLU A 235 -6.62 29.50 -26.86
N THR A 236 -7.65 29.64 -27.72
CA THR A 236 -8.36 28.50 -28.28
C THR A 236 -8.91 28.91 -29.65
N VAL A 237 -8.27 28.38 -30.71
CA VAL A 237 -8.65 28.71 -32.08
C VAL A 237 -8.89 27.40 -32.84
N TRP A 238 -10.09 27.28 -33.43
CA TRP A 238 -10.41 26.19 -34.32
C TRP A 238 -10.11 26.59 -35.77
N LEU A 239 -9.34 25.77 -36.48
CA LEU A 239 -9.08 26.00 -37.88
C LEU A 239 -9.25 24.69 -38.64
N VAL A 240 -9.13 24.79 -39.97
CA VAL A 240 -9.43 23.68 -40.86
C VAL A 240 -8.20 23.39 -41.71
N SER A 241 -7.83 22.11 -41.74
CA SER A 241 -6.74 21.62 -42.55
C SER A 241 -7.23 21.47 -44.00
N PRO A 242 -6.40 21.72 -45.04
CA PRO A 242 -6.84 21.49 -46.42
C PRO A 242 -7.09 20.02 -46.72
N VAL A 243 -6.32 19.13 -46.08
CA VAL A 243 -6.55 17.69 -46.13
C VAL A 243 -6.49 17.16 -44.70
N CYS A 244 -7.05 15.97 -44.46
CA CYS A 244 -6.87 15.30 -43.18
C CYS A 244 -5.50 14.60 -43.18
N GLY A 245 -4.46 15.39 -42.93
CA GLY A 245 -3.10 14.90 -42.93
C GLY A 245 -2.50 14.90 -41.52
N MET A 246 -1.42 14.14 -41.35
CA MET A 246 -0.78 13.98 -40.05
C MET A 246 0.05 15.23 -39.74
N ILE A 247 -0.26 15.89 -38.63
CA ILE A 247 0.53 17.01 -38.11
C ILE A 247 1.20 16.56 -36.83
N HIS A 248 2.38 15.95 -36.95
CA HIS A 248 3.07 15.32 -35.84
C HIS A 248 3.71 16.36 -34.91
N ASP A 249 4.34 17.36 -35.52
CA ASP A 249 5.06 18.38 -34.78
C ASP A 249 4.57 19.74 -35.25
N PHE A 250 4.92 20.79 -34.51
CA PHE A 250 4.64 22.15 -34.94
C PHE A 250 5.70 23.07 -34.37
N ALA A 251 5.59 24.37 -34.69
CA ALA A 251 6.59 25.34 -34.29
C ALA A 251 5.89 26.59 -33.77
N VAL A 252 6.57 27.26 -32.85
CA VAL A 252 6.03 28.44 -32.19
C VAL A 252 7.11 29.50 -32.20
N THR A 253 6.74 30.71 -32.66
CA THR A 253 7.59 31.88 -32.59
C THR A 253 6.90 32.89 -31.66
N GLU A 254 7.51 34.07 -31.52
CA GLU A 254 6.96 35.11 -30.67
C GLU A 254 5.52 35.44 -31.09
N ASN A 255 5.25 35.49 -32.40
CA ASN A 255 3.98 36.01 -32.90
C ASN A 255 3.21 35.01 -33.76
N PHE A 256 3.78 33.83 -34.04
CA PHE A 256 3.14 32.89 -34.96
C PHE A 256 3.23 31.46 -34.44
N VAL A 257 2.27 30.63 -34.87
CA VAL A 257 2.36 29.18 -34.74
C VAL A 257 2.28 28.57 -36.13
N ILE A 258 3.05 27.49 -36.35
CA ILE A 258 3.28 26.94 -37.68
C ILE A 258 2.97 25.45 -37.64
N PHE A 259 2.14 24.98 -38.61
CA PHE A 259 1.66 23.61 -38.66
C PHE A 259 2.11 22.93 -39.94
N PRO A 260 3.26 22.22 -39.96
CA PRO A 260 3.66 21.45 -41.14
C PRO A 260 2.90 20.12 -41.23
N ILE A 261 2.31 19.86 -42.40
CA ILE A 261 1.48 18.69 -42.62
C ILE A 261 2.27 17.64 -43.41
N ILE A 262 2.40 16.45 -42.84
CA ILE A 262 2.96 15.31 -43.53
C ILE A 262 1.91 14.80 -44.52
N PRO A 263 2.28 14.55 -45.80
CA PRO A 263 1.33 14.01 -46.79
C PRO A 263 0.86 12.58 -46.56
N LEU A 264 0.68 12.19 -45.29
CA LEU A 264 -0.10 11.00 -44.94
C LEU A 264 -1.53 11.46 -44.72
N VAL A 265 -2.50 10.79 -45.38
CA VAL A 265 -3.88 11.27 -45.38
C VAL A 265 -4.79 10.14 -44.89
N CYS A 266 -5.84 10.53 -44.17
CA CYS A 266 -6.76 9.59 -43.55
C CYS A 266 -8.10 9.55 -44.28
N ASP A 267 -8.57 8.33 -44.59
CA ASP A 267 -9.91 8.09 -45.11
C ASP A 267 -10.62 7.09 -44.19
N VAL A 268 -11.71 7.54 -43.57
CA VAL A 268 -12.40 6.74 -42.58
C VAL A 268 -13.08 5.54 -43.23
N GLU A 269 -13.45 5.66 -44.51
CA GLU A 269 -14.11 4.58 -45.22
C GLU A 269 -13.13 3.42 -45.45
N ARG A 270 -11.87 3.75 -45.72
CA ARG A 270 -10.80 2.74 -45.80
C ARG A 270 -10.69 2.01 -44.45
N MET A 271 -10.75 2.76 -43.36
CA MET A 271 -10.58 2.21 -42.02
C MET A 271 -11.71 1.22 -41.70
N LYS A 272 -12.94 1.56 -42.10
CA LYS A 272 -14.10 0.73 -41.82
C LYS A 272 -14.00 -0.63 -42.51
N GLN A 273 -13.23 -0.71 -43.60
N GLN A 273 -13.23 -0.71 -43.60
CA GLN A 273 -13.01 -1.96 -44.30
CA GLN A 273 -13.01 -1.97 -44.29
C GLN A 273 -11.78 -2.70 -43.73
C GLN A 273 -11.78 -2.70 -43.73
N GLY A 274 -11.16 -2.15 -42.69
CA GLY A 274 -10.02 -2.78 -42.03
C GLY A 274 -8.68 -2.27 -42.53
N GLY A 275 -8.68 -1.16 -43.28
CA GLY A 275 -7.47 -0.61 -43.86
C GLY A 275 -6.74 0.34 -42.92
N ASP A 276 -5.60 0.86 -43.40
CA ASP A 276 -4.72 1.69 -42.61
C ASP A 276 -5.33 3.06 -42.40
N HIS A 277 -5.07 3.66 -41.23
CA HIS A 277 -5.49 5.01 -40.93
C HIS A 277 -4.80 5.99 -41.86
N TRP A 278 -3.52 5.73 -42.15
CA TRP A 278 -2.70 6.65 -42.93
C TRP A 278 -2.34 6.04 -44.28
N GLN A 279 -2.32 6.89 -45.31
CA GLN A 279 -1.94 6.51 -46.65
C GLN A 279 -1.26 7.70 -47.32
N TRP A 280 -0.07 7.46 -47.87
CA TRP A 280 0.71 8.51 -48.51
C TRP A 280 -0.01 9.03 -49.75
N ASP A 281 0.13 10.32 -50.02
CA ASP A 281 -0.45 10.95 -51.19
C ASP A 281 0.64 11.75 -51.93
N TYR A 282 1.06 11.25 -53.10
CA TYR A 282 2.15 11.84 -53.86
C TYR A 282 1.70 13.13 -54.55
N SER A 283 0.39 13.39 -54.62
CA SER A 283 -0.14 14.46 -55.45
C SER A 283 -0.28 15.77 -54.70
N ILE A 284 0.08 15.81 -53.41
CA ILE A 284 -0.10 17.04 -52.63
C ILE A 284 1.25 17.58 -52.21
N PRO A 285 1.34 18.91 -51.94
CA PRO A 285 2.54 19.49 -51.34
C PRO A 285 2.62 19.15 -49.86
N MET A 286 3.74 19.53 -49.22
CA MET A 286 3.80 19.59 -47.77
C MET A 286 3.26 20.95 -47.36
N TYR A 287 1.99 20.98 -46.94
CA TYR A 287 1.37 22.21 -46.48
C TYR A 287 2.07 22.68 -45.20
N ILE A 288 2.23 23.99 -45.05
CA ILE A 288 2.74 24.61 -43.85
C ILE A 288 1.82 25.77 -43.49
N GLY A 289 0.93 25.55 -42.53
CA GLY A 289 0.02 26.57 -42.06
C GLY A 289 0.73 27.56 -41.14
N VAL A 290 0.38 28.84 -41.27
CA VAL A 290 0.89 29.88 -40.38
C VAL A 290 -0.31 30.64 -39.84
N LEU A 291 -0.38 30.76 -38.51
CA LEU A 291 -1.48 31.43 -37.83
C LEU A 291 -0.88 32.42 -36.84
N PRO A 292 -1.47 33.63 -36.68
CA PRO A 292 -1.06 34.54 -35.60
C PRO A 292 -1.24 33.84 -34.25
N ARG A 293 -0.25 34.01 -33.37
CA ARG A 293 -0.18 33.27 -32.13
C ARG A 293 -1.29 33.73 -31.16
N ARG A 294 -1.66 35.01 -31.22
CA ARG A 294 -2.60 35.57 -30.26
C ARG A 294 -3.73 36.30 -30.99
N GLY A 295 -4.97 35.99 -30.59
CA GLY A 295 -6.13 36.79 -30.94
C GLY A 295 -6.76 36.41 -32.29
N ALA A 296 -6.27 35.35 -32.93
CA ALA A 296 -6.64 35.05 -34.31
C ALA A 296 -7.98 34.32 -34.37
N GLN A 297 -8.53 34.26 -35.60
CA GLN A 297 -9.63 33.39 -35.93
C GLN A 297 -9.12 32.29 -36.87
N GLY A 298 -9.92 31.24 -37.04
CA GLY A 298 -9.57 30.11 -37.88
C GLY A 298 -9.22 30.51 -39.32
N SER A 299 -9.91 31.52 -39.83
CA SER A 299 -9.77 31.96 -41.21
C SER A 299 -8.50 32.79 -41.43
N ASP A 300 -7.77 33.10 -40.36
CA ASP A 300 -6.55 33.88 -40.46
C ASP A 300 -5.36 33.01 -40.85
N VAL A 301 -5.55 31.68 -40.88
CA VAL A 301 -4.46 30.77 -41.22
C VAL A 301 -4.17 30.89 -42.72
N LYS A 302 -2.89 30.91 -43.07
CA LYS A 302 -2.45 30.80 -44.46
C LYS A 302 -1.76 29.45 -44.65
N TRP A 303 -2.23 28.68 -45.64
CA TRP A 303 -1.67 27.38 -45.94
C TRP A 303 -0.66 27.49 -47.09
N PHE A 304 0.59 27.79 -46.73
CA PHE A 304 1.70 27.80 -47.67
C PHE A 304 1.94 26.38 -48.16
N GLU A 305 2.64 26.27 -49.30
CA GLU A 305 2.80 25.00 -50.00
C GLU A 305 4.28 24.78 -50.27
N ALA A 306 4.92 23.97 -49.42
CA ALA A 306 6.31 23.60 -49.61
C ALA A 306 6.39 22.46 -50.60
N PRO A 307 7.54 22.26 -51.27
CA PRO A 307 7.73 21.10 -52.14
C PRO A 307 7.39 19.80 -51.42
N HIS A 308 6.74 18.89 -52.14
CA HIS A 308 6.32 17.61 -51.61
C HIS A 308 7.49 16.98 -50.85
N GLY A 309 7.19 16.47 -49.65
CA GLY A 309 8.19 15.82 -48.81
C GLY A 309 7.63 15.46 -47.45
N PHE A 310 8.52 14.94 -46.58
CA PHE A 310 8.13 14.49 -45.25
C PHE A 310 8.58 15.53 -44.22
N ALA A 311 7.60 16.07 -43.46
CA ALA A 311 7.88 16.97 -42.36
C ALA A 311 8.33 16.16 -41.14
N GLY A 312 9.63 16.20 -40.84
CA GLY A 312 10.18 15.58 -39.65
C GLY A 312 10.03 16.48 -38.42
N HIS A 313 10.82 16.19 -37.38
CA HIS A 313 10.74 16.93 -36.12
C HIS A 313 11.28 18.34 -36.29
N VAL A 314 10.60 19.28 -35.62
CA VAL A 314 11.03 20.67 -35.58
C VAL A 314 12.15 20.82 -34.55
N ALA A 315 13.26 21.44 -34.96
CA ALA A 315 14.29 21.84 -34.02
C ALA A 315 13.79 23.05 -33.23
N ASN A 316 13.43 24.11 -33.97
CA ASN A 316 12.98 25.36 -33.40
C ASN A 316 12.57 26.28 -34.55
N ALA A 317 11.74 27.28 -34.23
CA ALA A 317 11.43 28.34 -35.17
C ALA A 317 11.52 29.69 -34.45
N PHE A 318 11.79 30.75 -35.22
CA PHE A 318 11.91 32.09 -34.68
C PHE A 318 11.70 33.11 -35.79
N GLU A 319 11.36 34.34 -35.39
CA GLU A 319 11.29 35.47 -36.30
C GLU A 319 12.64 36.19 -36.32
N ASP A 320 13.13 36.47 -37.54
CA ASP A 320 14.37 37.21 -37.73
C ASP A 320 14.04 38.71 -37.70
N ASP A 321 15.02 39.54 -38.09
CA ASP A 321 14.91 40.99 -38.00
C ASP A 321 13.81 41.51 -38.92
N LYS A 322 13.61 40.86 -40.08
CA LYS A 322 12.65 41.31 -41.07
C LYS A 322 11.23 40.89 -40.68
N GLY A 323 11.10 40.05 -39.64
CA GLY A 323 9.81 39.52 -39.22
C GLY A 323 9.43 38.26 -39.97
N HIS A 324 10.40 37.68 -40.70
CA HIS A 324 10.22 36.43 -41.43
C HIS A 324 10.47 35.25 -40.50
N ILE A 325 9.68 34.19 -40.66
CA ILE A 325 9.80 32.99 -39.85
C ILE A 325 10.91 32.12 -40.42
N GLN A 326 11.90 31.80 -39.57
CA GLN A 326 12.89 30.79 -39.88
C GLN A 326 12.44 29.48 -39.23
N LEU A 327 12.09 28.49 -40.05
CA LEU A 327 11.61 27.21 -39.56
C LEU A 327 12.67 26.15 -39.85
N GLN A 328 13.28 25.62 -38.77
CA GLN A 328 14.32 24.63 -38.92
C GLN A 328 13.79 23.28 -38.44
N MET A 329 13.84 22.28 -39.33
CA MET A 329 13.23 20.99 -39.08
C MET A 329 13.89 19.94 -39.96
N ALA A 330 13.79 18.68 -39.56
CA ALA A 330 14.16 17.57 -40.42
C ALA A 330 13.17 17.49 -41.58
N TYR A 331 13.68 17.19 -42.77
CA TYR A 331 12.88 17.20 -43.98
C TYR A 331 13.43 16.14 -44.94
N ALA A 332 12.55 15.26 -45.42
CA ALA A 332 12.90 14.26 -46.40
C ALA A 332 12.06 14.46 -47.65
N LYS A 333 12.50 13.84 -48.75
CA LYS A 333 11.87 14.02 -50.05
C LYS A 333 10.91 12.87 -50.36
N ASP A 334 10.86 11.85 -49.50
CA ASP A 334 9.94 10.75 -49.68
C ASP A 334 9.40 10.32 -48.32
N ASN A 335 8.56 9.28 -48.33
CA ASN A 335 7.81 8.84 -47.16
C ASN A 335 8.71 8.09 -46.20
N VAL A 336 9.06 8.73 -45.08
CA VAL A 336 9.86 8.11 -44.03
C VAL A 336 9.10 6.94 -43.42
N PHE A 337 7.77 7.08 -43.29
CA PHE A 337 6.92 6.01 -42.76
C PHE A 337 6.50 5.09 -43.92
N PHE A 338 7.46 4.33 -44.44
CA PHE A 338 7.32 3.58 -45.68
C PHE A 338 6.30 2.44 -45.57
N TRP A 339 5.98 2.03 -44.34
CA TRP A 339 5.04 0.96 -44.08
C TRP A 339 3.60 1.42 -44.32
N TRP A 340 3.38 2.73 -44.51
CA TRP A 340 2.10 3.25 -44.96
C TRP A 340 2.27 3.88 -46.34
N PRO A 341 2.31 3.07 -47.43
CA PRO A 341 2.55 3.60 -48.78
C PRO A 341 1.30 4.25 -49.37
N ASP A 342 1.35 4.58 -50.66
CA ASP A 342 0.22 5.23 -51.33
C ASP A 342 -0.83 4.17 -51.69
N ALA A 343 -1.89 4.60 -52.37
CA ALA A 343 -3.04 3.76 -52.65
C ALA A 343 -2.65 2.53 -53.48
N ASN A 344 -1.57 2.60 -54.25
CA ASN A 344 -1.14 1.51 -55.12
C ASN A 344 0.04 0.75 -54.51
N GLY A 345 0.30 0.97 -53.21
CA GLY A 345 1.37 0.28 -52.50
C GLY A 345 2.76 0.83 -52.84
N LYS A 346 2.81 2.00 -53.49
CA LYS A 346 4.05 2.60 -53.92
C LYS A 346 4.68 3.40 -52.77
N GLY A 347 5.98 3.19 -52.58
CA GLY A 347 6.73 3.82 -51.51
C GLY A 347 8.16 3.31 -51.45
N PRO A 348 9.04 3.97 -50.66
CA PRO A 348 10.43 3.54 -50.52
C PRO A 348 10.59 2.26 -49.71
N ARG A 349 11.80 1.71 -49.73
CA ARG A 349 12.13 0.51 -48.96
C ARG A 349 12.79 0.91 -47.66
N PRO A 350 12.93 -0.01 -46.67
CA PRO A 350 13.64 0.30 -45.43
C PRO A 350 15.04 0.85 -45.66
N GLY A 351 15.40 1.87 -44.87
CA GLY A 351 16.75 2.40 -44.84
C GLY A 351 17.12 3.24 -46.07
N GLU A 352 16.11 3.59 -46.88
CA GLU A 352 16.34 4.28 -48.14
C GLU A 352 16.25 5.78 -47.95
N VAL A 353 15.26 6.24 -47.19
CA VAL A 353 14.92 7.65 -47.11
C VAL A 353 15.81 8.34 -46.08
N GLU A 354 16.45 9.44 -46.49
CA GLU A 354 17.23 10.27 -45.59
C GLU A 354 16.47 11.56 -45.32
N ALA A 355 16.56 12.06 -44.09
CA ALA A 355 16.05 13.38 -43.74
C ALA A 355 17.24 14.31 -43.48
N HIS A 356 17.08 15.59 -43.86
CA HIS A 356 18.17 16.55 -43.78
C HIS A 356 17.70 17.78 -43.01
N PHE A 357 18.66 18.47 -42.39
CA PHE A 357 18.35 19.58 -41.50
C PHE A 357 18.06 20.81 -42.35
N ALA A 358 16.77 21.14 -42.48
CA ALA A 358 16.32 22.11 -43.47
C ALA A 358 15.92 23.40 -42.80
N ASN A 359 16.09 24.51 -43.53
CA ASN A 359 15.60 25.81 -43.12
C ASN A 359 14.59 26.29 -44.15
N PHE A 360 13.35 26.52 -43.70
CA PHE A 360 12.32 27.12 -44.53
C PHE A 360 12.11 28.57 -44.09
N VAL A 361 11.84 29.45 -45.06
CA VAL A 361 11.55 30.84 -44.78
C VAL A 361 10.09 31.09 -45.12
N LEU A 362 9.35 31.67 -44.16
CA LEU A 362 7.94 31.97 -44.36
C LEU A 362 7.66 33.42 -43.97
N ASP A 363 6.80 34.06 -44.76
CA ASP A 363 6.34 35.41 -44.50
C ASP A 363 4.81 35.36 -44.46
N TYR A 364 4.23 35.68 -43.29
CA TYR A 364 2.78 35.64 -43.13
C TYR A 364 2.11 36.68 -44.02
N GLN A 365 2.85 37.75 -44.37
CA GLN A 365 2.30 38.84 -45.17
C GLN A 365 2.18 38.42 -46.64
N SER A 366 3.10 37.56 -47.10
CA SER A 366 3.13 37.12 -48.49
C SER A 366 1.80 36.47 -48.88
N ASP A 367 1.35 36.74 -50.10
CA ASP A 367 0.16 36.10 -50.66
C ASP A 367 0.58 35.02 -51.65
N LYS A 368 1.90 34.84 -51.83
CA LYS A 368 2.44 33.78 -52.65
C LYS A 368 2.49 32.50 -51.82
N LEU A 369 1.63 31.53 -52.16
CA LEU A 369 1.46 30.32 -51.35
C LEU A 369 2.63 29.37 -51.55
N PRO A 370 3.09 29.06 -52.80
CA PRO A 370 4.25 28.19 -52.98
C PRO A 370 5.51 28.72 -52.30
N LEU A 371 6.30 27.80 -51.72
CA LEU A 371 7.53 28.14 -51.03
C LEU A 371 8.72 27.60 -51.83
N ALA A 372 9.85 28.29 -51.73
CA ALA A 372 11.09 27.84 -52.35
C ALA A 372 11.59 26.59 -51.63
N GLU A 373 12.40 25.80 -52.34
CA GLU A 373 13.15 24.71 -51.73
C GLU A 373 13.89 25.25 -50.51
N PRO A 374 14.00 24.47 -49.41
CA PRO A 374 14.75 24.92 -48.24
C PRO A 374 16.25 24.85 -48.46
N THR A 375 17.00 25.65 -47.68
CA THR A 375 18.44 25.48 -47.57
C THR A 375 18.71 24.43 -46.50
N TYR A 376 19.88 23.79 -46.60
CA TYR A 376 20.27 22.72 -45.68
C TYR A 376 21.44 23.20 -44.83
N LEU A 377 21.38 22.90 -43.52
CA LEU A 377 22.35 23.43 -42.57
C LEU A 377 23.55 22.48 -42.47
N VAL A 378 23.31 21.18 -42.68
CA VAL A 378 24.37 20.18 -42.71
C VAL A 378 24.01 19.14 -43.77
N ASP A 379 24.93 18.21 -44.04
CA ASP A 379 24.73 17.18 -45.05
C ASP A 379 24.29 15.86 -44.44
N ASP A 380 24.40 15.72 -43.11
CA ASP A 380 24.17 14.44 -42.44
C ASP A 380 22.71 14.02 -42.59
N ASP A 381 22.49 12.71 -42.70
CA ASP A 381 21.18 12.11 -42.50
C ASP A 381 20.88 12.19 -41.00
N MET A 382 19.83 12.93 -40.63
CA MET A 382 19.61 13.26 -39.22
C MET A 382 18.13 13.18 -38.85
N GLU A 383 17.88 13.21 -37.54
CA GLU A 383 16.56 13.38 -36.94
C GLU A 383 16.71 13.69 -35.45
N PHE A 384 15.58 13.88 -34.77
CA PHE A 384 15.51 14.06 -33.33
C PHE A 384 16.35 15.26 -32.90
N PRO A 385 16.09 16.46 -33.48
CA PRO A 385 16.83 17.66 -33.08
C PRO A 385 16.36 18.22 -31.75
N ARG A 386 17.33 18.60 -30.91
CA ARG A 386 17.08 19.31 -29.67
C ARG A 386 17.85 20.62 -29.68
N ILE A 387 17.28 21.65 -29.05
CA ILE A 387 18.00 22.89 -28.80
C ILE A 387 18.14 23.09 -27.30
N ASP A 388 18.81 24.18 -26.91
CA ASP A 388 18.75 24.70 -25.56
C ASP A 388 17.38 25.38 -25.40
N ASP A 389 16.48 24.78 -24.63
CA ASP A 389 15.09 25.18 -24.62
C ASP A 389 14.91 26.51 -23.90
N ARG A 390 16.01 27.08 -23.39
CA ARG A 390 15.98 28.41 -22.82
C ARG A 390 15.78 29.49 -23.90
N VAL A 391 16.01 29.13 -25.18
CA VAL A 391 15.80 30.06 -26.28
C VAL A 391 14.71 29.55 -27.23
N ALA A 392 13.86 28.61 -26.77
CA ALA A 392 12.80 28.10 -27.61
C ALA A 392 11.88 29.25 -28.02
N THR A 393 11.47 29.25 -29.30
CA THR A 393 10.63 30.27 -29.91
C THR A 393 11.43 31.53 -30.25
N ARG A 394 12.73 31.54 -29.91
CA ARG A 394 13.61 32.66 -30.18
C ARG A 394 14.81 32.17 -30.98
N LYS A 395 15.64 33.10 -31.44
CA LYS A 395 16.83 32.78 -32.21
C LYS A 395 17.69 31.81 -31.39
N HIS A 396 17.99 30.65 -31.99
CA HIS A 396 18.88 29.67 -31.39
C HIS A 396 20.11 29.56 -32.28
N LYS A 397 21.25 29.16 -31.69
CA LYS A 397 22.48 29.01 -32.45
C LYS A 397 23.20 27.70 -32.11
N HIS A 398 22.52 26.81 -31.37
CA HIS A 398 23.03 25.48 -31.09
C HIS A 398 21.92 24.46 -31.34
N THR A 399 22.25 23.38 -32.04
CA THR A 399 21.33 22.28 -32.24
C THR A 399 22.07 20.96 -32.01
N PHE A 400 21.44 20.05 -31.27
CA PHE A 400 21.93 18.69 -31.09
C PHE A 400 20.96 17.75 -31.81
N PHE A 401 21.48 16.72 -32.49
CA PHE A 401 20.62 15.85 -33.25
C PHE A 401 21.27 14.49 -33.48
N CYS A 402 20.42 13.48 -33.70
CA CYS A 402 20.86 12.15 -34.10
C CYS A 402 21.32 12.18 -35.55
N ILE A 403 22.32 11.34 -35.86
CA ILE A 403 22.78 11.17 -37.24
C ILE A 403 22.84 9.66 -37.55
N PHE A 404 22.71 9.35 -38.84
CA PHE A 404 22.93 7.99 -39.31
C PHE A 404 23.94 8.05 -40.45
N ASP A 405 25.15 7.55 -40.19
CA ASP A 405 26.27 7.65 -41.13
C ASP A 405 26.52 6.27 -41.74
N ARG A 406 26.38 6.18 -43.07
CA ARG A 406 26.55 4.91 -43.78
C ARG A 406 27.99 4.70 -44.22
N LYS A 407 28.86 5.70 -44.00
CA LYS A 407 30.28 5.57 -44.26
C LYS A 407 30.78 4.24 -43.67
N PRO A 408 31.42 3.35 -44.47
CA PRO A 408 31.84 2.03 -43.98
C PRO A 408 32.67 2.07 -42.70
N GLY A 409 32.32 1.19 -41.75
CA GLY A 409 33.08 1.05 -40.51
C GLY A 409 32.40 1.68 -39.30
N VAL A 410 31.64 2.77 -39.53
CA VAL A 410 31.03 3.52 -38.45
C VAL A 410 30.07 2.62 -37.66
N THR A 411 29.22 1.87 -38.39
CA THR A 411 28.42 0.81 -37.80
C THR A 411 28.83 -0.53 -38.43
N ASP A 412 29.09 -1.53 -37.58
CA ASP A 412 29.32 -2.90 -38.01
C ASP A 412 27.97 -3.56 -38.26
N PHE A 413 27.40 -3.31 -39.46
CA PHE A 413 26.07 -3.76 -39.81
C PHE A 413 25.98 -5.29 -39.83
N GLU A 414 27.07 -5.95 -40.18
CA GLU A 414 27.10 -7.41 -40.25
C GLU A 414 26.80 -8.01 -38.88
N PHE A 415 27.25 -7.33 -37.82
CA PHE A 415 27.06 -7.78 -36.45
C PHE A 415 25.70 -7.32 -35.91
N VAL A 416 25.33 -6.06 -36.20
CA VAL A 416 24.22 -5.40 -35.53
C VAL A 416 22.88 -5.87 -36.09
N MET A 417 22.75 -5.88 -37.42
CA MET A 417 21.47 -6.05 -38.08
C MET A 417 20.79 -7.35 -37.67
N PRO A 418 21.49 -8.51 -37.61
CA PRO A 418 20.87 -9.75 -37.13
C PRO A 418 20.36 -9.72 -35.69
N ARG A 419 20.85 -8.76 -34.89
CA ARG A 419 20.50 -8.64 -33.48
C ARG A 419 19.50 -7.51 -33.24
N ALA A 420 19.16 -6.76 -34.30
CA ALA A 420 18.54 -5.46 -34.15
C ALA A 420 17.01 -5.54 -34.16
N GLY A 421 16.45 -6.57 -34.81
CA GLY A 421 15.04 -6.56 -35.15
C GLY A 421 14.71 -5.41 -36.11
N GLY A 422 13.44 -5.05 -36.20
CA GLY A 422 13.02 -4.00 -37.11
C GLY A 422 11.93 -3.11 -36.51
N GLY A 423 11.52 -2.11 -37.28
CA GLY A 423 10.37 -1.28 -36.94
C GLY A 423 10.76 0.09 -36.37
N ALA A 424 12.02 0.24 -35.96
CA ALA A 424 12.46 1.40 -35.21
C ALA A 424 13.59 2.12 -35.93
N PRO A 425 13.61 3.48 -35.92
CA PRO A 425 14.65 4.24 -36.62
C PRO A 425 16.02 4.02 -35.99
N MET A 426 17.06 4.13 -36.82
CA MET A 426 18.41 3.85 -36.39
C MET A 426 19.25 5.11 -36.46
N SER A 427 20.15 5.22 -35.49
CA SER A 427 20.99 6.38 -35.31
C SER A 427 22.31 5.89 -34.73
N ASN A 428 23.45 6.29 -35.31
CA ASN A 428 24.74 5.78 -34.88
C ASN A 428 25.65 6.90 -34.42
N GLY A 429 25.09 8.08 -34.12
CA GLY A 429 25.84 9.15 -33.51
C GLY A 429 24.96 10.33 -33.12
N LEU A 430 25.54 11.25 -32.36
CA LEU A 430 24.98 12.58 -32.14
C LEU A 430 25.86 13.61 -32.83
N ALA A 431 25.27 14.76 -33.14
CA ALA A 431 26.02 15.87 -33.68
C ALA A 431 25.62 17.15 -32.95
N HIS A 432 26.61 18.02 -32.74
CA HIS A 432 26.37 19.37 -32.23
C HIS A 432 26.75 20.36 -33.32
N LEU A 433 25.76 21.14 -33.78
CA LEU A 433 26.03 22.21 -34.73
C LEU A 433 26.01 23.54 -33.99
N ASN A 434 27.11 24.30 -34.13
CA ASN A 434 27.14 25.71 -33.82
C ASN A 434 26.74 26.49 -35.08
N HIS A 435 25.62 27.22 -35.01
CA HIS A 435 25.04 27.85 -36.18
C HIS A 435 25.81 29.09 -36.60
N GLU A 436 26.51 29.74 -35.67
CA GLU A 436 27.30 30.92 -35.98
C GLU A 436 28.58 30.52 -36.69
N THR A 437 29.39 29.68 -36.04
CA THR A 437 30.70 29.31 -36.54
C THR A 437 30.59 28.29 -37.67
N GLY A 438 29.55 27.44 -37.62
CA GLY A 438 29.39 26.35 -38.57
C GLY A 438 30.10 25.06 -38.12
N ASP A 439 30.70 25.09 -36.93
CA ASP A 439 31.44 23.96 -36.38
C ASP A 439 30.47 22.83 -36.01
N ILE A 440 30.92 21.59 -36.26
CA ILE A 440 30.15 20.40 -35.96
C ILE A 440 31.06 19.43 -35.20
N GLN A 441 30.64 19.02 -34.00
CA GLN A 441 31.23 17.87 -33.33
C GLN A 441 30.31 16.67 -33.48
N ARG A 442 30.91 15.48 -33.60
CA ARG A 442 30.15 14.25 -33.72
C ARG A 442 30.57 13.28 -32.63
N TYR A 443 29.59 12.78 -31.87
CA TYR A 443 29.79 11.69 -30.92
C TYR A 443 29.45 10.37 -31.61
N LEU A 444 30.40 9.45 -31.64
CA LEU A 444 30.19 8.12 -32.17
C LEU A 444 30.40 7.10 -31.04
N PRO A 445 29.32 6.51 -30.47
CA PRO A 445 29.47 5.59 -29.33
C PRO A 445 30.31 4.36 -29.65
N GLY A 446 30.31 3.94 -30.91
CA GLY A 446 31.11 2.80 -31.34
C GLY A 446 30.41 2.01 -32.43
N PRO A 447 31.13 1.06 -33.07
CA PRO A 447 30.59 0.32 -34.21
C PRO A 447 29.44 -0.63 -33.89
N ARG A 448 29.28 -1.01 -32.61
CA ARG A 448 28.25 -1.96 -32.23
C ARG A 448 27.28 -1.33 -31.23
N LYS A 449 27.08 -0.01 -31.37
CA LYS A 449 26.14 0.72 -30.54
C LYS A 449 25.34 1.70 -31.40
N LEU A 450 24.06 1.89 -31.04
CA LEU A 450 23.21 2.89 -31.66
C LEU A 450 22.64 3.79 -30.56
N THR A 451 22.10 4.94 -30.96
CA THR A 451 21.66 5.97 -30.02
C THR A 451 20.16 6.21 -30.15
N GLY A 452 19.57 6.79 -29.10
CA GLY A 452 18.24 7.39 -29.14
C GLY A 452 18.33 8.91 -29.14
N GLU A 453 17.20 9.56 -28.86
CA GLU A 453 17.13 11.01 -28.79
C GLU A 453 17.86 11.49 -27.54
N CYS A 454 18.64 12.56 -27.69
CA CYS A 454 19.42 13.10 -26.59
C CYS A 454 18.61 14.16 -25.82
N ILE A 455 19.12 14.51 -24.65
CA ILE A 455 18.65 15.68 -23.90
C ILE A 455 19.84 16.59 -23.67
N PHE A 456 19.55 17.88 -23.50
CA PHE A 456 20.54 18.87 -23.13
C PHE A 456 20.24 19.40 -21.73
N ILE A 457 21.29 19.52 -20.92
CA ILE A 457 21.21 20.00 -19.55
C ILE A 457 22.11 21.23 -19.42
N PRO A 458 21.56 22.44 -19.12
CA PRO A 458 22.41 23.59 -18.80
C PRO A 458 23.37 23.27 -17.67
N ARG A 459 24.63 23.70 -17.79
CA ARG A 459 25.64 23.42 -16.79
C ARG A 459 25.20 23.98 -15.43
N ASN A 460 24.52 25.14 -15.47
CA ASN A 460 23.97 25.80 -14.31
C ASN A 460 23.06 26.91 -14.82
N SER A 461 22.43 27.66 -13.91
CA SER A 461 21.47 28.69 -14.32
C SER A 461 22.16 29.89 -14.98
N GLU A 462 23.49 29.95 -14.94
CA GLU A 462 24.23 31.07 -15.51
C GLU A 462 24.94 30.69 -16.81
N ALA A 463 24.77 29.44 -17.25
CA ALA A 463 25.51 28.93 -18.39
C ALA A 463 25.07 29.61 -19.68
N ALA A 464 26.00 29.72 -20.63
CA ALA A 464 25.70 30.22 -21.96
C ALA A 464 24.87 29.19 -22.71
N GLU A 465 24.20 29.65 -23.78
CA GLU A 465 23.41 28.78 -24.63
C GLU A 465 24.26 27.60 -25.06
N GLY A 466 23.73 26.38 -24.87
CA GLY A 466 24.36 25.18 -25.40
C GLY A 466 25.56 24.71 -24.58
N ASP A 467 25.81 25.34 -23.43
CA ASP A 467 26.90 24.95 -22.56
C ASP A 467 26.36 24.11 -21.41
N GLY A 468 26.83 22.86 -21.33
CA GLY A 468 26.41 21.96 -20.28
C GLY A 468 26.65 20.50 -20.64
N TYR A 469 25.65 19.65 -20.39
CA TYR A 469 25.80 18.22 -20.55
C TYR A 469 24.75 17.71 -21.53
N VAL A 470 25.10 16.64 -22.24
CA VAL A 470 24.18 15.93 -23.10
C VAL A 470 24.11 14.49 -22.62
N MET A 471 22.89 13.94 -22.57
CA MET A 471 22.70 12.55 -22.21
C MET A 471 21.98 11.85 -23.35
N VAL A 472 22.33 10.59 -23.57
CA VAL A 472 21.71 9.82 -24.63
C VAL A 472 21.75 8.35 -24.24
N LEU A 473 20.64 7.66 -24.48
CA LEU A 473 20.55 6.24 -24.22
C LEU A 473 21.12 5.47 -25.41
N LEU A 474 22.04 4.54 -25.12
CA LEU A 474 22.69 3.72 -26.13
C LEU A 474 22.14 2.31 -26.06
N ALA A 475 21.94 1.70 -27.23
CA ALA A 475 21.75 0.27 -27.34
C ALA A 475 23.11 -0.36 -27.66
N ASN A 476 23.56 -1.25 -26.77
CA ASN A 476 24.81 -1.96 -26.96
C ASN A 476 24.51 -3.37 -27.45
N TYR A 477 24.78 -3.60 -28.74
CA TYR A 477 24.42 -4.86 -29.38
C TYR A 477 25.42 -5.96 -29.02
N GLU A 478 26.59 -5.59 -28.50
CA GLU A 478 27.56 -6.57 -28.05
C GLU A 478 27.06 -7.25 -26.77
N ASP A 479 26.63 -6.45 -25.80
CA ASP A 479 26.20 -6.95 -24.50
C ASP A 479 24.71 -7.26 -24.50
N MET A 480 23.98 -6.75 -25.51
CA MET A 480 22.52 -6.76 -25.52
C MET A 480 22.02 -6.09 -24.24
N CYS A 481 22.58 -4.92 -23.95
CA CYS A 481 22.22 -4.12 -22.80
C CYS A 481 22.10 -2.66 -23.24
N SER A 482 21.42 -1.86 -22.42
CA SER A 482 21.35 -0.43 -22.63
C SER A 482 22.37 0.27 -21.74
N GLU A 483 22.80 1.46 -22.18
CA GLU A 483 23.74 2.29 -21.44
C GLU A 483 23.27 3.74 -21.57
N LEU A 484 23.51 4.54 -20.53
CA LEU A 484 23.22 5.95 -20.60
C LEU A 484 24.53 6.73 -20.57
N ALA A 485 24.82 7.43 -21.67
CA ALA A 485 26.06 8.17 -21.84
C ALA A 485 25.84 9.61 -21.40
N VAL A 486 26.83 10.15 -20.67
CA VAL A 486 26.85 11.56 -20.28
C VAL A 486 28.04 12.22 -20.97
N LEU A 487 27.76 13.29 -21.73
CA LEU A 487 28.75 14.02 -22.50
C LEU A 487 28.80 15.46 -22.00
N ASP A 488 29.98 16.08 -22.06
CA ASP A 488 30.16 17.49 -21.83
C ASP A 488 30.19 18.19 -23.19
N THR A 489 29.47 19.31 -23.33
CA THR A 489 29.36 20.00 -24.60
C THR A 489 30.68 20.64 -25.03
N LYS A 490 31.65 20.76 -24.11
CA LYS A 490 32.98 21.26 -24.44
C LYS A 490 33.71 20.28 -25.33
N ASP A 491 33.43 18.97 -25.19
CA ASP A 491 33.99 17.96 -26.06
C ASP A 491 33.00 16.81 -26.19
N LEU A 492 32.17 16.87 -27.24
CA LEU A 492 31.05 15.94 -27.38
C LEU A 492 31.55 14.55 -27.76
N THR A 493 32.82 14.43 -28.22
CA THR A 493 33.36 13.17 -28.68
C THR A 493 33.69 12.23 -27.51
N ASN A 494 33.80 12.78 -26.30
CA ASN A 494 34.27 12.02 -25.15
C ASN A 494 33.12 11.78 -24.16
N GLU A 495 33.00 10.54 -23.69
CA GLU A 495 32.06 10.19 -22.64
C GLU A 495 32.68 10.53 -21.28
N VAL A 496 32.01 11.42 -20.53
CA VAL A 496 32.40 11.74 -19.17
C VAL A 496 31.99 10.59 -18.25
N ALA A 497 30.83 9.98 -18.54
CA ALA A 497 30.36 8.85 -17.77
C ALA A 497 29.56 7.92 -18.68
N LEU A 498 29.54 6.65 -18.31
CA LEU A 498 28.78 5.65 -19.03
C LEU A 498 28.05 4.79 -17.99
N ILE A 499 26.74 4.98 -17.90
CA ILE A 499 25.91 4.29 -16.92
C ILE A 499 25.45 2.97 -17.55
N LYS A 500 25.78 1.85 -16.89
CA LYS A 500 25.63 0.53 -17.48
C LYS A 500 24.38 -0.14 -16.89
N LEU A 501 23.30 -0.19 -17.69
CA LEU A 501 22.11 -0.91 -17.28
C LEU A 501 22.31 -2.39 -17.51
N PRO A 502 21.82 -3.26 -16.61
CA PRO A 502 21.89 -4.71 -16.79
C PRO A 502 20.76 -5.30 -17.63
N VAL A 503 19.83 -4.45 -18.08
CA VAL A 503 18.69 -4.86 -18.86
C VAL A 503 18.68 -4.05 -20.16
N ARG A 504 17.87 -4.50 -21.13
CA ARG A 504 17.61 -3.71 -22.33
C ARG A 504 16.45 -2.76 -22.06
N LEU A 505 16.65 -1.49 -22.42
CA LEU A 505 15.56 -0.58 -22.70
C LEU A 505 15.37 -0.52 -24.21
N ARG A 506 14.23 -1.07 -24.64
CA ARG A 506 13.82 -1.10 -26.03
C ARG A 506 13.97 0.30 -26.64
N PRO A 507 14.37 0.42 -27.92
CA PRO A 507 14.39 1.73 -28.59
C PRO A 507 13.11 2.49 -28.34
N GLY A 508 13.25 3.76 -27.95
CA GLY A 508 12.13 4.56 -27.51
C GLY A 508 11.95 5.79 -28.39
N LEU A 509 11.13 6.72 -27.91
CA LEU A 509 10.87 7.95 -28.62
C LEU A 509 11.41 9.11 -27.79
N HIS A 510 10.55 10.04 -27.37
CA HIS A 510 11.01 11.31 -26.86
C HIS A 510 11.25 11.24 -25.35
N GLY A 511 12.07 12.18 -24.87
CA GLY A 511 12.41 12.31 -23.47
C GLY A 511 12.75 13.74 -23.10
N ASN A 512 12.81 14.02 -21.80
CA ASN A 512 13.00 15.38 -21.32
C ASN A 512 13.75 15.37 -20.01
N TRP A 513 14.50 16.46 -19.79
CA TRP A 513 15.18 16.73 -18.54
C TRP A 513 14.32 17.63 -17.67
N VAL A 514 14.19 17.28 -16.39
CA VAL A 514 13.56 18.11 -15.39
C VAL A 514 14.60 18.43 -14.33
N ASP A 515 15.14 19.66 -14.35
CA ASP A 515 16.21 20.06 -13.46
C ASP A 515 15.63 20.36 -12.08
N LYS A 516 16.38 19.99 -11.04
CA LYS A 516 15.92 20.18 -9.67
C LYS A 516 15.87 21.66 -9.31
N SER A 517 16.74 22.46 -9.94
CA SER A 517 16.82 23.89 -9.63
C SER A 517 15.68 24.68 -10.26
N ASP A 518 14.90 24.06 -11.14
CA ASP A 518 13.77 24.72 -11.80
C ASP A 518 12.48 24.29 -11.11
N VAL A 519 11.82 25.23 -10.43
CA VAL A 519 10.66 24.93 -9.60
C VAL A 519 9.51 24.43 -10.47
N ASP A 520 9.29 25.05 -11.63
CA ASP A 520 8.18 24.70 -12.51
C ASP A 520 8.61 23.65 -13.53
N GLY A 521 9.85 23.14 -13.41
CA GLY A 521 10.32 22.00 -14.18
C GLY A 521 10.99 22.40 -15.48
N HIS A 522 10.96 23.71 -15.81
CA HIS A 522 11.44 24.19 -17.10
C HIS A 522 12.51 25.25 -16.86
N PRO A 523 13.56 25.29 -17.72
CA PRO A 523 14.68 26.20 -17.48
C PRO A 523 14.31 27.66 -17.68
N ALA A 524 15.07 28.55 -17.04
CA ALA A 524 14.82 29.98 -17.06
C ALA A 524 15.33 30.56 -18.38
N PRO A 525 14.74 31.67 -18.88
CA PRO A 525 15.13 32.24 -20.16
C PRO A 525 16.55 32.81 -20.06
N LEU A 526 17.25 32.87 -21.20
CA LEU A 526 18.54 33.53 -21.25
C LEU A 526 18.34 35.05 -21.19
N LEU B 30 9.42 -1.07 36.80
CA LEU B 30 8.96 0.18 36.12
C LEU B 30 7.70 0.70 36.81
N PRO B 31 7.42 2.03 36.74
CA PRO B 31 6.14 2.56 37.20
C PRO B 31 4.97 1.83 36.52
N PRO B 32 3.89 1.50 37.26
CA PRO B 32 2.78 0.73 36.68
C PRO B 32 2.09 1.51 35.57
N ALA B 33 1.79 0.81 34.46
CA ALA B 33 1.09 1.39 33.33
C ALA B 33 -0.41 1.27 33.56
N PRO B 34 -1.17 2.38 33.71
CA PRO B 34 -2.63 2.30 33.82
C PRO B 34 -3.23 1.73 32.55
N ARG B 35 -4.36 1.02 32.69
CA ARG B 35 -5.00 0.37 31.55
C ARG B 35 -6.26 1.14 31.11
N TYR B 36 -6.56 2.26 31.76
CA TYR B 36 -7.58 3.18 31.29
C TYR B 36 -7.19 4.60 31.71
N PHE B 37 -7.78 5.59 31.03
CA PHE B 37 -7.44 6.98 31.25
C PHE B 37 -8.13 7.48 32.52
N GLN B 38 -7.38 8.23 33.34
CA GLN B 38 -7.87 8.81 34.58
C GLN B 38 -7.41 10.26 34.66
N GLY B 39 -8.22 11.09 35.33
CA GLY B 39 -7.87 12.50 35.53
C GLY B 39 -8.67 13.41 34.61
N GLU B 40 -8.57 14.72 34.88
CA GLU B 40 -9.40 15.73 34.25
C GLU B 40 -8.96 15.92 32.80
N ASN B 41 -7.67 15.74 32.52
CA ASN B 41 -7.12 15.99 31.19
C ASN B 41 -7.59 14.95 30.17
N THR B 42 -8.25 13.89 30.63
CA THR B 42 -8.74 12.85 29.75
C THR B 42 -10.19 12.48 30.09
N ALA B 43 -10.95 13.43 30.64
CA ALA B 43 -12.35 13.20 31.01
C ALA B 43 -13.28 13.94 30.04
N GLY B 44 -14.51 13.43 29.92
CA GLY B 44 -15.53 14.05 29.10
C GLY B 44 -15.11 14.13 27.63
N PHE B 45 -15.17 15.35 27.07
CA PHE B 45 -14.86 15.57 25.68
C PHE B 45 -13.36 15.39 25.43
N MET B 46 -12.55 15.40 26.49
CA MET B 46 -11.12 15.25 26.38
C MET B 46 -10.69 13.79 26.42
N ARG B 47 -11.65 12.87 26.61
CA ARG B 47 -11.33 11.45 26.62
C ARG B 47 -10.76 11.03 25.25
N PRO B 48 -9.55 10.45 25.19
CA PRO B 48 -9.00 9.95 23.93
C PRO B 48 -9.90 8.93 23.24
N VAL B 49 -10.00 9.03 21.92
CA VAL B 49 -10.72 8.08 21.10
C VAL B 49 -9.71 7.11 20.48
N ARG B 50 -8.69 7.68 19.84
CA ARG B 50 -7.49 6.98 19.43
C ARG B 50 -7.76 6.11 18.21
N PHE B 51 -8.70 6.54 17.35
CA PHE B 51 -9.01 5.75 16.17
C PHE B 51 -8.12 6.25 15.02
N GLU B 52 -7.75 5.30 14.15
CA GLU B 52 -7.11 5.59 12.89
C GLU B 52 -7.92 4.94 11.79
N GLY B 53 -8.10 5.65 10.66
CA GLY B 53 -8.73 5.07 9.50
C GLY B 53 -9.54 6.11 8.72
N ASP B 54 -10.73 5.70 8.27
CA ASP B 54 -11.49 6.47 7.30
C ASP B 54 -12.95 6.54 7.72
N ILE B 55 -13.56 7.70 7.46
CA ILE B 55 -15.00 7.83 7.39
C ILE B 55 -15.30 8.65 6.14
N THR B 56 -15.79 7.97 5.08
CA THR B 56 -16.07 8.64 3.82
C THR B 56 -17.51 9.18 3.83
N ASN B 57 -17.76 10.16 2.97
CA ASN B 57 -19.11 10.66 2.71
C ASN B 57 -19.74 11.12 4.03
N LEU B 58 -19.10 12.09 4.68
CA LEU B 58 -19.61 12.61 5.94
C LEU B 58 -20.98 13.24 5.73
N GLU B 59 -21.85 13.09 6.75
CA GLU B 59 -23.17 13.71 6.75
C GLU B 59 -23.02 15.23 6.68
N VAL B 60 -23.85 15.87 5.87
CA VAL B 60 -23.83 17.32 5.70
C VAL B 60 -25.24 17.86 5.87
N VAL B 61 -25.37 18.86 6.75
CA VAL B 61 -26.54 19.73 6.82
C VAL B 61 -26.18 21.02 6.12
N GLY B 62 -27.06 21.49 5.23
CA GLY B 62 -26.75 22.59 4.34
C GLY B 62 -26.07 22.09 3.08
N GLU B 63 -25.16 22.90 2.53
CA GLU B 63 -24.56 22.60 1.24
C GLU B 63 -23.13 23.12 1.22
N ILE B 64 -22.17 22.21 1.00
CA ILE B 64 -20.78 22.61 0.82
C ILE B 64 -20.64 23.19 -0.58
N PRO B 65 -20.16 24.45 -0.74
CA PRO B 65 -19.91 25.02 -2.06
C PRO B 65 -19.08 24.07 -2.92
N LYS B 66 -19.58 23.80 -4.14
CA LYS B 66 -19.02 22.75 -4.98
C LYS B 66 -17.69 23.18 -5.59
N SER B 67 -17.39 24.48 -5.54
CA SER B 67 -16.13 25.00 -6.07
C SER B 67 -14.95 24.70 -5.13
N ILE B 68 -15.23 24.43 -3.85
CA ILE B 68 -14.17 24.12 -2.88
C ILE B 68 -13.54 22.78 -3.23
N GLU B 69 -12.23 22.79 -3.46
CA GLU B 69 -11.50 21.56 -3.73
C GLU B 69 -10.12 21.62 -3.08
N GLY B 70 -9.88 20.69 -2.14
CA GLY B 70 -8.64 20.64 -1.39
C GLY B 70 -8.83 19.89 -0.07
N THR B 71 -7.85 20.03 0.84
CA THR B 71 -7.85 19.27 2.07
C THR B 71 -7.56 20.17 3.26
N PHE B 72 -8.37 20.00 4.31
CA PHE B 72 -8.12 20.62 5.60
C PHE B 72 -7.41 19.61 6.48
N TYR B 73 -6.14 19.89 6.80
CA TYR B 73 -5.36 19.07 7.71
C TYR B 73 -5.30 19.76 9.07
N ARG B 74 -5.57 19.00 10.15
CA ARG B 74 -5.34 19.50 11.49
C ARG B 74 -4.75 18.38 12.36
N VAL B 75 -4.05 18.78 13.41
CA VAL B 75 -3.42 17.84 14.32
C VAL B 75 -3.97 18.09 15.72
N MET B 76 -4.18 16.99 16.46
CA MET B 76 -4.54 17.06 17.86
C MET B 76 -3.57 16.20 18.67
N PRO B 77 -3.18 16.63 19.88
CA PRO B 77 -2.57 15.72 20.84
C PRO B 77 -3.63 14.71 21.27
N GLU B 78 -3.28 13.43 21.25
CA GLU B 78 -4.20 12.38 21.67
C GLU B 78 -3.39 11.19 22.17
N PRO B 79 -3.23 11.03 23.51
CA PRO B 79 -2.43 9.94 24.06
C PRO B 79 -2.90 8.60 23.51
N HIS B 80 -1.97 7.84 22.92
CA HIS B 80 -2.27 6.52 22.40
C HIS B 80 -2.37 5.52 23.56
N LEU B 81 -1.57 5.74 24.61
CA LEU B 81 -1.56 4.88 25.79
C LEU B 81 -1.63 5.74 27.03
N PRO B 82 -2.30 5.29 28.12
CA PRO B 82 -2.33 6.05 29.37
C PRO B 82 -0.92 6.28 29.90
N SER B 83 -0.63 7.53 30.25
CA SER B 83 0.68 7.92 30.77
C SER B 83 0.87 7.33 32.16
N PHE B 84 2.13 7.09 32.53
CA PHE B 84 2.48 6.74 33.90
C PHE B 84 2.70 8.03 34.71
N ILE B 85 2.79 9.17 34.02
CA ILE B 85 2.82 10.48 34.65
C ILE B 85 1.39 10.91 34.96
N PRO B 86 1.00 11.15 36.24
CA PRO B 86 -0.33 11.67 36.55
C PRO B 86 -0.51 13.11 36.05
N ASN B 87 -1.71 13.40 35.53
CA ASN B 87 -2.09 14.71 35.03
C ASN B 87 -1.05 15.22 34.02
N ASP B 88 -0.70 14.35 33.07
CA ASP B 88 0.19 14.71 31.98
C ASP B 88 -0.51 15.80 31.18
N PRO B 89 0.14 16.96 30.92
CA PRO B 89 -0.50 18.03 30.16
C PRO B 89 -0.91 17.63 28.74
N TRP B 90 -1.93 18.34 28.25
CA TRP B 90 -2.51 18.19 26.93
C TRP B 90 -1.43 18.22 25.84
N PHE B 91 -0.44 19.11 25.97
CA PHE B 91 0.63 19.29 24.99
C PHE B 91 1.52 18.06 24.83
N ASN B 92 1.36 17.01 25.66
CA ASN B 92 2.30 15.90 25.63
C ASN B 92 1.67 14.66 24.97
N GLY B 93 0.48 14.82 24.37
CA GLY B 93 -0.21 13.73 23.70
C GLY B 93 0.31 13.47 22.28
N ASP B 94 0.29 12.20 21.86
CA ASP B 94 0.74 11.79 20.55
C ASP B 94 -0.05 12.51 19.45
N GLY B 95 0.67 13.01 18.45
CA GLY B 95 0.05 13.72 17.34
C GLY B 95 -0.78 12.79 16.45
N ASN B 96 -2.08 13.12 16.31
CA ASN B 96 -2.99 12.41 15.44
C ASN B 96 -3.48 13.38 14.38
N ILE B 97 -3.28 13.02 13.10
CA ILE B 97 -3.57 13.91 11.98
C ILE B 97 -4.95 13.57 11.41
N SER B 98 -5.79 14.61 11.25
CA SER B 98 -7.05 14.53 10.53
C SER B 98 -6.90 15.21 9.18
N GLY B 99 -7.43 14.57 8.13
CA GLY B 99 -7.55 15.18 6.83
C GLY B 99 -9.01 15.15 6.37
N PHE B 100 -9.55 16.32 6.01
CA PHE B 100 -10.87 16.41 5.43
C PHE B 100 -10.71 16.75 3.95
N TYR B 101 -11.03 15.77 3.08
CA TYR B 101 -10.80 15.87 1.65
C TYR B 101 -12.11 16.31 0.98
N PHE B 102 -12.09 17.50 0.37
CA PHE B 102 -13.28 18.10 -0.22
C PHE B 102 -13.21 18.05 -1.75
N LYS B 103 -14.32 17.62 -2.36
CA LYS B 103 -14.50 17.76 -3.80
C LYS B 103 -15.98 17.68 -4.15
N ASP B 104 -16.42 18.62 -5.00
CA ASP B 104 -17.76 18.64 -5.59
C ASP B 104 -18.83 18.52 -4.52
N GLY B 105 -18.59 19.18 -3.37
CA GLY B 105 -19.59 19.24 -2.32
C GLY B 105 -19.64 18.00 -1.44
N HIS B 106 -18.73 17.03 -1.67
CA HIS B 106 -18.60 15.86 -0.82
CA HIS B 106 -18.60 15.86 -0.82
C HIS B 106 -17.31 15.96 -0.01
N VAL B 107 -17.27 15.31 1.17
CA VAL B 107 -16.11 15.36 2.04
C VAL B 107 -15.90 14.00 2.71
N ASP B 108 -14.62 13.58 2.75
CA ASP B 108 -14.20 12.36 3.43
C ASP B 108 -13.18 12.71 4.51
N LEU B 109 -13.20 11.93 5.60
CA LEU B 109 -12.22 12.05 6.67
C LEU B 109 -11.23 10.89 6.61
N LYS B 110 -9.94 11.22 6.71
CA LYS B 110 -8.90 10.26 6.99
C LYS B 110 -8.17 10.70 8.26
N GLN B 111 -7.80 9.72 9.09
CA GLN B 111 -7.26 9.97 10.42
C GLN B 111 -6.11 8.99 10.68
N ARG B 112 -4.94 9.50 11.08
CA ARG B 112 -3.81 8.63 11.34
C ARG B 112 -2.79 9.28 12.26
N TYR B 113 -2.29 8.49 13.23
CA TYR B 113 -1.21 8.91 14.11
C TYR B 113 0.10 9.05 13.34
N VAL B 114 0.88 10.08 13.70
CA VAL B 114 2.26 10.18 13.25
C VAL B 114 3.08 9.07 13.90
N ARG B 115 3.87 8.35 13.10
CA ARG B 115 4.74 7.29 13.59
C ARG B 115 6.04 7.90 14.10
N THR B 116 5.94 8.62 15.22
CA THR B 116 7.11 9.11 15.94
C THR B 116 7.84 7.93 16.56
N GLU B 117 9.10 8.16 16.96
CA GLU B 117 9.86 7.16 17.72
C GLU B 117 9.07 6.77 18.97
N LYS B 118 8.54 7.80 19.66
CA LYS B 118 7.71 7.59 20.84
C LYS B 118 6.55 6.65 20.53
N PHE B 119 5.78 6.97 19.48
CA PHE B 119 4.59 6.21 19.14
C PHE B 119 4.96 4.75 18.85
N VAL B 120 5.99 4.55 18.04
CA VAL B 120 6.36 3.21 17.58
C VAL B 120 6.83 2.36 18.75
N ARG B 121 7.72 2.91 19.61
CA ARG B 121 8.30 2.13 20.67
C ARG B 121 7.26 1.82 21.75
N GLU B 122 6.37 2.79 22.03
CA GLU B 122 5.32 2.57 23.01
C GLU B 122 4.28 1.57 22.46
N ALA B 123 4.07 1.57 21.15
CA ALA B 123 3.17 0.61 20.52
C ALA B 123 3.74 -0.80 20.63
N GLU B 124 5.06 -0.95 20.44
CA GLU B 124 5.73 -2.24 20.58
C GLU B 124 5.58 -2.77 22.00
N ALA B 125 5.82 -1.90 22.99
CA ALA B 125 5.81 -2.29 24.38
C ALA B 125 4.38 -2.38 24.93
N ARG B 126 3.43 -1.74 24.26
CA ARG B 126 2.04 -1.65 24.70
C ARG B 126 1.97 -0.98 26.08
N ARG B 127 2.81 0.04 26.28
CA ARG B 127 2.76 0.86 27.49
C ARG B 127 3.54 2.15 27.25
N SER B 128 3.24 3.18 28.04
CA SER B 128 3.93 4.46 27.93
C SER B 128 5.36 4.32 28.47
N LEU B 129 6.28 5.04 27.82
CA LEU B 129 7.70 4.97 28.10
C LEU B 129 8.28 6.36 28.26
N LEU B 130 7.78 7.31 27.45
CA LEU B 130 8.20 8.70 27.55
C LEU B 130 7.55 9.32 28.77
N GLY B 131 8.32 10.14 29.50
CA GLY B 131 7.87 10.72 30.75
C GLY B 131 7.27 12.11 30.58
N LYS B 132 7.78 13.04 31.39
CA LYS B 132 7.22 14.38 31.45
C LYS B 132 7.58 15.17 30.21
N TYR B 133 6.75 16.19 29.95
CA TYR B 133 6.94 17.11 28.84
C TYR B 133 8.37 17.63 28.82
N ARG B 134 9.09 17.34 27.74
CA ARG B 134 10.41 17.88 27.46
C ARG B 134 11.39 17.63 28.61
N ASN B 135 11.26 16.48 29.29
CA ASN B 135 12.19 16.12 30.35
C ASN B 135 12.65 14.68 30.18
N ARG B 136 13.78 14.53 29.49
CA ARG B 136 14.32 13.22 29.15
C ARG B 136 14.76 12.46 30.39
N TYR B 137 14.97 13.13 31.53
CA TYR B 137 15.44 12.48 32.75
C TYR B 137 14.32 11.66 33.39
N THR B 138 13.08 11.79 32.90
CA THR B 138 11.96 11.04 33.43
C THR B 138 11.55 9.89 32.50
N ASP B 139 12.22 9.74 31.35
CA ASP B 139 11.90 8.69 30.39
C ASP B 139 12.36 7.34 30.94
N LEU B 140 11.63 6.27 30.58
CA LEU B 140 11.93 4.93 31.04
C LEU B 140 12.93 4.25 30.11
N VAL B 141 13.11 4.79 28.90
CA VAL B 141 14.13 4.34 27.98
C VAL B 141 14.76 5.58 27.35
N GLU B 142 15.90 5.40 26.70
CA GLU B 142 16.59 6.49 26.05
C GLU B 142 16.01 6.68 24.64
N PHE B 143 15.46 7.87 24.40
CA PHE B 143 14.93 8.23 23.10
C PHE B 143 15.97 9.07 22.34
N LYS B 144 16.07 8.84 21.04
CA LYS B 144 16.85 9.70 20.17
C LYS B 144 16.03 10.94 19.83
N ILE B 145 14.75 10.75 19.46
CA ILE B 145 13.82 11.82 19.14
C ILE B 145 12.62 11.70 20.07
N ARG B 146 12.22 12.81 20.71
CA ARG B 146 11.17 12.78 21.71
C ARG B 146 9.86 13.39 21.18
N SER B 147 9.82 13.74 19.89
CA SER B 147 8.68 14.42 19.31
C SER B 147 7.39 13.63 19.48
N THR B 148 6.30 14.35 19.79
CA THR B 148 4.95 13.84 19.65
C THR B 148 4.32 14.35 18.35
N ALA B 149 5.00 15.29 17.68
CA ALA B 149 4.59 15.82 16.39
C ALA B 149 3.12 16.26 16.41
N ASN B 150 2.75 17.07 17.41
CA ASN B 150 1.34 17.23 17.74
C ASN B 150 0.88 18.68 17.69
N THR B 151 1.70 19.60 17.15
CA THR B 151 1.43 21.02 17.29
C THR B 151 0.88 21.62 16.00
N ASN B 152 1.52 21.30 14.87
CA ASN B 152 1.10 21.87 13.60
C ASN B 152 1.36 20.84 12.50
N ILE B 153 0.68 21.02 11.37
CA ILE B 153 0.80 20.14 10.21
C ILE B 153 0.73 21.01 8.97
N VAL B 154 1.85 21.08 8.24
CA VAL B 154 1.99 22.02 7.13
C VAL B 154 2.39 21.24 5.88
N TYR B 155 2.24 21.90 4.73
CA TYR B 155 2.55 21.30 3.44
C TYR B 155 3.83 21.91 2.92
N TRP B 156 4.76 21.06 2.47
CA TRP B 156 6.02 21.53 1.91
C TRP B 156 6.52 20.55 0.85
N ARG B 157 6.58 21.03 -0.40
CA ARG B 157 7.15 20.29 -1.51
C ARG B 157 6.65 18.85 -1.55
N GLY B 158 5.32 18.68 -1.55
CA GLY B 158 4.71 17.39 -1.84
C GLY B 158 4.58 16.49 -0.61
N GLN B 159 5.00 16.96 0.56
CA GLN B 159 4.86 16.22 1.81
C GLN B 159 4.12 17.07 2.85
N LEU B 160 3.52 16.40 3.83
CA LEU B 160 3.13 17.04 5.08
C LEU B 160 4.31 17.00 6.03
N LEU B 161 4.48 18.07 6.81
CA LEU B 161 5.44 18.09 7.91
C LEU B 161 4.67 18.25 9.22
N ALA B 162 4.75 17.23 10.07
CA ALA B 162 4.13 17.25 11.39
C ALA B 162 5.14 17.81 12.39
N LEU B 163 4.78 18.89 13.07
CA LEU B 163 5.73 19.75 13.73
C LEU B 163 5.59 19.69 15.25
N LYS B 164 6.74 19.76 15.92
CA LYS B 164 6.83 19.89 17.36
C LYS B 164 8.16 20.59 17.68
N GLU B 165 8.10 21.69 18.45
CA GLU B 165 9.18 22.66 18.50
C GLU B 165 10.42 22.14 19.23
N ASP B 166 10.35 20.95 19.83
CA ASP B 166 11.50 20.36 20.50
C ASP B 166 12.25 19.39 19.58
N SER B 167 11.88 19.33 18.29
CA SER B 167 12.31 18.24 17.43
C SER B 167 12.35 18.67 15.97
N PRO B 168 12.98 17.87 15.08
CA PRO B 168 12.81 18.03 13.64
C PRO B 168 11.39 17.66 13.24
N PRO B 169 10.93 18.03 12.03
CA PRO B 169 9.62 17.61 11.54
C PRO B 169 9.58 16.12 11.25
N TYR B 170 8.37 15.55 11.24
CA TYR B 170 8.10 14.24 10.67
C TYR B 170 7.40 14.44 9.33
N ALA B 171 7.93 13.80 8.28
CA ALA B 171 7.36 13.89 6.94
C ALA B 171 6.29 12.82 6.76
N MET B 172 5.21 13.21 6.07
CA MET B 172 4.05 12.34 5.88
C MET B 172 3.49 12.50 4.47
N ASP B 173 2.79 11.46 4.00
CA ASP B 173 2.15 11.45 2.69
C ASP B 173 0.83 12.21 2.77
N PRO B 174 0.61 13.26 1.95
CA PRO B 174 -0.64 14.02 2.00
C PRO B 174 -1.91 13.21 1.69
N GLU B 175 -1.76 12.14 0.91
CA GLU B 175 -2.89 11.37 0.43
C GLU B 175 -3.28 10.27 1.43
N THR B 176 -2.28 9.55 1.98
CA THR B 176 -2.53 8.36 2.80
C THR B 176 -2.23 8.62 4.28
N LEU B 177 -1.53 9.71 4.58
CA LEU B 177 -1.08 10.05 5.93
C LEU B 177 -0.10 8.99 6.47
N GLU B 178 0.54 8.24 5.57
CA GLU B 178 1.67 7.41 5.93
C GLU B 178 2.79 8.31 6.45
N THR B 179 3.50 7.87 7.49
CA THR B 179 4.67 8.56 7.98
C THR B 179 5.91 8.04 7.27
N PHE B 180 6.65 8.94 6.61
CA PHE B 180 7.91 8.58 5.97
C PHE B 180 9.02 8.49 7.02
N GLY B 181 9.04 9.45 7.96
CA GLY B 181 9.99 9.43 9.06
C GLY B 181 10.45 10.85 9.41
N VAL B 182 11.40 10.95 10.34
CA VAL B 182 12.00 12.22 10.72
C VAL B 182 12.63 12.82 9.47
N TYR B 183 12.45 14.13 9.29
CA TYR B 183 12.83 14.80 8.06
C TYR B 183 13.93 15.82 8.34
N ASP B 184 15.03 15.72 7.58
CA ASP B 184 16.17 16.60 7.78
C ASP B 184 16.52 17.35 6.50
N PHE B 185 15.55 17.50 5.59
CA PHE B 185 15.70 18.33 4.40
C PHE B 185 16.95 17.93 3.61
N ASP B 186 17.08 16.62 3.34
CA ASP B 186 18.19 16.09 2.55
C ASP B 186 19.51 16.39 3.23
N GLY B 187 19.54 16.22 4.56
CA GLY B 187 20.75 16.39 5.35
C GLY B 187 21.17 17.85 5.54
N GLN B 188 20.29 18.81 5.20
CA GLN B 188 20.61 20.22 5.27
C GLN B 188 20.21 20.84 6.61
N LEU B 189 19.33 20.17 7.37
CA LEU B 189 18.78 20.77 8.58
C LEU B 189 19.90 21.04 9.58
N PRO B 190 20.17 22.32 9.94
CA PRO B 190 21.30 22.66 10.81
C PRO B 190 21.01 22.61 12.31
N SER B 191 19.73 22.47 12.66
CA SER B 191 19.25 22.64 14.03
C SER B 191 18.70 21.32 14.56
N LEU B 192 18.78 21.12 15.89
CA LEU B 192 18.11 20.00 16.55
C LEU B 192 16.60 20.21 16.60
N THR B 193 16.14 21.45 16.38
CA THR B 193 14.76 21.82 16.63
C THR B 193 14.20 22.59 15.43
N PHE B 194 12.89 22.45 15.22
CA PHE B 194 12.18 23.08 14.11
C PHE B 194 10.87 23.62 14.65
N THR B 195 10.67 24.94 14.53
CA THR B 195 9.50 25.61 15.06
C THR B 195 8.22 24.99 14.51
N ALA B 196 7.16 25.07 15.31
CA ALA B 196 5.84 24.64 14.88
C ALA B 196 5.15 25.71 14.03
N HIS B 197 5.77 26.89 13.90
CA HIS B 197 5.16 28.00 13.20
C HIS B 197 6.10 28.57 12.14
N PRO B 198 6.50 27.78 11.12
CA PRO B 198 7.24 28.32 9.99
C PRO B 198 6.32 29.25 9.19
N LYS B 199 6.92 30.16 8.42
CA LYS B 199 6.17 31.11 7.62
C LYS B 199 6.47 30.87 6.15
N PHE B 200 5.45 31.05 5.31
CA PHE B 200 5.56 30.82 3.88
C PHE B 200 5.42 32.16 3.17
N ASP B 201 6.51 32.60 2.51
CA ASP B 201 6.51 33.86 1.78
C ASP B 201 5.75 33.65 0.48
N PRO B 202 4.62 34.36 0.25
CA PRO B 202 3.84 34.16 -0.97
C PRO B 202 4.53 34.65 -2.24
N VAL B 203 5.53 35.54 -2.10
CA VAL B 203 6.23 36.10 -3.24
C VAL B 203 7.44 35.24 -3.60
N THR B 204 8.32 34.97 -2.62
CA THR B 204 9.55 34.24 -2.89
C THR B 204 9.35 32.73 -2.85
N ARG B 205 8.22 32.29 -2.27
CA ARG B 205 7.88 30.87 -2.14
C ARG B 205 8.86 30.18 -1.19
N GLU B 206 9.51 30.93 -0.31
CA GLU B 206 10.42 30.37 0.69
C GLU B 206 9.63 29.90 1.91
N MET B 207 10.14 28.86 2.57
CA MET B 207 9.71 28.53 3.91
C MET B 207 10.75 29.08 4.89
N VAL B 208 10.31 29.98 5.77
CA VAL B 208 11.17 30.65 6.73
C VAL B 208 10.98 30.00 8.10
N CYS B 209 12.08 29.57 8.71
CA CYS B 209 12.05 28.70 9.87
C CYS B 209 13.02 29.19 10.95
N PHE B 210 12.91 28.58 12.13
CA PHE B 210 13.92 28.68 13.15
C PHE B 210 13.74 27.52 14.12
N GLY B 211 14.72 27.38 15.02
CA GLY B 211 14.58 26.54 16.20
C GLY B 211 15.27 27.20 17.39
N TYR B 212 14.64 27.07 18.58
CA TYR B 212 15.27 27.52 19.81
C TYR B 212 15.65 26.27 20.60
N GLU B 213 16.44 26.45 21.66
CA GLU B 213 17.15 25.37 22.32
C GLU B 213 17.80 24.51 21.24
N ALA B 214 18.45 25.19 20.29
CA ALA B 214 18.84 24.58 19.02
C ALA B 214 20.04 23.67 19.18
N LYS B 215 20.74 23.74 20.34
CA LYS B 215 21.87 22.86 20.60
C LYS B 215 21.58 21.95 21.79
N GLY B 216 20.33 21.88 22.24
CA GLY B 216 19.96 20.93 23.28
C GLY B 216 19.26 21.61 24.45
N ASP B 217 18.91 20.80 25.45
CA ASP B 217 18.18 21.23 26.62
C ASP B 217 18.86 22.45 27.24
N GLY B 218 18.09 23.53 27.42
CA GLY B 218 18.52 24.66 28.22
C GLY B 218 19.45 25.62 27.49
N THR B 219 19.82 25.32 26.23
CA THR B 219 20.71 26.18 25.47
C THR B 219 19.95 27.43 25.02
N ARG B 220 20.68 28.54 24.91
CA ARG B 220 20.09 29.82 24.53
C ARG B 220 20.30 30.04 23.03
N ASP B 221 20.78 29.01 22.34
CA ASP B 221 21.07 29.08 20.92
C ASP B 221 19.77 29.05 20.12
N ILE B 222 19.62 30.04 19.24
CA ILE B 222 18.56 30.06 18.24
C ILE B 222 19.22 29.89 16.88
N CYS B 223 18.66 28.99 16.06
CA CYS B 223 19.10 28.85 14.68
C CYS B 223 17.98 29.31 13.76
N TYR B 224 18.26 30.38 13.00
CA TYR B 224 17.36 30.91 12.00
C TYR B 224 17.79 30.36 10.64
N TYR B 225 16.85 29.76 9.90
CA TYR B 225 17.17 29.18 8.61
C TYR B 225 15.94 29.22 7.70
N SER B 226 16.20 29.17 6.39
CA SER B 226 15.16 29.22 5.39
C SER B 226 15.46 28.23 4.27
N PHE B 227 14.40 27.85 3.55
CA PHE B 227 14.50 26.96 2.40
C PHE B 227 13.82 27.62 1.21
N GLY B 228 14.53 27.66 0.07
CA GLY B 228 13.94 28.12 -1.18
C GLY B 228 12.93 27.09 -1.72
N PRO B 229 12.10 27.48 -2.71
CA PRO B 229 11.07 26.57 -3.24
C PRO B 229 11.63 25.29 -3.88
N ASP B 230 12.91 25.32 -4.28
CA ASP B 230 13.59 24.17 -4.84
C ASP B 230 14.09 23.23 -3.76
N GLY B 231 13.94 23.60 -2.48
CA GLY B 231 14.29 22.73 -1.37
C GLY B 231 15.70 22.97 -0.82
N LYS B 232 16.46 23.89 -1.43
CA LYS B 232 17.82 24.19 -0.98
C LYS B 232 17.76 25.18 0.18
N ILE B 233 18.61 24.95 1.18
CA ILE B 233 18.72 25.86 2.31
C ILE B 233 19.32 27.18 1.81
N ALA B 234 18.77 28.29 2.31
CA ALA B 234 19.26 29.61 1.95
C ALA B 234 19.97 30.23 3.16
N GLU B 235 19.20 30.80 4.09
CA GLU B 235 19.76 31.41 5.29
C GLU B 235 20.12 30.33 6.30
N THR B 236 21.21 30.57 7.04
CA THR B 236 21.47 29.87 8.30
C THR B 236 22.27 30.80 9.21
N VAL B 237 21.60 31.33 10.24
CA VAL B 237 22.22 32.26 11.17
C VAL B 237 22.02 31.75 12.60
N TRP B 238 23.12 31.61 13.33
CA TRP B 238 23.10 31.25 14.73
C TRP B 238 23.12 32.53 15.58
N LEU B 239 22.18 32.65 16.50
CA LEU B 239 22.16 33.78 17.42
C LEU B 239 21.88 33.27 18.83
N VAL B 240 21.92 34.20 19.79
CA VAL B 240 21.83 33.86 21.21
C VAL B 240 20.67 34.63 21.83
N SER B 241 19.82 33.88 22.53
CA SER B 241 18.71 34.42 23.30
C SER B 241 19.24 35.03 24.59
N PRO B 242 18.68 36.15 25.12
CA PRO B 242 19.12 36.70 26.40
C PRO B 242 18.80 35.78 27.58
N VAL B 243 17.69 35.03 27.49
CA VAL B 243 17.36 33.96 28.42
C VAL B 243 16.98 32.72 27.63
N CYS B 244 17.05 31.55 28.27
CA CYS B 244 16.50 30.34 27.67
C CYS B 244 14.99 30.32 27.89
N GLY B 245 14.31 31.08 27.04
CA GLY B 245 12.86 31.20 27.09
C GLY B 245 12.21 30.57 25.88
N MET B 246 10.91 30.30 26.00
CA MET B 246 10.14 29.64 24.96
C MET B 246 9.85 30.65 23.85
N ILE B 247 10.29 30.30 22.63
CA ILE B 247 9.94 31.06 21.43
C ILE B 247 9.03 30.20 20.58
N HIS B 248 7.71 30.29 20.85
CA HIS B 248 6.72 29.43 20.25
C HIS B 248 6.44 29.85 18.82
N ASP B 249 6.31 31.16 18.59
CA ASP B 249 5.95 31.69 17.30
C ASP B 249 6.96 32.75 16.92
N PHE B 250 6.97 33.16 15.65
CA PHE B 250 7.80 34.27 15.22
C PHE B 250 7.12 34.96 14.04
N ALA B 251 7.75 36.02 13.55
CA ALA B 251 7.17 36.84 12.49
C ALA B 251 8.23 37.14 11.45
N VAL B 252 7.77 37.30 10.20
CA VAL B 252 8.65 37.52 9.08
C VAL B 252 8.07 38.68 8.27
N THR B 253 8.94 39.65 7.96
CA THR B 253 8.60 40.75 7.06
C THR B 253 9.51 40.63 5.84
N GLU B 254 9.41 41.60 4.93
CA GLU B 254 10.22 41.60 3.72
C GLU B 254 11.70 41.55 4.08
N ASN B 255 12.13 42.29 5.12
CA ASN B 255 13.55 42.48 5.39
C ASN B 255 13.96 42.01 6.79
N PHE B 256 13.01 41.57 7.63
CA PHE B 256 13.34 41.25 9.02
C PHE B 256 12.64 39.96 9.46
N VAL B 257 13.23 39.30 10.46
CA VAL B 257 12.58 38.24 11.21
C VAL B 257 12.57 38.62 12.69
N ILE B 258 11.47 38.29 13.37
CA ILE B 258 11.19 38.79 14.71
C ILE B 258 10.88 37.62 15.64
N PHE B 259 11.55 37.59 16.80
CA PHE B 259 11.47 36.48 17.75
C PHE B 259 10.92 36.94 19.09
N PRO B 260 9.59 36.88 19.34
CA PRO B 260 9.04 37.19 20.66
C PRO B 260 9.25 36.05 21.64
N ILE B 261 9.80 36.37 22.83
CA ILE B 261 10.12 35.37 23.83
C ILE B 261 9.08 35.41 24.95
N ILE B 262 8.44 34.24 25.17
CA ILE B 262 7.55 34.05 26.29
C ILE B 262 8.40 33.90 27.55
N PRO B 263 8.09 34.63 28.65
CA PRO B 263 8.82 34.47 29.91
C PRO B 263 8.65 33.14 30.65
N LEU B 264 8.56 32.04 29.90
CA LEU B 264 8.78 30.71 30.45
C LEU B 264 10.25 30.38 30.25
N VAL B 265 10.92 29.96 31.33
CA VAL B 265 12.37 29.82 31.31
C VAL B 265 12.73 28.39 31.74
N CYS B 266 13.79 27.86 31.12
CA CYS B 266 14.22 26.48 31.32
C CYS B 266 15.48 26.43 32.19
N ASP B 267 15.43 25.57 33.22
CA ASP B 267 16.58 25.28 34.07
C ASP B 267 16.79 23.76 34.07
N VAL B 268 17.93 23.33 33.54
CA VAL B 268 18.21 21.92 33.35
C VAL B 268 18.42 21.24 34.70
N GLU B 269 18.88 21.98 35.72
CA GLU B 269 19.08 21.42 37.06
C GLU B 269 17.74 21.02 37.67
N ARG B 270 16.71 21.85 37.46
CA ARG B 270 15.36 21.54 37.89
C ARG B 270 14.90 20.25 37.23
N MET B 271 15.18 20.11 35.93
CA MET B 271 14.74 18.96 35.15
C MET B 271 15.36 17.67 35.69
N LYS B 272 16.66 17.73 36.04
CA LYS B 272 17.38 16.55 36.51
C LYS B 272 16.80 16.04 37.82
N GLN B 273 16.12 16.90 38.59
CA GLN B 273 15.48 16.49 39.83
C GLN B 273 14.04 16.05 39.58
N GLY B 274 13.61 16.04 38.31
CA GLY B 274 12.28 15.59 37.94
C GLY B 274 11.27 16.73 37.80
N GLY B 275 11.76 17.97 37.74
CA GLY B 275 10.91 19.14 37.66
C GLY B 275 10.52 19.49 36.22
N ASP B 276 9.73 20.56 36.09
CA ASP B 276 9.17 20.98 34.81
C ASP B 276 10.27 21.62 33.96
N HIS B 277 10.18 21.43 32.64
CA HIS B 277 11.08 22.07 31.70
C HIS B 277 10.89 23.58 31.75
N TRP B 278 9.64 24.03 31.89
CA TRP B 278 9.30 25.44 31.84
C TRP B 278 8.84 25.94 33.20
N GLN B 279 9.23 27.18 33.50
CA GLN B 279 8.84 27.85 34.74
C GLN B 279 8.74 29.35 34.46
N TRP B 280 7.61 29.94 34.85
CA TRP B 280 7.37 31.36 34.61
C TRP B 280 8.35 32.20 35.42
N ASP B 281 8.77 33.34 34.84
CA ASP B 281 9.68 34.26 35.47
C ASP B 281 9.09 35.66 35.39
N TYR B 282 8.66 36.18 36.56
CA TYR B 282 7.99 37.46 36.64
C TYR B 282 8.98 38.61 36.50
N SER B 283 10.28 38.33 36.59
CA SER B 283 11.29 39.38 36.70
C SER B 283 11.84 39.82 35.35
N ILE B 284 11.37 39.24 34.23
CA ILE B 284 11.94 39.60 32.93
C ILE B 284 10.86 40.27 32.06
N PRO B 285 11.28 41.08 31.07
CA PRO B 285 10.36 41.60 30.06
C PRO B 285 10.01 40.51 29.05
N MET B 286 9.09 40.82 28.13
CA MET B 286 8.90 40.01 26.94
C MET B 286 9.87 40.52 25.90
N TYR B 287 11.00 39.82 25.74
CA TYR B 287 11.99 40.20 24.74
C TYR B 287 11.41 39.98 23.35
N ILE B 288 11.75 40.88 22.42
CA ILE B 288 11.39 40.76 21.03
C ILE B 288 12.64 41.03 20.18
N GLY B 289 13.26 39.95 19.71
CA GLY B 289 14.45 40.06 18.88
C GLY B 289 14.10 40.44 17.45
N VAL B 290 14.94 41.28 16.83
CA VAL B 290 14.80 41.64 15.45
C VAL B 290 16.13 41.41 14.77
N LEU B 291 16.10 40.64 13.66
CA LEU B 291 17.29 40.30 12.91
C LEU B 291 17.03 40.60 11.44
N PRO B 292 18.01 41.13 10.68
CA PRO B 292 17.88 41.25 9.23
C PRO B 292 17.63 39.86 8.63
N ARG B 293 16.70 39.81 7.66
CA ARG B 293 16.22 38.54 7.13
C ARG B 293 17.30 37.88 6.27
N ARG B 294 18.14 38.67 5.61
CA ARG B 294 19.11 38.14 4.66
C ARG B 294 20.50 38.69 4.97
N GLY B 295 21.48 37.78 5.04
CA GLY B 295 22.90 38.14 5.04
C GLY B 295 23.46 38.47 6.42
N ALA B 296 22.67 38.28 7.48
CA ALA B 296 23.03 38.78 8.79
C ALA B 296 24.01 37.85 9.49
N GLN B 297 24.60 38.36 10.58
CA GLN B 297 25.34 37.57 11.55
C GLN B 297 24.54 37.54 12.85
N GLY B 298 24.90 36.62 13.75
CA GLY B 298 24.21 36.47 15.02
C GLY B 298 24.19 37.74 15.86
N SER B 299 25.28 38.52 15.77
CA SER B 299 25.47 39.71 16.58
C SER B 299 24.66 40.90 16.05
N ASP B 300 23.99 40.73 14.89
CA ASP B 300 23.17 41.78 14.31
C ASP B 300 21.79 41.84 14.96
N VAL B 301 21.46 40.86 15.81
CA VAL B 301 20.15 40.84 16.44
C VAL B 301 20.08 41.93 17.50
N LYS B 302 18.95 42.63 17.55
CA LYS B 302 18.64 43.57 18.62
C LYS B 302 17.51 43.00 19.47
N TRP B 303 17.74 42.90 20.78
CA TRP B 303 16.73 42.38 21.70
C TRP B 303 15.99 43.53 22.37
N PHE B 304 14.92 43.97 21.71
CA PHE B 304 14.00 44.96 22.25
C PHE B 304 13.27 44.35 23.46
N GLU B 305 12.72 45.23 24.31
CA GLU B 305 12.14 44.81 25.58
C GLU B 305 10.73 45.37 25.68
N ALA B 306 9.75 44.51 25.41
CA ALA B 306 8.35 44.88 25.59
C ALA B 306 7.97 44.70 27.06
N PRO B 307 6.91 45.38 27.53
CA PRO B 307 6.38 45.14 28.88
C PRO B 307 6.13 43.65 29.12
N HIS B 308 6.44 43.19 30.32
CA HIS B 308 6.23 41.81 30.72
C HIS B 308 4.84 41.35 30.27
N GLY B 309 4.81 40.16 29.66
CA GLY B 309 3.56 39.54 29.25
C GLY B 309 3.79 38.24 28.51
N PHE B 310 2.69 37.67 28.00
CA PHE B 310 2.72 36.40 27.29
C PHE B 310 2.62 36.68 25.79
N ALA B 311 3.62 36.21 25.03
CA ALA B 311 3.62 36.30 23.58
C ALA B 311 2.76 35.17 23.02
N GLY B 312 1.56 35.51 22.55
CA GLY B 312 0.68 34.56 21.90
C GLY B 312 1.04 34.40 20.43
N HIS B 313 0.10 33.86 19.66
CA HIS B 313 0.32 33.56 18.25
C HIS B 313 0.39 34.86 17.44
N VAL B 314 1.31 34.87 16.47
CA VAL B 314 1.45 35.97 15.54
C VAL B 314 0.38 35.88 14.47
N ALA B 315 -0.35 36.98 14.25
CA ALA B 315 -1.26 37.06 13.11
C ALA B 315 -0.43 37.25 11.85
N ASN B 316 0.39 38.31 11.85
CA ASN B 316 1.23 38.67 10.73
C ASN B 316 2.08 39.87 11.14
N ALA B 317 3.19 40.10 10.42
CA ALA B 317 3.98 41.30 10.57
C ALA B 317 4.36 41.83 9.19
N PHE B 318 4.61 43.14 9.12
CA PHE B 318 4.97 43.79 7.86
C PHE B 318 5.69 45.10 8.15
N GLU B 319 6.43 45.59 7.15
CA GLU B 319 7.03 46.91 7.20
C GLU B 319 6.09 47.93 6.58
N ASP B 320 5.89 49.06 7.27
CA ASP B 320 5.07 50.15 6.78
C ASP B 320 5.95 51.05 5.89
N ASP B 321 5.42 52.23 5.52
CA ASP B 321 6.06 53.14 4.59
C ASP B 321 7.37 53.67 5.17
N LYS B 322 7.41 53.87 6.49
CA LYS B 322 8.57 54.44 7.16
C LYS B 322 9.67 53.39 7.36
N GLY B 323 9.36 52.11 7.08
CA GLY B 323 10.29 51.03 7.27
C GLY B 323 10.22 50.43 8.68
N HIS B 324 9.20 50.83 9.44
CA HIS B 324 8.96 50.33 10.80
C HIS B 324 8.17 49.04 10.74
N ILE B 325 8.49 48.11 11.64
CA ILE B 325 7.83 46.81 11.70
C ILE B 325 6.52 46.95 12.48
N GLN B 326 5.41 46.57 11.85
CA GLN B 326 4.14 46.41 12.55
C GLN B 326 3.98 44.93 12.89
N LEU B 327 3.99 44.61 14.19
CA LEU B 327 3.88 43.24 14.65
C LEU B 327 2.53 43.06 15.34
N GLN B 328 1.66 42.25 14.73
CA GLN B 328 0.32 42.03 15.27
C GLN B 328 0.24 40.60 15.78
N MET B 329 -0.09 40.45 17.06
CA MET B 329 -0.07 39.16 17.73
C MET B 329 -1.00 39.20 18.94
N ALA B 330 -1.43 38.02 19.40
CA ALA B 330 -2.11 37.91 20.67
C ALA B 330 -1.11 38.18 21.78
N TYR B 331 -1.56 38.89 22.83
CA TYR B 331 -0.68 39.34 23.90
C TYR B 331 -1.49 39.39 25.20
N ALA B 332 -0.97 38.73 26.23
CA ALA B 332 -1.58 38.74 27.56
C ALA B 332 -0.60 39.30 28.56
N LYS B 333 -1.12 39.68 29.74
CA LYS B 333 -0.31 40.33 30.77
C LYS B 333 0.12 39.32 31.84
N ASP B 334 -0.34 38.07 31.75
CA ASP B 334 0.06 37.05 32.70
C ASP B 334 0.21 35.71 31.97
N ASN B 335 0.52 34.65 32.71
CA ASN B 335 0.92 33.37 32.16
C ASN B 335 -0.30 32.59 31.68
N VAL B 336 -0.45 32.52 30.35
CA VAL B 336 -1.52 31.75 29.73
C VAL B 336 -1.34 30.27 30.02
N PHE B 337 -0.09 29.79 30.06
CA PHE B 337 0.22 28.40 30.39
C PHE B 337 0.35 28.27 31.91
N PHE B 338 -0.79 28.38 32.60
CA PHE B 338 -0.84 28.51 34.06
C PHE B 338 -0.35 27.25 34.78
N TRP B 339 -0.35 26.11 34.07
CA TRP B 339 0.09 24.84 34.64
C TRP B 339 1.60 24.77 34.80
N TRP B 340 2.33 25.76 34.24
CA TRP B 340 3.76 25.94 34.51
C TRP B 340 3.97 27.26 35.25
N PRO B 341 3.71 27.31 36.58
CA PRO B 341 3.79 28.56 37.34
C PRO B 341 5.23 28.97 37.64
N ASP B 342 5.42 29.98 38.50
CA ASP B 342 6.74 30.47 38.83
C ASP B 342 7.35 29.55 39.91
N ALA B 343 8.54 29.93 40.39
CA ALA B 343 9.33 29.10 41.29
C ALA B 343 8.59 28.78 42.59
N ASN B 344 7.65 29.63 42.99
CA ASN B 344 6.92 29.43 44.24
C ASN B 344 5.51 28.88 43.97
N GLY B 345 5.26 28.39 42.76
CA GLY B 345 3.96 27.82 42.41
C GLY B 345 2.89 28.89 42.16
N LYS B 346 3.32 30.16 42.02
CA LYS B 346 2.40 31.26 41.86
C LYS B 346 2.05 31.43 40.38
N GLY B 347 0.74 31.60 40.12
CA GLY B 347 0.28 31.96 38.79
C GLY B 347 -1.24 32.04 38.73
N PRO B 348 -1.81 32.37 37.56
CA PRO B 348 -3.26 32.49 37.43
C PRO B 348 -4.00 31.16 37.45
N ARG B 349 -5.33 31.22 37.52
CA ARG B 349 -6.19 30.06 37.50
C ARG B 349 -6.70 29.84 36.07
N PRO B 350 -7.31 28.67 35.75
CA PRO B 350 -7.95 28.48 34.45
C PRO B 350 -8.97 29.56 34.11
N GLY B 351 -8.95 30.02 32.85
CA GLY B 351 -9.97 30.91 32.32
C GLY B 351 -9.86 32.35 32.82
N GLU B 352 -8.74 32.67 33.50
CA GLU B 352 -8.56 33.95 34.16
C GLU B 352 -7.84 34.92 33.22
N VAL B 353 -6.81 34.41 32.52
CA VAL B 353 -5.95 35.24 31.69
C VAL B 353 -6.62 35.46 30.33
N GLU B 354 -6.70 36.74 29.94
CA GLU B 354 -7.18 37.12 28.63
C GLU B 354 -6.00 37.56 27.77
N ALA B 355 -6.03 37.18 26.49
CA ALA B 355 -5.10 37.70 25.51
C ALA B 355 -5.84 38.65 24.57
N HIS B 356 -5.16 39.70 24.11
CA HIS B 356 -5.78 40.74 23.30
C HIS B 356 -4.96 40.95 22.03
N PHE B 357 -5.65 41.40 20.97
CA PHE B 357 -5.03 41.52 19.68
C PHE B 357 -4.21 42.81 19.64
N ALA B 358 -2.88 42.65 19.75
CA ALA B 358 -1.99 43.77 20.01
C ALA B 358 -1.20 44.12 18.76
N ASN B 359 -0.85 45.41 18.62
CA ASN B 359 0.06 45.89 17.60
C ASN B 359 1.28 46.48 18.29
N PHE B 360 2.46 45.93 18.02
CA PHE B 360 3.73 46.49 18.47
C PHE B 360 4.43 47.14 17.30
N VAL B 361 5.12 48.26 17.57
CA VAL B 361 5.90 48.96 16.56
C VAL B 361 7.38 48.80 16.90
N LEU B 362 8.19 48.35 15.93
CA LEU B 362 9.61 48.16 16.14
C LEU B 362 10.39 48.82 15.02
N ASP B 363 11.52 49.45 15.39
CA ASP B 363 12.43 50.05 14.44
C ASP B 363 13.80 49.43 14.69
N TYR B 364 14.33 48.73 13.67
CA TYR B 364 15.62 48.06 13.79
C TYR B 364 16.75 49.09 13.98
N GLN B 365 16.53 50.33 13.50
CA GLN B 365 17.52 51.38 13.57
C GLN B 365 17.63 51.95 14.99
N SER B 366 16.51 51.95 15.72
CA SER B 366 16.44 52.50 17.07
C SER B 366 17.44 51.80 17.98
N ASP B 367 18.10 52.58 18.85
CA ASP B 367 18.98 52.05 19.88
C ASP B 367 18.27 52.05 21.22
N LYS B 368 17.01 52.50 21.25
CA LYS B 368 16.19 52.47 22.43
C LYS B 368 15.56 51.07 22.54
N LEU B 369 16.00 50.30 23.54
CA LEU B 369 15.61 48.90 23.67
C LEU B 369 14.18 48.79 24.20
N PRO B 370 13.76 49.51 25.27
CA PRO B 370 12.38 49.43 25.75
C PRO B 370 11.37 49.83 24.68
N LEU B 371 10.24 49.12 24.65
CA LEU B 371 9.16 49.38 23.71
C LEU B 371 7.96 49.93 24.46
N ALA B 372 7.19 50.79 23.77
CA ALA B 372 5.95 51.32 24.32
C ALA B 372 4.92 50.19 24.43
N GLU B 373 3.94 50.37 25.33
CA GLU B 373 2.79 49.49 25.38
C GLU B 373 2.18 49.40 23.99
N PRO B 374 1.67 48.22 23.58
CA PRO B 374 1.03 48.07 22.28
C PRO B 374 -0.35 48.72 22.23
N THR B 375 -0.80 49.07 21.03
CA THR B 375 -2.19 49.42 20.81
C THR B 375 -2.97 48.13 20.57
N TYR B 376 -4.28 48.17 20.86
CA TYR B 376 -5.13 47.00 20.73
C TYR B 376 -6.12 47.24 19.60
N LEU B 377 -6.31 46.22 18.75
CA LEU B 377 -7.10 46.35 17.54
C LEU B 377 -8.57 46.05 17.83
N VAL B 378 -8.84 45.18 18.81
CA VAL B 378 -10.20 44.90 19.26
C VAL B 378 -10.15 44.70 20.78
N ASP B 379 -11.33 44.53 21.39
CA ASP B 379 -11.46 44.38 22.84
C ASP B 379 -11.59 42.91 23.24
N ASP B 380 -11.88 42.02 22.28
CA ASP B 380 -12.23 40.65 22.57
C ASP B 380 -11.04 39.91 23.17
N ASP B 381 -11.33 38.99 24.10
CA ASP B 381 -10.39 37.95 24.50
C ASP B 381 -10.24 36.99 23.33
N MET B 382 -9.03 36.89 22.75
CA MET B 382 -8.86 36.16 21.50
C MET B 382 -7.57 35.34 21.49
N GLU B 383 -7.47 34.47 20.48
CA GLU B 383 -6.25 33.74 20.14
C GLU B 383 -6.44 33.10 18.76
N PHE B 384 -5.39 32.40 18.30
CA PHE B 384 -5.41 31.61 17.06
C PHE B 384 -5.76 32.51 15.87
N PRO B 385 -5.03 33.61 15.65
CA PRO B 385 -5.29 34.48 14.51
C PRO B 385 -4.78 33.88 13.20
N ARG B 386 -5.63 33.98 12.15
CA ARG B 386 -5.26 33.63 10.80
C ARG B 386 -5.47 34.84 9.90
N ILE B 387 -4.62 34.96 8.87
CA ILE B 387 -4.82 35.95 7.84
C ILE B 387 -5.04 35.22 6.52
N ASP B 388 -5.28 36.00 5.46
CA ASP B 388 -5.17 35.52 4.10
C ASP B 388 -3.68 35.41 3.78
N ASP B 389 -3.17 34.17 3.69
CA ASP B 389 -1.74 33.94 3.66
C ASP B 389 -1.14 34.37 2.32
N ARG B 390 -1.98 34.86 1.40
CA ARG B 390 -1.50 35.43 0.16
C ARG B 390 -0.80 36.77 0.40
N VAL B 391 -1.00 37.40 1.57
CA VAL B 391 -0.33 38.65 1.91
C VAL B 391 0.58 38.47 3.13
N ALA B 392 0.93 37.23 3.48
CA ALA B 392 1.82 36.99 4.61
C ALA B 392 3.15 37.72 4.38
N THR B 393 3.66 38.35 5.45
CA THR B 393 4.89 39.12 5.44
C THR B 393 4.68 40.50 4.82
N ARG B 394 3.47 40.78 4.34
CA ARG B 394 3.12 42.05 3.73
C ARG B 394 1.93 42.64 4.48
N LYS B 395 1.56 43.88 4.14
CA LYS B 395 0.43 44.54 4.76
C LYS B 395 -0.83 43.69 4.54
N HIS B 396 -1.48 43.32 5.66
CA HIS B 396 -2.75 42.61 5.63
C HIS B 396 -3.82 43.53 6.20
N LYS B 397 -5.08 43.31 5.81
CA LYS B 397 -6.19 44.12 6.30
C LYS B 397 -7.39 43.27 6.70
N HIS B 398 -7.20 41.94 6.76
CA HIS B 398 -8.21 41.02 7.27
C HIS B 398 -7.54 40.06 8.24
N THR B 399 -8.19 39.84 9.39
CA THR B 399 -7.75 38.85 10.35
C THR B 399 -8.95 38.07 10.86
N PHE B 400 -8.79 36.74 10.93
CA PHE B 400 -9.78 35.85 11.54
C PHE B 400 -9.17 35.28 12.80
N PHE B 401 -9.98 35.15 13.87
CA PHE B 401 -9.44 34.69 15.13
C PHE B 401 -10.53 34.11 16.01
N CYS B 402 -10.11 33.23 16.93
CA CYS B 402 -10.97 32.69 17.98
C CYS B 402 -11.23 33.78 19.02
N ILE B 403 -12.43 33.74 19.62
CA ILE B 403 -12.77 34.63 20.72
C ILE B 403 -13.36 33.80 21.84
N PHE B 404 -13.23 34.31 23.07
CA PHE B 404 -13.89 33.73 24.22
C PHE B 404 -14.67 34.83 24.93
N ASP B 405 -16.00 34.76 24.84
CA ASP B 405 -16.89 35.79 25.35
C ASP B 405 -17.55 35.28 26.64
N ARG B 406 -17.27 35.97 27.76
CA ARG B 406 -17.77 35.54 29.06
C ARG B 406 -19.11 36.21 29.37
N LYS B 407 -19.57 37.11 28.48
CA LYS B 407 -20.91 37.68 28.57
C LYS B 407 -21.92 36.58 28.84
N PRO B 408 -22.75 36.67 29.92
CA PRO B 408 -23.67 35.60 30.29
C PRO B 408 -24.58 35.13 29.15
N GLY B 409 -24.69 33.81 28.98
CA GLY B 409 -25.61 33.22 28.01
C GLY B 409 -24.90 32.70 26.76
N VAL B 410 -23.79 33.34 26.38
CA VAL B 410 -23.08 32.99 25.15
C VAL B 410 -22.60 31.54 25.22
N THR B 411 -22.00 31.14 26.36
CA THR B 411 -21.74 29.74 26.65
C THR B 411 -22.53 29.34 27.90
N ASP B 412 -23.24 28.21 27.80
CA ASP B 412 -23.92 27.59 28.93
C ASP B 412 -22.89 26.78 29.72
N PHE B 413 -22.15 27.48 30.60
CA PHE B 413 -21.05 26.90 31.34
C PHE B 413 -21.53 25.80 32.29
N GLU B 414 -22.75 25.95 32.81
CA GLU B 414 -23.31 24.99 33.75
C GLU B 414 -23.41 23.62 33.07
N PHE B 415 -23.71 23.61 31.77
CA PHE B 415 -23.85 22.39 31.00
C PHE B 415 -22.50 21.88 30.49
N VAL B 416 -21.66 22.81 30.01
CA VAL B 416 -20.46 22.44 29.25
C VAL B 416 -19.35 21.98 30.19
N MET B 417 -19.08 22.73 31.26
CA MET B 417 -17.89 22.54 32.08
C MET B 417 -17.81 21.12 32.63
N PRO B 418 -18.90 20.52 33.17
CA PRO B 418 -18.87 19.13 33.64
C PRO B 418 -18.55 18.10 32.56
N ARG B 419 -18.73 18.47 31.29
CA ARG B 419 -18.52 17.56 30.17
C ARG B 419 -17.21 17.84 29.45
N ALA B 420 -16.49 18.89 29.87
CA ALA B 420 -15.43 19.48 29.06
C ALA B 420 -14.08 18.86 29.36
N GLY B 421 -13.89 18.32 30.57
CA GLY B 421 -12.56 17.99 31.05
C GLY B 421 -11.71 19.26 31.17
N GLY B 422 -10.39 19.09 31.23
CA GLY B 422 -9.47 20.20 31.42
C GLY B 422 -8.23 20.08 30.54
N GLY B 423 -7.37 21.11 30.60
CA GLY B 423 -6.06 21.06 29.98
C GLY B 423 -5.99 21.86 28.68
N ALA B 424 -7.16 22.19 28.09
CA ALA B 424 -7.21 22.71 26.74
C ALA B 424 -7.87 24.09 26.71
N PRO B 425 -7.36 25.05 25.91
CA PRO B 425 -7.94 26.39 25.84
C PRO B 425 -9.35 26.37 25.24
N MET B 426 -10.17 27.34 25.64
CA MET B 426 -11.57 27.37 25.23
C MET B 426 -11.84 28.61 24.40
N SER B 427 -12.72 28.42 23.41
CA SER B 427 -13.10 29.43 22.45
C SER B 427 -14.56 29.20 22.08
N ASN B 428 -15.39 30.25 22.10
CA ASN B 428 -16.82 30.07 21.86
C ASN B 428 -17.29 30.89 20.67
N GLY B 429 -16.36 31.33 19.81
CA GLY B 429 -16.73 32.00 18.59
C GLY B 429 -15.53 32.28 17.69
N LEU B 430 -15.79 32.71 16.45
CA LEU B 430 -14.80 33.28 15.56
C LEU B 430 -15.14 34.76 15.35
N ALA B 431 -14.13 35.54 14.97
CA ALA B 431 -14.35 36.93 14.60
C ALA B 431 -13.57 37.23 13.32
N HIS B 432 -14.16 38.07 12.47
CA HIS B 432 -13.49 38.62 11.31
C HIS B 432 -13.34 40.13 11.52
N LEU B 433 -12.09 40.61 11.55
CA LEU B 433 -11.81 42.03 11.61
C LEU B 433 -11.37 42.52 10.23
N ASN B 434 -12.08 43.53 9.71
CA ASN B 434 -11.59 44.34 8.61
C ASN B 434 -10.80 45.50 9.19
N HIS B 435 -9.50 45.58 8.88
CA HIS B 435 -8.59 46.53 9.51
C HIS B 435 -8.80 47.94 8.97
N GLU B 436 -9.29 48.08 7.73
CA GLU B 436 -9.54 49.38 7.15
C GLU B 436 -10.79 50.00 7.74
N THR B 437 -11.92 49.30 7.61
CA THR B 437 -13.22 49.82 8.02
C THR B 437 -13.37 49.75 9.54
N GLY B 438 -12.75 48.75 10.17
CA GLY B 438 -12.90 48.50 11.60
C GLY B 438 -14.09 47.59 11.92
N ASP B 439 -14.77 47.10 10.87
CA ASP B 439 -15.93 46.24 11.01
C ASP B 439 -15.52 44.88 11.56
N ILE B 440 -16.37 44.31 12.43
CA ILE B 440 -16.15 43.01 13.03
C ILE B 440 -17.43 42.20 12.90
N GLN B 441 -17.34 41.01 12.29
CA GLN B 441 -18.42 40.04 12.34
C GLN B 441 -18.00 38.93 13.32
N ARG B 442 -18.98 38.40 14.07
CA ARG B 442 -18.71 37.33 15.01
C ARG B 442 -19.61 36.13 14.71
N TYR B 443 -19.00 34.96 14.57
CA TYR B 443 -19.71 33.70 14.47
C TYR B 443 -19.80 33.07 15.84
N LEU B 444 -21.02 32.78 16.29
CA LEU B 444 -21.26 32.08 17.55
C LEU B 444 -21.97 30.76 17.25
N PRO B 445 -21.28 29.60 17.31
CA PRO B 445 -21.90 28.32 16.95
C PRO B 445 -23.09 27.95 17.83
N GLY B 446 -23.10 28.44 19.08
CA GLY B 446 -24.21 28.18 19.99
C GLY B 446 -23.75 28.04 21.43
N PRO B 447 -24.69 28.04 22.40
CA PRO B 447 -24.34 28.00 23.82
C PRO B 447 -23.67 26.72 24.30
N ARG B 448 -23.82 25.62 23.57
CA ARG B 448 -23.27 24.33 24.00
C ARG B 448 -22.25 23.82 22.98
N LYS B 449 -21.57 24.75 22.30
CA LYS B 449 -20.53 24.42 21.35
C LYS B 449 -19.34 25.34 21.54
N LEU B 450 -18.13 24.79 21.35
CA LEU B 450 -16.89 25.55 21.36
C LEU B 450 -16.15 25.32 20.04
N THR B 451 -15.18 26.18 19.73
CA THR B 451 -14.49 26.16 18.45
C THR B 451 -12.99 25.86 18.64
N GLY B 452 -12.36 25.40 17.56
CA GLY B 452 -10.91 25.35 17.43
C GLY B 452 -10.41 26.45 16.50
N GLU B 453 -9.16 26.31 16.05
CA GLU B 453 -8.55 27.26 15.14
C GLU B 453 -9.18 27.11 13.75
N CYS B 454 -9.45 28.24 13.11
CA CYS B 454 -10.11 28.23 11.80
C CYS B 454 -9.05 28.20 10.70
N ILE B 455 -9.50 27.91 9.48
CA ILE B 455 -8.72 28.12 8.27
C ILE B 455 -9.49 29.06 7.36
N PHE B 456 -8.75 29.75 6.50
CA PHE B 456 -9.33 30.59 5.46
C PHE B 456 -9.01 29.99 4.10
N ILE B 457 -10.02 29.97 3.21
CA ILE B 457 -9.91 29.44 1.87
C ILE B 457 -10.28 30.55 0.88
N PRO B 458 -9.36 31.01 0.01
CA PRO B 458 -9.72 31.94 -1.06
C PRO B 458 -10.86 31.36 -1.90
N ARG B 459 -11.83 32.21 -2.25
CA ARG B 459 -12.99 31.78 -3.03
C ARG B 459 -12.53 31.17 -4.36
N ASN B 460 -11.46 31.76 -4.92
CA ASN B 460 -10.85 31.30 -6.15
C ASN B 460 -9.53 32.07 -6.31
N SER B 461 -8.78 31.81 -7.37
CA SER B 461 -7.47 32.42 -7.54
C SER B 461 -7.56 33.92 -7.85
N GLU B 462 -8.77 34.43 -8.11
CA GLU B 462 -8.96 35.83 -8.46
C GLU B 462 -9.61 36.61 -7.31
N ALA B 463 -9.87 35.94 -6.18
CA ALA B 463 -10.61 36.56 -5.09
C ALA B 463 -9.78 37.65 -4.44
N ALA B 464 -10.49 38.65 -3.90
CA ALA B 464 -9.88 39.72 -3.12
C ALA B 464 -9.40 39.15 -1.78
N GLU B 465 -8.50 39.88 -1.13
CA GLU B 465 -7.99 39.49 0.17
C GLU B 465 -9.18 39.26 1.11
N GLY B 466 -9.19 38.09 1.78
CA GLY B 466 -10.16 37.81 2.82
C GLY B 466 -11.54 37.42 2.29
N ASP B 467 -11.65 37.24 0.97
CA ASP B 467 -12.91 36.84 0.36
C ASP B 467 -12.87 35.34 0.05
N GLY B 468 -13.78 34.59 0.68
CA GLY B 468 -13.86 33.17 0.46
C GLY B 468 -14.59 32.46 1.60
N TYR B 469 -14.03 31.34 2.04
CA TYR B 469 -14.70 30.49 3.02
C TYR B 469 -13.81 30.34 4.24
N VAL B 470 -14.47 30.15 5.40
CA VAL B 470 -13.79 29.85 6.64
C VAL B 470 -14.33 28.51 7.13
N MET B 471 -13.42 27.65 7.62
CA MET B 471 -13.82 26.37 8.20
C MET B 471 -13.31 26.32 9.63
N VAL B 472 -14.08 25.69 10.51
CA VAL B 472 -13.69 25.58 11.90
C VAL B 472 -14.32 24.32 12.48
N LEU B 473 -13.54 23.58 13.26
CA LEU B 473 -14.04 22.39 13.92
C LEU B 473 -14.72 22.79 15.23
N LEU B 474 -15.95 22.30 15.41
CA LEU B 474 -16.73 22.58 16.60
C LEU B 474 -16.77 21.35 17.49
N ALA B 475 -16.68 21.57 18.80
CA ALA B 475 -17.03 20.55 19.78
C ALA B 475 -18.48 20.80 20.21
N ASN B 476 -19.33 19.79 19.99
CA ASN B 476 -20.73 19.88 20.37
C ASN B 476 -20.93 19.07 21.66
N TYR B 477 -21.12 19.78 22.77
CA TYR B 477 -21.17 19.16 24.08
C TYR B 477 -22.55 18.54 24.32
N GLU B 478 -23.55 18.92 23.51
CA GLU B 478 -24.86 18.31 23.62
C GLU B 478 -24.81 16.87 23.10
N ASP B 479 -24.23 16.68 21.91
CA ASP B 479 -24.19 15.38 21.26
C ASP B 479 -22.93 14.62 21.66
N MET B 480 -21.96 15.32 22.25
CA MET B 480 -20.63 14.77 22.49
C MET B 480 -20.05 14.28 21.16
N CYS B 481 -20.16 15.14 20.14
CA CYS B 481 -19.67 14.88 18.80
C CYS B 481 -18.95 16.12 18.29
N SER B 482 -18.12 15.94 17.26
CA SER B 482 -17.49 17.05 16.58
C SER B 482 -18.26 17.38 15.30
N GLU B 483 -18.15 18.63 14.86
CA GLU B 483 -18.78 19.10 13.64
C GLU B 483 -17.79 20.02 12.93
N LEU B 484 -17.82 20.04 11.60
CA LEU B 484 -17.00 20.97 10.85
C LEU B 484 -17.90 21.98 10.15
N ALA B 485 -17.77 23.25 10.55
CA ALA B 485 -18.62 24.32 10.05
C ALA B 485 -17.93 25.00 8.88
N VAL B 486 -18.71 25.29 7.83
CA VAL B 486 -18.23 26.04 6.68
C VAL B 486 -18.99 27.36 6.62
N LEU B 487 -18.24 28.47 6.61
CA LEU B 487 -18.79 29.82 6.62
C LEU B 487 -18.33 30.54 5.35
N ASP B 488 -19.19 31.45 4.86
CA ASP B 488 -18.82 32.36 3.79
C ASP B 488 -18.43 33.69 4.44
N THR B 489 -17.33 34.30 3.98
CA THR B 489 -16.83 35.52 4.58
C THR B 489 -17.76 36.71 4.32
N LYS B 490 -18.70 36.58 3.36
CA LYS B 490 -19.69 37.60 3.10
C LYS B 490 -20.65 37.74 4.30
N ASP B 491 -20.89 36.63 5.01
CA ASP B 491 -21.70 36.66 6.22
C ASP B 491 -21.21 35.57 7.16
N LEU B 492 -20.31 35.95 8.08
CA LEU B 492 -19.63 34.98 8.92
C LEU B 492 -20.57 34.44 10.00
N THR B 493 -21.71 35.10 10.23
CA THR B 493 -22.64 34.70 11.27
C THR B 493 -23.43 33.46 10.87
N ASN B 494 -23.46 33.13 9.57
CA ASN B 494 -24.31 32.06 9.06
C ASN B 494 -23.45 30.88 8.59
N GLU B 495 -23.86 29.67 9.00
CA GLU B 495 -23.26 28.44 8.52
C GLU B 495 -23.86 28.08 7.16
N VAL B 496 -22.99 28.00 6.15
CA VAL B 496 -23.38 27.55 4.82
C VAL B 496 -23.53 26.03 4.85
N ALA B 497 -22.67 25.35 5.61
CA ALA B 497 -22.75 23.92 5.78
C ALA B 497 -22.27 23.53 7.18
N LEU B 498 -22.79 22.40 7.66
CA LEU B 498 -22.38 21.84 8.93
C LEU B 498 -22.16 20.35 8.73
N ILE B 499 -20.89 19.94 8.76
CA ILE B 499 -20.51 18.55 8.55
C ILE B 499 -20.53 17.83 9.90
N LYS B 500 -21.33 16.77 10.00
CA LYS B 500 -21.63 16.14 11.28
C LYS B 500 -20.81 14.87 11.43
N LEU B 501 -19.75 14.92 12.25
CA LEU B 501 -18.97 13.73 12.55
C LEU B 501 -19.72 12.92 13.60
N PRO B 502 -19.72 11.57 13.50
CA PRO B 502 -20.33 10.71 14.53
C PRO B 502 -19.43 10.38 15.71
N VAL B 503 -18.19 10.89 15.67
CA VAL B 503 -17.20 10.65 16.71
C VAL B 503 -16.71 12.01 17.22
N ARG B 504 -16.02 11.99 18.37
CA ARG B 504 -15.34 13.18 18.86
C ARG B 504 -13.96 13.25 18.25
N LEU B 505 -13.61 14.44 17.74
CA LEU B 505 -12.23 14.84 17.60
C LEU B 505 -11.86 15.71 18.79
N ARG B 506 -10.99 15.17 19.62
CA ARG B 506 -10.44 15.82 20.80
C ARG B 506 -9.98 17.23 20.42
N PRO B 507 -10.14 18.25 21.30
CA PRO B 507 -9.59 19.57 21.04
C PRO B 507 -8.14 19.47 20.56
N GLY B 508 -7.84 20.18 19.47
CA GLY B 508 -6.56 20.07 18.81
C GLY B 508 -5.83 21.41 18.80
N LEU B 509 -4.80 21.48 17.97
CA LEU B 509 -4.00 22.68 17.84
C LEU B 509 -4.17 23.19 16.40
N HIS B 510 -3.06 23.27 15.65
CA HIS B 510 -3.07 24.04 14.41
C HIS B 510 -3.48 23.16 13.23
N GLY B 511 -3.93 23.84 12.16
CA GLY B 511 -4.36 23.18 10.94
C GLY B 511 -4.16 24.10 9.74
N ASN B 512 -4.25 23.52 8.54
CA ASN B 512 -3.95 24.25 7.32
C ASN B 512 -4.79 23.73 6.16
N TRP B 513 -5.07 24.62 5.22
CA TRP B 513 -5.74 24.31 3.97
C TRP B 513 -4.69 24.10 2.88
N VAL B 514 -4.86 23.02 2.11
CA VAL B 514 -4.06 22.78 0.92
C VAL B 514 -5.03 22.73 -0.27
N ASP B 515 -5.03 23.79 -1.08
CA ASP B 515 -5.96 23.91 -2.19
C ASP B 515 -5.44 23.07 -3.36
N LYS B 516 -6.38 22.43 -4.07
CA LYS B 516 -6.05 21.56 -5.19
C LYS B 516 -5.44 22.37 -6.34
N SER B 517 -5.85 23.63 -6.47
CA SER B 517 -5.43 24.47 -7.58
C SER B 517 -4.00 24.99 -7.39
N ASP B 518 -3.42 24.80 -6.20
CA ASP B 518 -2.08 25.28 -5.91
C ASP B 518 -1.08 24.13 -6.01
N VAL B 519 -0.18 24.24 -6.99
CA VAL B 519 0.75 23.17 -7.33
C VAL B 519 1.69 22.88 -6.15
N ASP B 520 2.20 23.94 -5.49
CA ASP B 520 3.16 23.76 -4.40
C ASP B 520 2.43 23.76 -3.07
N GLY B 521 1.09 23.77 -3.09
CA GLY B 521 0.28 23.60 -1.89
C GLY B 521 -0.04 24.91 -1.16
N HIS B 522 0.52 26.02 -1.66
CA HIS B 522 0.39 27.31 -1.02
C HIS B 522 -0.23 28.30 -2.01
N PRO B 523 -1.10 29.22 -1.55
CA PRO B 523 -1.81 30.12 -2.46
C PRO B 523 -0.87 31.14 -3.11
N ALA B 524 -1.29 31.65 -4.27
CA ALA B 524 -0.51 32.57 -5.07
C ALA B 524 -0.59 33.97 -4.48
N PRO B 525 0.43 34.83 -4.67
CA PRO B 525 0.43 36.17 -4.07
C PRO B 525 -0.67 37.02 -4.71
N LEU B 526 -1.13 38.01 -3.94
CA LEU B 526 -2.26 38.84 -4.33
C LEU B 526 -1.78 39.84 -5.39
N PRO C 27 -36.62 16.79 -14.95
CA PRO C 27 -36.80 16.22 -16.29
C PRO C 27 -36.89 14.69 -16.24
N GLU C 28 -35.85 14.04 -15.68
CA GLU C 28 -35.82 12.59 -15.51
C GLU C 28 -34.80 12.23 -14.42
N GLU C 29 -34.98 12.80 -13.23
CA GLU C 29 -34.06 12.65 -12.12
C GLU C 29 -34.30 11.32 -11.39
N LEU C 30 -33.25 10.79 -10.77
CA LEU C 30 -33.36 9.69 -9.82
C LEU C 30 -33.99 10.17 -8.52
N PRO C 31 -34.57 9.28 -7.67
CA PRO C 31 -35.03 9.68 -6.34
C PRO C 31 -33.92 10.36 -5.55
N PRO C 32 -34.22 11.48 -4.83
CA PRO C 32 -33.16 12.30 -4.24
C PRO C 32 -32.42 11.53 -3.15
N ALA C 33 -31.09 11.66 -3.15
CA ALA C 33 -30.24 11.05 -2.13
C ALA C 33 -30.12 12.00 -0.95
N PRO C 34 -30.62 11.66 0.26
CA PRO C 34 -30.39 12.49 1.44
C PRO C 34 -28.90 12.55 1.77
N ARG C 35 -28.45 13.65 2.37
CA ARG C 35 -27.05 13.85 2.70
C ARG C 35 -26.80 13.68 4.20
N TYR C 36 -27.85 13.37 4.97
CA TYR C 36 -27.70 12.96 6.36
C TYR C 36 -28.82 11.98 6.70
N PHE C 37 -28.63 11.21 7.77
CA PHE C 37 -29.57 10.17 8.15
C PHE C 37 -30.76 10.79 8.88
N GLN C 38 -31.96 10.33 8.51
CA GLN C 38 -33.22 10.78 9.11
C GLN C 38 -34.09 9.56 9.35
N GLY C 39 -34.96 9.64 10.37
CA GLY C 39 -35.85 8.56 10.72
C GLY C 39 -35.38 7.81 11.96
N GLU C 40 -36.27 6.96 12.50
CA GLU C 40 -36.07 6.33 13.79
C GLU C 40 -35.00 5.25 13.70
N ASN C 41 -34.89 4.60 12.53
CA ASN C 41 -33.98 3.48 12.35
C ASN C 41 -32.52 3.94 12.34
N THR C 42 -32.28 5.26 12.31
CA THR C 42 -30.94 5.80 12.29
C THR C 42 -30.79 6.94 13.30
N ALA C 43 -31.60 6.92 14.37
CA ALA C 43 -31.56 7.95 15.40
C ALA C 43 -30.92 7.40 16.68
N GLY C 44 -30.35 8.30 17.48
CA GLY C 44 -29.79 7.95 18.77
C GLY C 44 -28.63 6.94 18.65
N PHE C 45 -28.74 5.82 19.37
CA PHE C 45 -27.69 4.82 19.37
C PHE C 45 -27.66 4.08 18.04
N MET C 46 -28.72 4.22 17.23
CA MET C 46 -28.80 3.55 15.94
C MET C 46 -28.20 4.42 14.83
N ARG C 47 -27.76 5.63 15.16
CA ARG C 47 -27.14 6.50 14.17
C ARG C 47 -25.85 5.85 13.64
N PRO C 48 -25.72 5.64 12.31
CA PRO C 48 -24.50 5.08 11.73
C PRO C 48 -23.26 5.91 12.07
N VAL C 49 -22.16 5.21 12.36
CA VAL C 49 -20.87 5.85 12.59
C VAL C 49 -20.05 5.73 11.31
N ARG C 50 -19.95 4.50 10.80
CA ARG C 50 -19.47 4.21 9.46
C ARG C 50 -17.96 4.35 9.38
N PHE C 51 -17.26 4.07 10.50
CA PHE C 51 -15.81 4.17 10.49
C PHE C 51 -15.22 2.82 10.11
N GLU C 52 -14.09 2.88 9.41
CA GLU C 52 -13.26 1.72 9.15
C GLU C 52 -11.84 2.02 9.64
N GLY C 53 -11.21 1.04 10.28
CA GLY C 53 -9.82 1.18 10.67
C GLY C 53 -9.52 0.44 11.97
N ASP C 54 -8.73 1.08 12.83
CA ASP C 54 -8.14 0.42 13.98
C ASP C 54 -8.28 1.30 15.23
N ILE C 55 -8.52 0.63 16.35
CA ILE C 55 -8.27 1.19 17.67
C ILE C 55 -7.54 0.11 18.47
N THR C 56 -6.23 0.28 18.66
CA THR C 56 -5.42 -0.67 19.37
C THR C 56 -5.43 -0.36 20.86
N ASN C 57 -5.10 -1.36 21.68
CA ASN C 57 -4.88 -1.19 23.11
C ASN C 57 -6.11 -0.56 23.75
N LEU C 58 -7.26 -1.23 23.63
CA LEU C 58 -8.50 -0.72 24.17
C LEU C 58 -8.39 -0.59 25.69
N GLU C 59 -9.04 0.45 26.23
CA GLU C 59 -9.12 0.66 27.67
C GLU C 59 -9.82 -0.52 28.32
N VAL C 60 -9.28 -0.99 29.45
CA VAL C 60 -9.85 -2.11 30.18
C VAL C 60 -10.00 -1.73 31.65
N VAL C 61 -11.21 -1.94 32.17
CA VAL C 61 -11.48 -1.93 33.60
C VAL C 61 -11.58 -3.39 34.03
N GLY C 62 -10.89 -3.73 35.13
CA GLY C 62 -10.71 -5.11 35.53
C GLY C 62 -9.49 -5.71 34.82
N GLU C 63 -9.56 -7.01 34.50
CA GLU C 63 -8.42 -7.72 33.97
C GLU C 63 -8.91 -8.82 33.03
N ILE C 64 -8.45 -8.77 31.77
CA ILE C 64 -8.75 -9.82 30.82
C ILE C 64 -7.85 -11.01 31.15
N PRO C 65 -8.41 -12.21 31.41
CA PRO C 65 -7.61 -13.42 31.63
C PRO C 65 -6.56 -13.58 30.54
N LYS C 66 -5.29 -13.76 30.95
CA LYS C 66 -4.17 -13.71 30.03
C LYS C 66 -4.10 -14.98 29.18
N SER C 67 -4.82 -16.03 29.57
CA SER C 67 -4.84 -17.27 28.81
C SER C 67 -5.72 -17.16 27.56
N ILE C 68 -6.64 -16.17 27.53
CA ILE C 68 -7.51 -15.99 26.37
C ILE C 68 -6.68 -15.52 25.18
N GLU C 69 -6.73 -16.27 24.08
CA GLU C 69 -6.03 -15.90 22.87
C GLU C 69 -6.87 -16.28 21.65
N GLY C 70 -7.24 -15.27 20.86
CA GLY C 70 -8.08 -15.46 19.69
C GLY C 70 -8.80 -14.17 19.31
N THR C 71 -9.81 -14.29 18.44
CA THR C 71 -10.50 -13.12 17.91
C THR C 71 -12.02 -13.31 17.98
N PHE C 72 -12.69 -12.27 18.46
CA PHE C 72 -14.14 -12.18 18.42
C PHE C 72 -14.53 -11.36 17.19
N TYR C 73 -15.15 -12.03 16.21
CA TYR C 73 -15.67 -11.36 15.03
C TYR C 73 -17.18 -11.20 15.17
N ARG C 74 -17.69 -9.99 14.89
CA ARG C 74 -19.12 -9.78 14.80
C ARG C 74 -19.42 -8.83 13.64
N VAL C 75 -20.64 -8.94 13.12
CA VAL C 75 -21.07 -8.11 12.00
C VAL C 75 -22.29 -7.31 12.44
N MET C 76 -22.35 -6.06 11.99
CA MET C 76 -23.52 -5.22 12.18
C MET C 76 -23.96 -4.67 10.82
N PRO C 77 -25.28 -4.56 10.57
CA PRO C 77 -25.78 -3.73 9.49
C PRO C 77 -25.46 -2.28 9.84
N GLU C 78 -24.89 -1.54 8.89
CA GLU C 78 -24.60 -0.13 9.11
C GLU C 78 -24.58 0.60 7.77
N PRO C 79 -25.67 1.29 7.39
CA PRO C 79 -25.75 1.96 6.10
C PRO C 79 -24.56 2.88 5.89
N HIS C 80 -23.85 2.68 4.78
CA HIS C 80 -22.71 3.52 4.43
C HIS C 80 -23.19 4.86 3.89
N LEU C 81 -24.34 4.84 3.21
CA LEU C 81 -24.94 6.04 2.63
C LEU C 81 -26.41 6.10 3.00
N PRO C 82 -27.01 7.29 3.22
CA PRO C 82 -28.43 7.40 3.49
C PRO C 82 -29.26 6.80 2.36
N SER C 83 -30.21 5.93 2.72
CA SER C 83 -31.08 5.29 1.75
C SER C 83 -32.03 6.32 1.13
N PHE C 84 -32.46 6.05 -0.11
CA PHE C 84 -33.54 6.82 -0.71
C PHE C 84 -34.89 6.21 -0.34
N ILE C 85 -34.86 4.99 0.24
CA ILE C 85 -36.03 4.33 0.79
C ILE C 85 -36.27 4.87 2.20
N PRO C 86 -37.43 5.51 2.51
CA PRO C 86 -37.74 5.92 3.87
C PRO C 86 -37.97 4.72 4.79
N ASN C 87 -37.47 4.83 6.03
CA ASN C 87 -37.62 3.80 7.05
C ASN C 87 -37.15 2.45 6.52
N ASP C 88 -35.96 2.45 5.90
CA ASP C 88 -35.34 1.22 5.43
C ASP C 88 -35.06 0.36 6.65
N PRO C 89 -35.52 -0.92 6.70
CA PRO C 89 -35.27 -1.77 7.86
C PRO C 89 -33.79 -2.00 8.16
N TRP C 90 -33.55 -2.26 9.45
CA TRP C 90 -32.24 -2.52 10.02
C TRP C 90 -31.49 -3.60 9.24
N PHE C 91 -32.20 -4.66 8.81
CA PHE C 91 -31.60 -5.78 8.12
C PHE C 91 -31.03 -5.41 6.74
N ASN C 92 -31.21 -4.18 6.26
CA ASN C 92 -30.81 -3.84 4.90
C ASN C 92 -29.54 -2.98 4.89
N GLY C 93 -28.89 -2.82 6.05
CA GLY C 93 -27.68 -2.03 6.15
C GLY C 93 -26.42 -2.79 5.73
N ASP C 94 -25.45 -2.07 5.17
CA ASP C 94 -24.20 -2.67 4.70
C ASP C 94 -23.47 -3.34 5.87
N GLY C 95 -22.97 -4.56 5.61
CA GLY C 95 -22.26 -5.33 6.62
C GLY C 95 -20.91 -4.71 6.96
N ASN C 96 -20.72 -4.40 8.25
CA ASN C 96 -19.48 -3.86 8.77
C ASN C 96 -18.94 -4.85 9.80
N ILE C 97 -17.71 -5.34 9.59
CA ILE C 97 -17.13 -6.39 10.41
C ILE C 97 -16.24 -5.77 11.49
N SER C 98 -16.46 -6.20 12.74
CA SER C 98 -15.59 -5.88 13.86
C SER C 98 -14.78 -7.12 14.23
N GLY C 99 -13.49 -6.92 14.48
CA GLY C 99 -12.65 -7.96 15.05
C GLY C 99 -11.99 -7.47 16.33
N PHE C 100 -12.16 -8.22 17.42
CA PHE C 100 -11.48 -7.94 18.67
C PHE C 100 -10.40 -8.99 18.88
N TYR C 101 -9.13 -8.58 18.75
CA TYR C 101 -7.99 -9.48 18.77
C TYR C 101 -7.40 -9.50 20.19
N PHE C 102 -7.44 -10.67 20.84
CA PHE C 102 -7.02 -10.81 22.22
C PHE C 102 -5.70 -11.57 22.30
N LYS C 103 -4.76 -11.04 23.10
CA LYS C 103 -3.57 -11.77 23.49
C LYS C 103 -2.98 -11.17 24.77
N ASP C 104 -2.60 -12.05 25.72
CA ASP C 104 -1.88 -11.69 26.93
C ASP C 104 -2.58 -10.55 27.67
N GLY C 105 -3.91 -10.56 27.67
CA GLY C 105 -4.68 -9.59 28.43
C GLY C 105 -4.80 -8.22 27.74
N HIS C 106 -4.30 -8.10 26.50
CA HIS C 106 -4.47 -6.90 25.69
C HIS C 106 -5.45 -7.21 24.55
N VAL C 107 -6.14 -6.17 24.06
CA VAL C 107 -7.12 -6.33 23.00
C VAL C 107 -7.08 -5.14 22.05
N ASP C 108 -7.14 -5.43 20.74
CA ASP C 108 -7.21 -4.44 19.69
C ASP C 108 -8.49 -4.63 18.89
N LEU C 109 -9.04 -3.51 18.39
CA LEU C 109 -10.19 -3.55 17.50
C LEU C 109 -9.75 -3.23 16.08
N LYS C 110 -10.21 -4.03 15.13
CA LYS C 110 -10.17 -3.70 13.71
C LYS C 110 -11.59 -3.74 13.16
N GLN C 111 -11.90 -2.81 12.26
CA GLN C 111 -13.25 -2.58 11.78
C GLN C 111 -13.21 -2.29 10.28
N ARG C 112 -13.99 -3.03 9.48
CA ARG C 112 -13.99 -2.81 8.04
C ARG C 112 -15.27 -3.32 7.38
N TYR C 113 -15.80 -2.51 6.46
CA TYR C 113 -16.94 -2.90 5.64
C TYR C 113 -16.58 -4.02 4.67
N VAL C 114 -17.52 -4.95 4.47
CA VAL C 114 -17.42 -5.91 3.39
C VAL C 114 -17.58 -5.18 2.06
N ARG C 115 -16.68 -5.44 1.12
CA ARG C 115 -16.74 -4.86 -0.22
C ARG C 115 -17.71 -5.66 -1.09
N THR C 116 -19.00 -5.58 -0.77
CA THR C 116 -20.05 -6.14 -1.60
C THR C 116 -20.15 -5.33 -2.89
N GLU C 117 -20.83 -5.90 -3.89
CA GLU C 117 -21.13 -5.17 -5.12
C GLU C 117 -21.88 -3.87 -4.76
N LYS C 118 -22.87 -4.00 -3.87
CA LYS C 118 -23.64 -2.86 -3.40
C LYS C 118 -22.71 -1.78 -2.84
N PHE C 119 -21.83 -2.18 -1.90
CA PHE C 119 -20.96 -1.22 -1.23
C PHE C 119 -20.08 -0.49 -2.25
N VAL C 120 -19.47 -1.25 -3.16
CA VAL C 120 -18.49 -0.71 -4.08
C VAL C 120 -19.18 0.26 -5.05
N ARG C 121 -20.33 -0.13 -5.61
CA ARG C 121 -20.97 0.68 -6.63
C ARG C 121 -21.57 1.94 -6.01
N GLU C 122 -22.12 1.83 -4.80
CA GLU C 122 -22.67 2.99 -4.11
C GLU C 122 -21.53 3.93 -3.67
N ALA C 123 -20.36 3.37 -3.34
CA ALA C 123 -19.21 4.19 -3.00
C ALA C 123 -18.72 4.97 -4.22
N GLU C 124 -18.72 4.34 -5.40
CA GLU C 124 -18.35 5.01 -6.65
C GLU C 124 -19.30 6.18 -6.93
N ALA C 125 -20.60 5.93 -6.79
CA ALA C 125 -21.62 6.92 -7.13
C ALA C 125 -21.79 7.96 -6.02
N ARG C 126 -21.34 7.62 -4.80
CA ARG C 126 -21.53 8.45 -3.61
C ARG C 126 -23.01 8.69 -3.36
N ARG C 127 -23.83 7.66 -3.59
CA ARG C 127 -25.24 7.70 -3.25
C ARG C 127 -25.79 6.27 -3.24
N SER C 128 -26.92 6.08 -2.55
CA SER C 128 -27.55 4.77 -2.50
C SER C 128 -28.20 4.45 -3.85
N LEU C 129 -28.15 3.17 -4.20
CA LEU C 129 -28.62 2.68 -5.49
C LEU C 129 -29.54 1.47 -5.28
N LEU C 130 -29.21 0.63 -4.30
CA LEU C 130 -30.03 -0.52 -3.95
C LEU C 130 -31.28 -0.03 -3.21
N GLY C 131 -32.42 -0.63 -3.55
CA GLY C 131 -33.70 -0.20 -3.02
C GLY C 131 -34.12 -1.01 -1.80
N LYS C 132 -35.36 -1.52 -1.84
CA LYS C 132 -35.96 -2.18 -0.69
C LYS C 132 -35.34 -3.54 -0.47
N TYR C 133 -35.45 -4.01 0.78
CA TYR C 133 -34.96 -5.31 1.19
C TYR C 133 -35.46 -6.39 0.23
N ARG C 134 -34.50 -7.06 -0.42
CA ARG C 134 -34.75 -8.24 -1.25
C ARG C 134 -35.78 -7.95 -2.34
N ASN C 135 -35.80 -6.74 -2.88
CA ASN C 135 -36.71 -6.40 -3.98
C ASN C 135 -35.94 -5.67 -5.08
N ARG C 136 -35.46 -6.46 -6.05
CA ARG C 136 -34.62 -5.93 -7.12
C ARG C 136 -35.41 -4.98 -8.03
N TYR C 137 -36.75 -5.04 -7.99
CA TYR C 137 -37.56 -4.18 -8.85
C TYR C 137 -37.55 -2.73 -8.37
N THR C 138 -36.97 -2.46 -7.18
CA THR C 138 -36.88 -1.11 -6.66
C THR C 138 -35.47 -0.55 -6.77
N ASP C 139 -34.51 -1.32 -7.29
CA ASP C 139 -33.13 -0.88 -7.44
C ASP C 139 -33.03 0.15 -8.56
N LEU C 140 -32.09 1.09 -8.43
CA LEU C 140 -31.89 2.13 -9.43
C LEU C 140 -30.93 1.68 -10.53
N VAL C 141 -30.18 0.59 -10.28
CA VAL C 141 -29.35 -0.03 -11.28
C VAL C 141 -29.49 -1.54 -11.13
N GLU C 142 -29.03 -2.28 -12.13
CA GLU C 142 -29.14 -3.73 -12.11
C GLU C 142 -27.93 -4.30 -11.36
N PHE C 143 -28.21 -5.00 -10.25
CA PHE C 143 -27.17 -5.67 -9.47
C PHE C 143 -27.13 -7.14 -9.84
N LYS C 144 -25.92 -7.69 -9.92
CA LYS C 144 -25.70 -9.13 -10.07
C LYS C 144 -25.86 -9.78 -8.71
N ILE C 145 -25.21 -9.22 -7.68
CA ILE C 145 -25.28 -9.70 -6.31
C ILE C 145 -25.83 -8.57 -5.44
N ARG C 146 -26.84 -8.86 -4.62
CA ARG C 146 -27.49 -7.82 -3.84
C ARG C 146 -27.12 -7.90 -2.36
N SER C 147 -26.18 -8.80 -2.01
CA SER C 147 -25.80 -9.03 -0.62
C SER C 147 -25.33 -7.74 0.06
N THR C 148 -25.74 -7.58 1.31
CA THR C 148 -25.15 -6.63 2.23
C THR C 148 -24.18 -7.35 3.18
N ALA C 149 -24.17 -8.69 3.14
CA ALA C 149 -23.24 -9.52 3.89
C ALA C 149 -23.22 -9.11 5.36
N ASN C 150 -24.40 -9.01 5.99
CA ASN C 150 -24.52 -8.27 7.24
C ASN C 150 -25.10 -9.11 8.38
N THR C 151 -25.22 -10.43 8.19
CA THR C 151 -25.98 -11.23 9.13
C THR C 151 -25.07 -12.05 10.04
N ASN C 152 -24.06 -12.71 9.47
CA ASN C 152 -23.17 -13.55 10.24
C ASN C 152 -21.78 -13.49 9.62
N ILE C 153 -20.78 -13.86 10.41
CA ILE C 153 -19.38 -13.86 10.01
C ILE C 153 -18.73 -15.08 10.64
N VAL C 154 -18.34 -16.04 9.80
CA VAL C 154 -17.86 -17.33 10.28
C VAL C 154 -16.48 -17.61 9.70
N TYR C 155 -15.79 -18.57 10.30
CA TYR C 155 -14.45 -18.94 9.88
C TYR C 155 -14.52 -20.28 9.15
N TRP C 156 -13.89 -20.34 7.98
CA TRP C 156 -13.85 -21.58 7.20
C TRP C 156 -12.57 -21.64 6.39
N ARG C 157 -11.73 -22.64 6.71
CA ARG C 157 -10.53 -22.95 5.96
C ARG C 157 -9.71 -21.69 5.67
N GLY C 158 -9.39 -20.94 6.73
CA GLY C 158 -8.42 -19.85 6.63
C GLY C 158 -9.01 -18.53 6.16
N GLN C 159 -10.32 -18.48 5.91
CA GLN C 159 -11.00 -17.26 5.52
C GLN C 159 -12.17 -16.99 6.47
N LEU C 160 -12.59 -15.72 6.51
CA LEU C 160 -13.90 -15.37 7.03
C LEU C 160 -14.89 -15.44 5.88
N LEU C 161 -16.11 -15.88 6.19
CA LEU C 161 -17.23 -15.82 5.26
C LEU C 161 -18.28 -14.90 5.85
N ALA C 162 -18.55 -13.78 5.16
CA ALA C 162 -19.57 -12.83 5.56
C ALA C 162 -20.88 -13.21 4.86
N LEU C 163 -21.93 -13.47 5.66
CA LEU C 163 -23.07 -14.22 5.19
C LEU C 163 -24.32 -13.34 5.10
N LYS C 164 -25.14 -13.62 4.08
CA LYS C 164 -26.44 -13.03 3.89
C LYS C 164 -27.29 -14.00 3.08
N GLU C 165 -28.47 -14.37 3.60
CA GLU C 165 -29.17 -15.56 3.17
C GLU C 165 -29.76 -15.42 1.76
N ASP C 166 -29.69 -14.24 1.15
CA ASP C 166 -30.16 -14.04 -0.22
C ASP C 166 -29.04 -14.20 -1.24
N SER C 167 -27.85 -14.63 -0.81
CA SER C 167 -26.65 -14.47 -1.62
C SER C 167 -25.61 -15.54 -1.27
N PRO C 168 -24.58 -15.72 -2.12
CA PRO C 168 -23.39 -16.49 -1.73
C PRO C 168 -22.62 -15.72 -0.66
N PRO C 169 -21.67 -16.37 0.05
CA PRO C 169 -20.83 -15.68 1.03
C PRO C 169 -19.84 -14.74 0.33
N TYR C 170 -19.36 -13.74 1.10
CA TYR C 170 -18.20 -12.97 0.72
C TYR C 170 -17.02 -13.43 1.58
N ALA C 171 -15.90 -13.76 0.91
CA ALA C 171 -14.70 -14.24 1.59
C ALA C 171 -13.84 -13.04 2.01
N MET C 172 -13.25 -13.13 3.21
CA MET C 172 -12.48 -12.04 3.78
C MET C 172 -11.24 -12.60 4.50
N ASP C 173 -10.22 -11.75 4.62
CA ASP C 173 -8.97 -12.08 5.31
C ASP C 173 -9.19 -11.94 6.82
N PRO C 174 -8.94 -12.99 7.63
CA PRO C 174 -9.15 -12.90 9.09
C PRO C 174 -8.28 -11.86 9.80
N GLU C 175 -7.11 -11.55 9.21
CA GLU C 175 -6.12 -10.71 9.85
C GLU C 175 -6.37 -9.23 9.53
N THR C 176 -6.66 -8.93 8.25
CA THR C 176 -6.76 -7.54 7.79
C THR C 176 -8.20 -7.12 7.50
N LEU C 177 -9.12 -8.10 7.40
CA LEU C 177 -10.51 -7.87 7.03
C LEU C 177 -10.63 -7.33 5.61
N GLU C 178 -9.61 -7.55 4.78
CA GLU C 178 -9.70 -7.31 3.35
C GLU C 178 -10.77 -8.25 2.79
N THR C 179 -11.56 -7.75 1.84
CA THR C 179 -12.54 -8.57 1.13
C THR C 179 -11.88 -9.17 -0.12
N PHE C 180 -11.87 -10.50 -0.22
CA PHE C 180 -11.37 -11.17 -1.41
C PHE C 180 -12.42 -11.12 -2.52
N GLY C 181 -13.69 -11.34 -2.18
CA GLY C 181 -14.78 -11.24 -3.12
C GLY C 181 -15.85 -12.30 -2.85
N VAL C 182 -16.89 -12.33 -3.71
CA VAL C 182 -17.94 -13.32 -3.60
C VAL C 182 -17.30 -14.71 -3.76
N TYR C 183 -17.72 -15.66 -2.94
CA TYR C 183 -17.05 -16.94 -2.81
C TYR C 183 -17.98 -18.07 -3.26
N ASP C 184 -17.48 -18.95 -4.14
CA ASP C 184 -18.30 -20.04 -4.69
C ASP C 184 -17.65 -21.39 -4.46
N PHE C 185 -16.76 -21.49 -3.44
CA PHE C 185 -16.17 -22.74 -3.03
C PHE C 185 -15.53 -23.47 -4.22
N ASP C 186 -14.67 -22.75 -4.96
CA ASP C 186 -13.94 -23.30 -6.09
C ASP C 186 -14.90 -23.82 -7.15
N GLY C 187 -15.97 -23.04 -7.41
CA GLY C 187 -16.95 -23.36 -8.44
C GLY C 187 -17.88 -24.52 -8.07
N GLN C 188 -17.88 -24.95 -6.80
CA GLN C 188 -18.69 -26.07 -6.37
C GLN C 188 -20.05 -25.65 -5.83
N LEU C 189 -20.23 -24.36 -5.52
CA LEU C 189 -21.45 -23.91 -4.88
C LEU C 189 -22.64 -24.15 -5.82
N PRO C 190 -23.61 -25.02 -5.43
CA PRO C 190 -24.72 -25.36 -6.31
C PRO C 190 -25.92 -24.42 -6.26
N SER C 191 -25.93 -23.52 -5.28
CA SER C 191 -27.09 -22.71 -4.93
C SER C 191 -26.81 -21.23 -5.19
N LEU C 192 -27.85 -20.46 -5.50
CA LEU C 192 -27.75 -19.01 -5.58
C LEU C 192 -27.64 -18.39 -4.18
N THR C 193 -27.96 -19.17 -3.14
CA THR C 193 -28.12 -18.64 -1.79
C THR C 193 -27.37 -19.51 -0.80
N PHE C 194 -26.89 -18.87 0.28
CA PHE C 194 -26.14 -19.53 1.32
C PHE C 194 -26.64 -19.02 2.66
N THR C 195 -27.12 -19.93 3.51
CA THR C 195 -27.70 -19.58 4.80
C THR C 195 -26.71 -18.77 5.64
N ALA C 196 -27.26 -17.92 6.51
CA ALA C 196 -26.46 -17.17 7.46
C ALA C 196 -26.14 -18.03 8.70
N HIS C 197 -26.70 -19.24 8.77
CA HIS C 197 -26.53 -20.08 9.94
C HIS C 197 -26.06 -21.48 9.55
N PRO C 198 -24.86 -21.63 8.93
CA PRO C 198 -24.28 -22.94 8.70
C PRO C 198 -23.91 -23.55 10.04
N LYS C 199 -23.80 -24.88 10.07
CA LYS C 199 -23.43 -25.60 11.29
C LYS C 199 -22.10 -26.30 11.07
N PHE C 200 -21.29 -26.34 12.12
CA PHE C 200 -19.98 -26.97 12.07
C PHE C 200 -20.02 -28.21 12.95
N ASP C 201 -19.87 -29.39 12.31
CA ASP C 201 -19.85 -30.64 13.03
C ASP C 201 -18.50 -30.80 13.71
N PRO C 202 -18.45 -30.87 15.06
CA PRO C 202 -17.17 -30.95 15.76
C PRO C 202 -16.44 -32.28 15.56
N VAL C 203 -17.17 -33.33 15.13
CA VAL C 203 -16.58 -34.65 14.96
C VAL C 203 -16.09 -34.81 13.52
N THR C 204 -16.95 -34.55 12.53
CA THR C 204 -16.59 -34.79 11.13
C THR C 204 -15.85 -33.60 10.54
N ARG C 205 -15.93 -32.44 11.21
CA ARG C 205 -15.29 -31.20 10.78
C ARG C 205 -15.93 -30.70 9.47
N GLU C 206 -17.18 -31.10 9.21
CA GLU C 206 -17.91 -30.64 8.04
C GLU C 206 -18.57 -29.30 8.35
N MET C 207 -18.71 -28.47 7.31
CA MET C 207 -19.62 -27.34 7.35
C MET C 207 -20.90 -27.74 6.64
N VAL C 208 -22.03 -27.72 7.38
CA VAL C 208 -23.32 -28.15 6.86
C VAL C 208 -24.14 -26.91 6.55
N CYS C 209 -24.65 -26.83 5.32
CA CYS C 209 -25.22 -25.61 4.77
C CYS C 209 -26.55 -25.89 4.07
N PHE C 210 -27.24 -24.81 3.73
CA PHE C 210 -28.35 -24.87 2.79
C PHE C 210 -28.58 -23.46 2.24
N GLY C 211 -29.44 -23.38 1.24
CA GLY C 211 -30.02 -22.13 0.79
C GLY C 211 -31.48 -22.32 0.40
N TYR C 212 -32.32 -21.34 0.73
CA TYR C 212 -33.71 -21.34 0.28
C TYR C 212 -33.84 -20.23 -0.77
N GLU C 213 -34.99 -20.21 -1.46
CA GLU C 213 -35.13 -19.45 -2.69
C GLU C 213 -33.90 -19.70 -3.57
N ALA C 214 -33.53 -20.99 -3.66
CA ALA C 214 -32.22 -21.37 -4.15
C ALA C 214 -32.11 -21.23 -5.67
N LYS C 215 -33.25 -21.02 -6.36
CA LYS C 215 -33.23 -20.80 -7.79
C LYS C 215 -33.75 -19.41 -8.15
N GLY C 216 -33.88 -18.52 -7.16
CA GLY C 216 -34.24 -17.14 -7.43
C GLY C 216 -35.45 -16.69 -6.62
N ASP C 217 -35.83 -15.42 -6.83
CA ASP C 217 -36.93 -14.78 -6.12
C ASP C 217 -38.18 -15.67 -6.18
N GLY C 218 -38.73 -15.97 -5.01
CA GLY C 218 -40.05 -16.58 -4.92
C GLY C 218 -40.06 -18.09 -5.17
N THR C 219 -38.91 -18.69 -5.48
CA THR C 219 -38.83 -20.13 -5.73
C THR C 219 -38.93 -20.88 -4.40
N ARG C 220 -39.51 -22.08 -4.45
CA ARG C 220 -39.71 -22.91 -3.27
C ARG C 220 -38.57 -23.92 -3.14
N ASP C 221 -37.55 -23.77 -3.99
CA ASP C 221 -36.43 -24.69 -4.02
C ASP C 221 -35.51 -24.45 -2.83
N ILE C 222 -35.21 -25.53 -2.10
CA ILE C 222 -34.19 -25.55 -1.07
C ILE C 222 -33.05 -26.43 -1.57
N CYS C 223 -31.82 -25.93 -1.44
CA CYS C 223 -30.64 -26.74 -1.73
C CYS C 223 -29.89 -26.99 -0.44
N TYR C 224 -29.82 -28.27 -0.04
CA TYR C 224 -29.05 -28.71 1.12
C TYR C 224 -27.70 -29.21 0.63
N TYR C 225 -26.61 -28.70 1.22
CA TYR C 225 -25.27 -29.09 0.79
C TYR C 225 -24.30 -28.98 1.96
N SER C 226 -23.20 -29.73 1.87
CA SER C 226 -22.18 -29.76 2.90
C SER C 226 -20.80 -29.76 2.26
N PHE C 227 -19.80 -29.34 3.05
CA PHE C 227 -18.41 -29.33 2.63
C PHE C 227 -17.59 -30.06 3.68
N GLY C 228 -16.76 -31.01 3.22
CA GLY C 228 -15.81 -31.68 4.10
C GLY C 228 -14.68 -30.74 4.50
N PRO C 229 -13.87 -31.11 5.52
CA PRO C 229 -12.78 -30.23 5.99
C PRO C 229 -11.71 -29.92 4.95
N ASP C 230 -11.62 -30.77 3.91
CA ASP C 230 -10.69 -30.57 2.81
C ASP C 230 -11.25 -29.59 1.78
N GLY C 231 -12.50 -29.14 1.95
CA GLY C 231 -13.09 -28.13 1.09
C GLY C 231 -13.93 -28.71 -0.06
N LYS C 232 -14.00 -30.04 -0.18
CA LYS C 232 -14.76 -30.68 -1.23
C LYS C 232 -16.23 -30.78 -0.81
N ILE C 233 -17.13 -30.53 -1.77
CA ILE C 233 -18.55 -30.67 -1.51
C ILE C 233 -18.86 -32.14 -1.30
N ALA C 234 -19.74 -32.42 -0.33
CA ALA C 234 -20.16 -33.77 -0.02
C ALA C 234 -21.61 -33.97 -0.44
N GLU C 235 -22.55 -33.54 0.41
CA GLU C 235 -23.97 -33.64 0.12
C GLU C 235 -24.39 -32.54 -0.85
N THR C 236 -25.33 -32.86 -1.74
CA THR C 236 -26.11 -31.87 -2.48
C THR C 236 -27.47 -32.45 -2.79
N VAL C 237 -28.51 -31.96 -2.09
CA VAL C 237 -29.87 -32.46 -2.25
C VAL C 237 -30.79 -31.28 -2.52
N TRP C 238 -31.53 -31.35 -3.62
CA TRP C 238 -32.57 -30.38 -3.93
C TRP C 238 -33.92 -30.87 -3.40
N LEU C 239 -34.61 -30.03 -2.64
CA LEU C 239 -35.94 -30.36 -2.16
C LEU C 239 -36.85 -29.14 -2.36
N VAL C 240 -38.13 -29.33 -2.03
CA VAL C 240 -39.16 -28.33 -2.30
C VAL C 240 -39.85 -27.99 -0.99
N SER C 241 -39.97 -26.67 -0.74
CA SER C 241 -40.68 -26.14 0.41
C SER C 241 -42.18 -26.18 0.12
N PRO C 242 -43.06 -26.42 1.11
CA PRO C 242 -44.51 -26.37 0.87
C PRO C 242 -45.01 -24.97 0.53
N VAL C 243 -44.35 -23.95 1.11
CA VAL C 243 -44.59 -22.56 0.76
C VAL C 243 -43.23 -21.89 0.54
N CYS C 244 -43.23 -20.75 -0.17
CA CYS C 244 -42.02 -19.93 -0.26
C CYS C 244 -41.93 -19.08 1.01
N GLY C 245 -41.46 -19.71 2.08
CA GLY C 245 -41.33 -19.08 3.38
C GLY C 245 -39.86 -18.93 3.76
N MET C 246 -39.61 -18.06 4.73
CA MET C 246 -38.26 -17.74 5.16
C MET C 246 -37.74 -18.87 6.06
N ILE C 247 -36.61 -19.46 5.64
CA ILE C 247 -35.90 -20.43 6.46
C ILE C 247 -34.59 -19.81 6.90
N HIS C 248 -34.63 -19.09 8.03
CA HIS C 248 -33.52 -18.29 8.51
C HIS C 248 -32.44 -19.18 9.13
N ASP C 249 -32.87 -20.15 9.94
CA ASP C 249 -31.94 -21.00 10.66
C ASP C 249 -32.33 -22.45 10.38
N PHE C 250 -31.44 -23.37 10.73
CA PHE C 250 -31.76 -24.79 10.63
C PHE C 250 -30.97 -25.54 11.70
N ALA C 251 -31.17 -26.86 11.76
CA ALA C 251 -30.57 -27.68 12.79
C ALA C 251 -30.00 -28.94 12.16
N VAL C 252 -28.95 -29.45 12.77
CA VAL C 252 -28.24 -30.63 12.27
C VAL C 252 -28.03 -31.58 13.44
N THR C 253 -28.40 -32.84 13.23
CA THR C 253 -28.10 -33.92 14.16
C THR C 253 -27.17 -34.90 13.46
N GLU C 254 -26.84 -36.00 14.14
CA GLU C 254 -25.96 -37.01 13.56
C GLU C 254 -26.51 -37.52 12.23
N ASN C 255 -27.83 -37.72 12.15
CA ASN C 255 -28.42 -38.41 11.01
C ASN C 255 -29.46 -37.57 10.26
N PHE C 256 -29.79 -36.37 10.76
CA PHE C 256 -30.87 -35.58 10.17
C PHE C 256 -30.49 -34.11 10.06
N VAL C 257 -31.12 -33.43 9.10
CA VAL C 257 -31.12 -31.97 9.03
C VAL C 257 -32.58 -31.49 9.07
N ILE C 258 -32.81 -30.37 9.76
CA ILE C 258 -34.14 -29.92 10.11
C ILE C 258 -34.30 -28.46 9.67
N PHE C 259 -35.39 -28.17 8.94
CA PHE C 259 -35.64 -26.87 8.34
C PHE C 259 -36.92 -26.25 8.89
N PRO C 260 -36.87 -25.43 9.96
CA PRO C 260 -38.05 -24.72 10.44
C PRO C 260 -38.37 -23.51 9.57
N ILE C 261 -39.63 -23.41 9.11
CA ILE C 261 -40.07 -22.35 8.22
C ILE C 261 -40.86 -21.31 9.00
N ILE C 262 -40.38 -20.06 8.93
CA ILE C 262 -41.08 -18.93 9.49
C ILE C 262 -42.24 -18.59 8.54
N PRO C 263 -43.48 -18.40 9.06
CA PRO C 263 -44.61 -18.00 8.23
C PRO C 263 -44.55 -16.59 7.61
N LEU C 264 -43.35 -16.15 7.23
CA LEU C 264 -43.20 -15.04 6.30
C LEU C 264 -43.13 -15.62 4.89
N VAL C 265 -43.98 -15.10 3.99
CA VAL C 265 -44.15 -15.73 2.69
C VAL C 265 -43.90 -14.69 1.60
N CYS C 266 -43.31 -15.13 0.48
CA CYS C 266 -42.91 -14.26 -0.61
C CYS C 266 -43.85 -14.44 -1.80
N ASP C 267 -44.32 -13.31 -2.35
CA ASP C 267 -45.07 -13.26 -3.60
C ASP C 267 -44.37 -12.29 -4.55
N VAL C 268 -43.88 -12.80 -5.68
CA VAL C 268 -43.08 -12.01 -6.61
C VAL C 268 -43.95 -10.93 -7.27
N GLU C 269 -45.26 -11.19 -7.42
CA GLU C 269 -46.17 -10.23 -8.03
C GLU C 269 -46.32 -9.00 -7.13
N ARG C 270 -46.36 -9.21 -5.81
CA ARG C 270 -46.35 -8.12 -4.85
C ARG C 270 -45.08 -7.27 -5.02
N MET C 271 -43.94 -7.95 -5.20
CA MET C 271 -42.64 -7.29 -5.29
C MET C 271 -42.59 -6.41 -6.54
N LYS C 272 -43.14 -6.90 -7.66
CA LYS C 272 -43.11 -6.16 -8.91
C LYS C 272 -43.89 -4.85 -8.83
N GLN C 273 -44.85 -4.76 -7.89
CA GLN C 273 -45.60 -3.54 -7.69
C GLN C 273 -44.91 -2.65 -6.65
N GLY C 274 -43.76 -3.07 -6.14
CA GLY C 274 -42.98 -2.28 -5.19
C GLY C 274 -43.26 -2.68 -3.74
N GLY C 275 -43.88 -3.84 -3.53
CA GLY C 275 -44.24 -4.31 -2.20
C GLY C 275 -43.10 -5.07 -1.53
N ASP C 276 -43.33 -5.49 -0.27
CA ASP C 276 -42.32 -6.17 0.52
C ASP C 276 -42.10 -7.58 0.00
N HIS C 277 -40.86 -8.06 0.11
CA HIS C 277 -40.52 -9.43 -0.22
C HIS C 277 -41.25 -10.38 0.73
N TRP C 278 -41.34 -10.00 2.01
CA TRP C 278 -41.92 -10.86 3.03
C TRP C 278 -43.23 -10.30 3.54
N GLN C 279 -44.18 -11.21 3.78
CA GLN C 279 -45.47 -10.87 4.33
C GLN C 279 -45.96 -12.02 5.21
N TRP C 280 -46.37 -11.67 6.44
CA TRP C 280 -46.83 -12.66 7.40
C TRP C 280 -48.11 -13.32 6.91
N ASP C 281 -48.24 -14.63 7.19
CA ASP C 281 -49.39 -15.42 6.80
C ASP C 281 -49.91 -16.17 8.02
N TYR C 282 -51.08 -15.75 8.53
N TYR C 282 -51.08 -15.74 8.52
CA TYR C 282 -51.65 -16.30 9.76
CA TYR C 282 -51.74 -16.27 9.70
C TYR C 282 -52.25 -17.69 9.49
C TYR C 282 -52.23 -17.70 9.50
N SER C 283 -52.43 -18.08 8.23
CA SER C 283 -53.21 -19.26 7.89
C SER C 283 -52.36 -20.53 7.81
N ILE C 284 -51.03 -20.44 8.02
CA ILE C 284 -50.21 -21.63 7.86
C ILE C 284 -49.57 -22.00 9.20
N PRO C 285 -49.20 -23.30 9.36
CA PRO C 285 -48.43 -23.73 10.51
C PRO C 285 -46.97 -23.27 10.38
N MET C 286 -46.19 -23.50 11.43
CA MET C 286 -44.74 -23.45 11.32
C MET C 286 -44.27 -24.82 10.85
N TYR C 287 -44.01 -24.95 9.54
CA TYR C 287 -43.52 -26.20 8.99
C TYR C 287 -42.13 -26.47 9.53
N ILE C 288 -41.83 -27.75 9.80
CA ILE C 288 -40.51 -28.20 10.20
C ILE C 288 -40.16 -29.42 9.36
N GLY C 289 -39.34 -29.20 8.33
CA GLY C 289 -38.89 -30.29 7.46
C GLY C 289 -37.80 -31.11 8.13
N VAL C 290 -37.84 -32.42 7.93
CA VAL C 290 -36.79 -33.32 8.40
C VAL C 290 -36.33 -34.16 7.22
N LEU C 291 -35.02 -34.16 6.98
CA LEU C 291 -34.42 -34.88 5.87
C LEU C 291 -33.26 -35.71 6.40
N PRO C 292 -33.06 -36.96 5.92
CA PRO C 292 -31.85 -37.71 6.27
C PRO C 292 -30.61 -36.92 5.85
N ARG C 293 -29.60 -36.92 6.72
CA ARG C 293 -28.44 -36.06 6.54
C ARG C 293 -27.58 -36.53 5.37
N ARG C 294 -27.54 -37.85 5.14
CA ARG C 294 -26.64 -38.42 4.15
C ARG C 294 -27.41 -39.34 3.20
N GLY C 295 -27.20 -39.13 1.89
CA GLY C 295 -27.62 -40.07 0.86
C GLY C 295 -29.07 -39.89 0.40
N ALA C 296 -29.74 -38.83 0.87
CA ALA C 296 -31.17 -38.69 0.67
C ALA C 296 -31.49 -38.14 -0.71
N GLN C 297 -32.77 -38.24 -1.09
CA GLN C 297 -33.34 -37.55 -2.23
C GLN C 297 -34.31 -36.50 -1.71
N GLY C 298 -34.69 -35.56 -2.59
CA GLY C 298 -35.58 -34.47 -2.23
C GLY C 298 -36.92 -34.95 -1.67
N SER C 299 -37.41 -36.08 -2.19
CA SER C 299 -38.71 -36.61 -1.82
C SER C 299 -38.69 -37.30 -0.46
N ASP C 300 -37.50 -37.44 0.15
CA ASP C 300 -37.38 -38.09 1.46
C ASP C 300 -37.71 -37.11 2.59
N VAL C 301 -37.89 -35.82 2.27
CA VAL C 301 -38.17 -34.84 3.31
C VAL C 301 -39.62 -35.04 3.79
N LYS C 302 -39.80 -34.96 5.12
CA LYS C 302 -41.13 -34.93 5.72
C LYS C 302 -41.38 -33.55 6.31
N TRP C 303 -42.49 -32.92 5.91
CA TRP C 303 -42.85 -31.59 6.38
C TRP C 303 -43.84 -31.69 7.53
N PHE C 304 -43.31 -31.83 8.75
CA PHE C 304 -44.11 -31.80 9.97
C PHE C 304 -44.70 -30.40 10.14
N GLU C 305 -45.76 -30.31 10.96
CA GLU C 305 -46.53 -29.09 11.08
C GLU C 305 -46.67 -28.74 12.56
N ALA C 306 -45.83 -27.80 13.01
CA ALA C 306 -45.90 -27.31 14.38
C ALA C 306 -46.99 -26.25 14.47
N PRO C 307 -47.54 -25.99 15.67
CA PRO C 307 -48.50 -24.90 15.84
C PRO C 307 -47.95 -23.58 15.28
N HIS C 308 -48.83 -22.80 14.65
CA HIS C 308 -48.47 -21.51 14.09
C HIS C 308 -47.63 -20.72 15.09
N GLY C 309 -46.53 -20.17 14.59
CA GLY C 309 -45.65 -19.36 15.41
C GLY C 309 -44.40 -18.93 14.64
N PHE C 310 -43.50 -18.26 15.35
CA PHE C 310 -42.26 -17.75 14.78
C PHE C 310 -41.10 -18.67 15.16
N ALA C 311 -40.43 -19.23 14.14
CA ALA C 311 -39.23 -20.02 14.34
C ALA C 311 -38.04 -19.08 14.55
N GLY C 312 -37.59 -18.97 15.81
CA GLY C 312 -36.43 -18.18 16.14
C GLY C 312 -35.14 -18.97 15.92
N HIS C 313 -34.06 -18.50 16.53
CA HIS C 313 -32.75 -19.12 16.34
C HIS C 313 -32.70 -20.47 17.03
N VAL C 314 -32.02 -21.43 16.36
CA VAL C 314 -31.79 -22.75 16.90
C VAL C 314 -30.63 -22.69 17.89
N ALA C 315 -30.84 -23.24 19.10
CA ALA C 315 -29.75 -23.43 20.04
C ALA C 315 -28.91 -24.61 19.56
N ASN C 316 -29.56 -25.75 19.39
CA ASN C 316 -28.93 -26.99 18.99
C ASN C 316 -30.02 -28.05 18.82
N ALA C 317 -29.71 -29.11 18.08
CA ALA C 317 -30.57 -30.29 18.00
C ALA C 317 -29.72 -31.55 18.12
N PHE C 318 -30.34 -32.64 18.58
CA PHE C 318 -29.64 -33.91 18.74
C PHE C 318 -30.66 -35.04 18.77
N GLU C 319 -30.18 -36.25 18.48
CA GLU C 319 -30.97 -37.47 18.63
C GLU C 319 -30.77 -38.04 20.02
N ASP C 320 -31.88 -38.40 20.69
CA ASP C 320 -31.84 -39.04 22.00
C ASP C 320 -31.69 -40.55 21.79
N ASP C 321 -31.86 -41.32 22.87
CA ASP C 321 -31.63 -42.76 22.86
C ASP C 321 -32.63 -43.47 21.94
N LYS C 322 -33.85 -42.94 21.86
CA LYS C 322 -34.92 -43.58 21.09
C LYS C 322 -34.76 -43.25 19.59
N GLY C 323 -33.84 -42.33 19.25
CA GLY C 323 -33.64 -41.90 17.88
C GLY C 323 -34.55 -40.73 17.50
N HIS C 324 -35.20 -40.14 18.51
CA HIS C 324 -36.08 -38.98 18.31
C HIS C 324 -35.24 -37.71 18.34
N ILE C 325 -35.61 -36.75 17.50
CA ILE C 325 -34.91 -35.48 17.41
C ILE C 325 -35.42 -34.55 18.50
N GLN C 326 -34.50 -34.06 19.34
CA GLN C 326 -34.79 -32.98 20.27
C GLN C 326 -34.33 -31.67 19.62
N LEU C 327 -35.27 -30.79 19.29
CA LEU C 327 -34.97 -29.54 18.64
C LEU C 327 -35.24 -28.40 19.62
N GLN C 328 -34.17 -27.72 20.04
CA GLN C 328 -34.28 -26.63 21.00
C GLN C 328 -34.01 -25.31 20.28
N MET C 329 -34.98 -24.40 20.35
CA MET C 329 -34.94 -23.15 19.60
C MET C 329 -35.83 -22.12 20.29
N ALA C 330 -35.56 -20.85 19.99
CA ALA C 330 -36.48 -19.78 20.37
C ALA C 330 -37.76 -19.92 19.53
N TYR C 331 -38.91 -19.67 20.17
CA TYR C 331 -40.20 -19.86 19.54
C TYR C 331 -41.18 -18.85 20.11
N ALA C 332 -41.85 -18.10 19.21
CA ALA C 332 -42.87 -17.14 19.60
C ALA C 332 -44.18 -17.51 18.93
N LYS C 333 -45.28 -16.91 19.42
CA LYS C 333 -46.62 -17.23 18.94
C LYS C 333 -47.11 -16.18 17.94
N ASP C 334 -46.33 -15.11 17.74
CA ASP C 334 -46.69 -14.08 16.76
C ASP C 334 -45.42 -13.61 16.06
N ASN C 335 -45.58 -12.65 15.15
CA ASN C 335 -44.53 -12.25 14.22
C ASN C 335 -43.52 -11.35 14.92
N VAL C 336 -42.33 -11.90 15.18
CA VAL C 336 -41.23 -11.17 15.78
C VAL C 336 -40.75 -10.08 14.83
N PHE C 337 -40.78 -10.33 13.52
CA PHE C 337 -40.42 -9.34 12.52
C PHE C 337 -41.66 -8.52 12.16
N PHE C 338 -42.08 -7.68 13.12
CA PHE C 338 -43.36 -6.99 13.07
C PHE C 338 -43.40 -5.94 11.95
N TRP C 339 -42.24 -5.52 11.45
CA TRP C 339 -42.15 -4.54 10.37
C TRP C 339 -42.53 -5.15 9.02
N TRP C 340 -42.70 -6.48 8.96
CA TRP C 340 -43.30 -7.14 7.80
C TRP C 340 -44.62 -7.80 8.21
N PRO C 341 -45.71 -7.01 8.31
CA PRO C 341 -46.99 -7.53 8.80
C PRO C 341 -47.72 -8.34 7.73
N ASP C 342 -48.99 -8.69 8.00
CA ASP C 342 -49.78 -9.46 7.05
C ASP C 342 -50.32 -8.51 5.97
N ALA C 343 -51.15 -9.05 5.07
CA ALA C 343 -51.61 -8.32 3.90
C ALA C 343 -52.41 -7.07 4.27
N ASN C 344 -53.01 -7.05 5.47
CA ASN C 344 -53.82 -5.91 5.89
C ASN C 344 -53.05 -5.00 6.85
N GLY C 345 -51.73 -5.18 6.94
CA GLY C 345 -50.90 -4.37 7.81
C GLY C 345 -51.01 -4.76 9.29
N LYS C 346 -51.61 -5.92 9.54
CA LYS C 346 -51.86 -6.37 10.91
C LYS C 346 -50.64 -7.11 11.44
N GLY C 347 -50.27 -6.75 12.67
CA GLY C 347 -49.25 -7.47 13.41
C GLY C 347 -48.92 -6.74 14.70
N PRO C 348 -47.99 -7.29 15.52
CA PRO C 348 -47.70 -6.75 16.84
C PRO C 348 -46.90 -5.45 16.79
N ARG C 349 -46.76 -4.81 17.96
CA ARG C 349 -45.98 -3.58 18.10
C ARG C 349 -44.59 -3.94 18.60
N PRO C 350 -43.60 -3.01 18.55
CA PRO C 350 -42.29 -3.27 19.15
C PRO C 350 -42.35 -3.70 20.61
N GLY C 351 -41.54 -4.71 20.96
CA GLY C 351 -41.36 -5.13 22.34
C GLY C 351 -42.55 -5.90 22.91
N GLU C 352 -43.49 -6.30 22.03
CA GLU C 352 -44.73 -6.94 22.45
C GLU C 352 -44.58 -8.46 22.42
N VAL C 353 -43.93 -8.98 21.37
CA VAL C 353 -43.84 -10.41 21.15
C VAL C 353 -42.70 -10.98 21.99
N GLU C 354 -43.01 -12.04 22.75
CA GLU C 354 -42.01 -12.77 23.51
C GLU C 354 -41.71 -14.08 22.80
N ALA C 355 -40.42 -14.42 22.75
CA ALA C 355 -39.98 -15.74 22.31
C ALA C 355 -39.48 -16.52 23.52
N HIS C 356 -39.73 -17.82 23.53
CA HIS C 356 -39.45 -18.67 24.68
C HIS C 356 -38.61 -19.87 24.22
N PHE C 357 -37.81 -20.38 25.15
CA PHE C 357 -36.86 -21.44 24.84
C PHE C 357 -37.61 -22.76 24.78
N ALA C 358 -37.85 -23.25 23.57
CA ALA C 358 -38.79 -24.34 23.33
C ALA C 358 -38.02 -25.61 22.98
N ASN C 359 -38.63 -26.75 23.33
CA ASN C 359 -38.15 -28.06 22.92
C ASN C 359 -39.24 -28.72 22.09
N PHE C 360 -38.93 -29.03 20.82
CA PHE C 360 -39.81 -29.81 19.96
C PHE C 360 -39.26 -31.22 19.83
N VAL C 361 -40.16 -32.20 19.77
CA VAL C 361 -39.77 -33.59 19.57
C VAL C 361 -40.26 -34.01 18.19
N LEU C 362 -39.36 -34.59 17.39
CA LEU C 362 -39.69 -35.04 16.06
C LEU C 362 -39.20 -36.47 15.87
N ASP C 363 -40.03 -37.26 15.17
CA ASP C 363 -39.70 -38.62 14.81
C ASP C 363 -39.83 -38.73 13.29
N TYR C 364 -38.72 -39.02 12.61
CA TYR C 364 -38.72 -39.10 11.16
C TYR C 364 -39.58 -40.28 10.70
N GLN C 365 -39.76 -41.29 11.57
CA GLN C 365 -40.52 -42.50 11.24
C GLN C 365 -42.01 -42.20 11.25
N SER C 366 -42.45 -41.30 12.13
CA SER C 366 -43.86 -40.96 12.31
C SER C 366 -44.45 -40.48 10.99
N ASP C 367 -45.69 -40.90 10.72
CA ASP C 367 -46.46 -40.43 9.58
C ASP C 367 -47.50 -39.40 10.03
N LYS C 368 -47.51 -39.10 11.34
CA LYS C 368 -48.35 -38.06 11.88
C LYS C 368 -47.65 -36.72 11.69
N LEU C 369 -48.18 -35.88 10.80
CA LEU C 369 -47.52 -34.64 10.41
C LEU C 369 -47.68 -33.58 11.51
N PRO C 370 -48.89 -33.32 12.06
CA PRO C 370 -49.02 -32.36 13.15
C PRO C 370 -48.16 -32.70 14.37
N LEU C 371 -47.59 -31.66 14.99
CA LEU C 371 -46.73 -31.81 16.16
C LEU C 371 -47.43 -31.21 17.37
N ALA C 372 -47.14 -31.77 18.55
CA ALA C 372 -47.66 -31.25 19.80
C ALA C 372 -47.00 -29.91 20.10
N GLU C 373 -47.67 -29.09 20.91
CA GLU C 373 -47.07 -27.90 21.48
C GLU C 373 -45.74 -28.27 22.11
N PRO C 374 -44.70 -27.41 22.02
CA PRO C 374 -43.41 -27.69 22.63
C PRO C 374 -43.44 -27.50 24.14
N THR C 375 -42.51 -28.15 24.85
CA THR C 375 -42.25 -27.83 26.24
C THR C 375 -41.26 -26.66 26.29
N TYR C 376 -41.29 -25.91 27.39
CA TYR C 376 -40.45 -24.74 27.55
C TYR C 376 -39.42 -25.01 28.65
N LEU C 377 -38.17 -24.62 28.40
CA LEU C 377 -37.07 -24.95 29.29
C LEU C 377 -36.92 -23.88 30.36
N VAL C 378 -37.27 -22.63 30.03
CA VAL C 378 -37.30 -21.54 30.99
C VAL C 378 -38.48 -20.64 30.65
N ASP C 379 -38.74 -19.65 31.52
CA ASP C 379 -39.86 -18.74 31.37
C ASP C 379 -39.44 -17.41 30.75
N ASP C 380 -38.12 -17.14 30.67
CA ASP C 380 -37.61 -15.86 30.23
C ASP C 380 -37.97 -15.60 28.77
N ASP C 381 -38.25 -14.34 28.46
CA ASP C 381 -38.27 -13.86 27.09
C ASP C 381 -36.83 -13.83 26.59
N MET C 382 -36.51 -14.63 25.56
CA MET C 382 -35.13 -14.84 25.17
C MET C 382 -34.95 -14.87 23.66
N GLU C 383 -33.68 -14.83 23.23
CA GLU C 383 -33.26 -15.08 21.86
C GLU C 383 -31.74 -15.23 21.84
N PHE C 384 -31.18 -15.48 20.64
CA PHE C 384 -29.75 -15.54 20.39
C PHE C 384 -29.09 -16.59 21.29
N PRO C 385 -29.57 -17.86 21.24
CA PRO C 385 -28.97 -18.93 22.03
C PRO C 385 -27.65 -19.42 21.44
N ARG C 386 -26.66 -19.60 22.32
CA ARG C 386 -25.39 -20.21 21.98
C ARG C 386 -25.17 -21.42 22.87
N ILE C 387 -24.51 -22.45 22.32
CA ILE C 387 -24.05 -23.58 23.10
C ILE C 387 -22.53 -23.62 23.06
N ASP C 388 -21.96 -24.59 23.78
CA ASP C 388 -20.58 -25.00 23.59
C ASP C 388 -20.53 -25.80 22.30
N ASP C 389 -19.93 -25.23 21.25
CA ASP C 389 -20.05 -25.78 19.91
C ASP C 389 -19.22 -27.06 19.77
N ARG C 390 -18.53 -27.46 20.84
CA ARG C 390 -17.84 -28.73 20.87
C ARG C 390 -18.82 -29.91 20.91
N VAL C 391 -20.09 -29.65 21.28
CA VAL C 391 -21.10 -30.70 21.30
C VAL C 391 -22.22 -30.39 20.30
N ALA C 392 -21.98 -29.51 19.33
CA ALA C 392 -22.98 -29.20 18.33
C ALA C 392 -23.38 -30.49 17.60
N THR C 393 -24.69 -30.64 17.36
CA THR C 393 -25.28 -31.79 16.69
C THR C 393 -25.39 -32.98 17.65
N ARG C 394 -24.90 -32.83 18.88
CA ARG C 394 -24.94 -33.87 19.89
C ARG C 394 -25.65 -33.33 21.12
N LYS C 395 -25.88 -34.19 22.11
CA LYS C 395 -26.54 -33.79 23.35
C LYS C 395 -25.74 -32.67 24.00
N HIS C 396 -26.39 -31.53 24.25
CA HIS C 396 -25.79 -30.41 24.97
C HIS C 396 -26.54 -30.25 26.29
N LYS C 397 -25.86 -29.67 27.30
CA LYS C 397 -26.48 -29.47 28.61
C LYS C 397 -26.19 -28.07 29.16
N HIS C 398 -25.64 -27.19 28.30
CA HIS C 398 -25.44 -25.79 28.65
C HIS C 398 -25.93 -24.94 27.48
N THR C 399 -26.69 -23.89 27.80
CA THR C 399 -27.10 -22.91 26.81
C THR C 399 -26.94 -21.51 27.38
N PHE C 400 -26.38 -20.61 26.56
CA PHE C 400 -26.29 -19.20 26.90
C PHE C 400 -27.21 -18.45 25.94
N PHE C 401 -27.90 -17.42 26.44
CA PHE C 401 -28.87 -16.72 25.61
C PHE C 401 -29.15 -15.33 26.15
N CYS C 402 -29.58 -14.45 25.24
CA CYS C 402 -30.06 -13.12 25.59
C CYS C 402 -31.43 -13.24 26.25
N ILE C 403 -31.72 -12.32 27.19
CA ILE C 403 -33.02 -12.24 27.82
C ILE C 403 -33.48 -10.77 27.79
N PHE C 404 -34.80 -10.59 27.82
CA PHE C 404 -35.40 -9.28 27.99
C PHE C 404 -36.37 -9.34 29.15
N ASP C 405 -36.01 -8.69 30.25
CA ASP C 405 -36.78 -8.72 31.49
C ASP C 405 -37.53 -7.39 31.65
N ARG C 406 -38.88 -7.46 31.67
CA ARG C 406 -39.70 -6.27 31.73
C ARG C 406 -40.02 -5.90 33.18
N LYS C 407 -39.59 -6.75 34.14
CA LYS C 407 -39.73 -6.46 35.56
C LYS C 407 -39.28 -5.02 35.83
N PRO C 408 -40.10 -4.16 36.47
CA PRO C 408 -39.76 -2.74 36.64
C PRO C 408 -38.40 -2.50 37.28
N GLY C 409 -37.62 -1.58 36.69
CA GLY C 409 -36.33 -1.18 37.23
C GLY C 409 -35.13 -1.80 36.49
N VAL C 410 -35.31 -3.00 35.95
CA VAL C 410 -34.20 -3.72 35.31
C VAL C 410 -33.67 -2.92 34.12
N THR C 411 -34.57 -2.38 33.29
CA THR C 411 -34.20 -1.37 32.31
C THR C 411 -34.92 -0.06 32.63
N ASP C 412 -34.14 1.03 32.69
CA ASP C 412 -34.68 2.36 32.83
C ASP C 412 -35.18 2.84 31.46
N PHE C 413 -36.39 2.42 31.08
CA PHE C 413 -36.94 2.69 29.77
C PHE C 413 -37.14 4.18 29.52
N GLU C 414 -37.43 4.94 30.60
CA GLU C 414 -37.66 6.37 30.46
C GLU C 414 -36.39 7.04 29.95
N PHE C 415 -35.23 6.53 30.34
CA PHE C 415 -33.94 7.07 29.93
C PHE C 415 -33.52 6.51 28.57
N VAL C 416 -33.71 5.21 28.37
CA VAL C 416 -33.10 4.49 27.25
C VAL C 416 -33.86 4.76 25.95
N MET C 417 -35.20 4.63 25.99
CA MET C 417 -36.01 4.60 24.78
C MET C 417 -35.81 5.86 23.93
N PRO C 418 -35.79 7.08 24.50
CA PRO C 418 -35.51 8.29 23.72
C PRO C 418 -34.15 8.33 23.04
N ARG C 419 -33.20 7.51 23.52
CA ARG C 419 -31.83 7.48 23.02
C ARG C 419 -31.60 6.26 22.12
N ALA C 420 -32.61 5.39 21.99
CA ALA C 420 -32.40 4.04 21.47
C ALA C 420 -32.58 3.96 19.96
N GLY C 421 -33.39 4.86 19.39
CA GLY C 421 -33.87 4.67 18.04
C GLY C 421 -34.74 3.43 17.93
N GLY C 422 -34.94 2.92 16.71
CA GLY C 422 -35.78 1.76 16.50
C GLY C 422 -35.19 0.80 15.47
N GLY C 423 -35.89 -0.32 15.26
CA GLY C 423 -35.54 -1.24 14.18
C GLY C 423 -34.86 -2.51 14.69
N ALA C 424 -34.26 -2.45 15.89
CA ALA C 424 -33.51 -3.56 16.43
C ALA C 424 -34.18 -4.04 17.73
N PRO C 425 -34.55 -5.34 17.84
CA PRO C 425 -35.08 -5.90 19.07
C PRO C 425 -34.03 -5.86 20.18
N MET C 426 -34.49 -5.84 21.43
CA MET C 426 -33.70 -5.43 22.57
C MET C 426 -33.51 -6.58 23.56
N SER C 427 -32.39 -6.52 24.29
CA SER C 427 -31.97 -7.52 25.24
C SER C 427 -31.28 -6.82 26.41
N ASN C 428 -31.64 -7.15 27.66
CA ASN C 428 -31.08 -6.44 28.80
C ASN C 428 -30.35 -7.38 29.74
N GLY C 429 -30.02 -8.59 29.29
CA GLY C 429 -29.22 -9.50 30.08
C GLY C 429 -28.80 -10.74 29.29
N LEU C 430 -27.90 -11.53 29.87
CA LEU C 430 -27.61 -12.88 29.42
C LEU C 430 -28.07 -13.87 30.48
N ALA C 431 -28.34 -15.10 30.07
CA ALA C 431 -28.64 -16.17 30.99
C ALA C 431 -27.83 -17.41 30.63
N HIS C 432 -27.40 -18.15 31.66
CA HIS C 432 -26.79 -19.46 31.50
C HIS C 432 -27.72 -20.49 32.11
N LEU C 433 -28.21 -21.42 31.27
CA LEU C 433 -29.00 -22.54 31.76
C LEU C 433 -28.14 -23.79 31.78
N ASN C 434 -28.05 -24.43 32.97
CA ASN C 434 -27.58 -25.80 33.09
C ASN C 434 -28.78 -26.72 32.95
N HIS C 435 -28.78 -27.56 31.91
CA HIS C 435 -29.94 -28.37 31.56
C HIS C 435 -30.11 -29.55 32.53
N GLU C 436 -29.03 -30.01 33.14
CA GLU C 436 -29.09 -31.12 34.09
C GLU C 436 -29.69 -30.65 35.41
N THR C 437 -29.03 -29.65 36.03
CA THR C 437 -29.39 -29.19 37.35
C THR C 437 -30.64 -28.30 37.29
N GLY C 438 -30.82 -27.58 36.18
CA GLY C 438 -31.90 -26.62 36.03
C GLY C 438 -31.52 -25.23 36.53
N ASP C 439 -30.27 -25.06 36.97
CA ASP C 439 -29.78 -23.79 37.49
C ASP C 439 -29.67 -22.76 36.38
N ILE C 440 -29.99 -21.51 36.73
CA ILE C 440 -29.93 -20.39 35.81
C ILE C 440 -29.19 -19.25 36.51
N GLN C 441 -28.10 -18.77 35.90
CA GLN C 441 -27.50 -17.51 36.31
C GLN C 441 -27.86 -16.45 35.28
N ARG C 442 -28.04 -15.22 35.76
CA ARG C 442 -28.39 -14.10 34.89
C ARG C 442 -27.37 -12.98 35.09
N TYR C 443 -26.79 -12.53 33.96
CA TYR C 443 -25.96 -11.34 33.93
C TYR C 443 -26.82 -10.14 33.53
N LEU C 444 -26.87 -9.11 34.38
CA LEU C 444 -27.56 -7.88 34.07
C LEU C 444 -26.56 -6.73 34.07
N PRO C 445 -26.14 -6.22 32.89
CA PRO C 445 -25.11 -5.19 32.83
C PRO C 445 -25.49 -3.90 33.55
N GLY C 446 -26.79 -3.60 33.64
CA GLY C 446 -27.24 -2.41 34.34
C GLY C 446 -28.51 -1.83 33.73
N PRO C 447 -29.16 -0.87 34.43
CA PRO C 447 -30.43 -0.30 33.97
C PRO C 447 -30.35 0.52 32.68
N ARG C 448 -29.16 1.00 32.33
CA ARG C 448 -28.99 1.85 31.16
C ARG C 448 -28.07 1.20 30.14
N LYS C 449 -28.08 -0.15 30.11
CA LYS C 449 -27.27 -0.91 29.16
C LYS C 449 -28.08 -2.05 28.59
N LEU C 450 -27.86 -2.34 27.29
CA LEU C 450 -28.46 -3.48 26.62
C LEU C 450 -27.35 -4.33 26.00
N THR C 451 -27.69 -5.58 25.65
CA THR C 451 -26.70 -6.55 25.19
C THR C 451 -26.98 -6.97 23.75
N GLY C 452 -25.93 -7.51 23.11
CA GLY C 452 -26.05 -8.24 21.86
C GLY C 452 -25.86 -9.73 22.09
N GLU C 453 -25.64 -10.48 20.99
CA GLU C 453 -25.42 -11.91 21.05
C GLU C 453 -24.05 -12.17 21.67
N CYS C 454 -23.99 -13.18 22.55
CA CYS C 454 -22.76 -13.51 23.25
C CYS C 454 -21.99 -14.57 22.46
N ILE C 455 -20.73 -14.77 22.85
CA ILE C 455 -19.94 -15.90 22.41
C ILE C 455 -19.49 -16.67 23.66
N PHE C 456 -19.22 -17.95 23.47
CA PHE C 456 -18.63 -18.79 24.51
C PHE C 456 -17.23 -19.21 24.07
N ILE C 457 -16.29 -19.15 25.02
CA ILE C 457 -14.89 -19.51 24.81
C ILE C 457 -14.52 -20.61 25.80
N PRO C 458 -14.17 -21.83 25.33
CA PRO C 458 -13.64 -22.85 26.23
C PRO C 458 -12.42 -22.33 27.00
N ARG C 459 -12.36 -22.62 28.30
CA ARG C 459 -11.29 -22.13 29.15
C ARG C 459 -9.94 -22.60 28.60
N ASN C 460 -9.93 -23.82 28.06
CA ASN C 460 -8.76 -24.42 27.42
C ASN C 460 -9.24 -25.68 26.71
N SER C 461 -8.33 -26.41 26.05
CA SER C 461 -8.74 -27.56 25.25
C SER C 461 -9.15 -28.74 26.12
N GLU C 462 -8.96 -28.65 27.45
CA GLU C 462 -9.31 -29.73 28.36
C GLU C 462 -10.56 -29.39 29.18
N ALA C 463 -11.16 -28.23 28.94
CA ALA C 463 -12.26 -27.75 29.77
C ALA C 463 -13.51 -28.61 29.57
N ALA C 464 -14.32 -28.71 30.62
CA ALA C 464 -15.61 -29.36 30.55
C ALA C 464 -16.57 -28.51 29.71
N GLU C 465 -17.65 -29.14 29.24
CA GLU C 465 -18.67 -28.45 28.49
C GLU C 465 -19.14 -27.22 29.27
N GLY C 466 -19.14 -26.05 28.61
CA GLY C 466 -19.72 -24.84 29.18
C GLY C 466 -18.82 -24.17 30.21
N ASP C 467 -17.58 -24.66 30.36
CA ASP C 467 -16.64 -24.07 31.30
C ASP C 467 -15.67 -23.18 30.53
N GLY C 468 -15.67 -21.88 30.86
CA GLY C 468 -14.78 -20.93 30.22
C GLY C 468 -15.28 -19.51 30.37
N TYR C 469 -15.24 -18.75 29.27
CA TYR C 469 -15.54 -17.34 29.31
C TYR C 469 -16.67 -17.04 28.33
N VAL C 470 -17.44 -16.00 28.66
CA VAL C 470 -18.48 -15.47 27.80
C VAL C 470 -18.15 -14.02 27.52
N MET C 471 -18.31 -13.59 26.27
CA MET C 471 -18.13 -12.20 25.89
C MET C 471 -19.41 -11.69 25.26
N VAL C 472 -19.72 -10.41 25.51
CA VAL C 472 -20.93 -9.82 24.96
C VAL C 472 -20.71 -8.33 24.82
N LEU C 473 -21.15 -7.78 23.68
CA LEU C 473 -21.06 -6.37 23.43
C LEU C 473 -22.25 -5.66 24.06
N LEU C 474 -21.96 -4.62 24.84
CA LEU C 474 -22.98 -3.83 25.52
C LEU C 474 -23.12 -2.48 24.81
N ALA C 475 -24.37 -2.03 24.70
CA ALA C 475 -24.66 -0.64 24.39
C ALA C 475 -24.88 0.11 25.71
N ASN C 476 -24.05 1.12 25.97
CA ASN C 476 -24.18 1.94 27.16
C ASN C 476 -24.85 3.26 26.78
N TYR C 477 -26.13 3.40 27.17
CA TYR C 477 -26.93 4.53 26.75
C TYR C 477 -26.60 5.76 27.59
N GLU C 478 -25.92 5.57 28.73
CA GLU C 478 -25.49 6.70 29.55
C GLU C 478 -24.35 7.43 28.84
N ASP C 479 -23.34 6.69 28.39
CA ASP C 479 -22.16 7.27 27.78
C ASP C 479 -22.35 7.40 26.27
N MET C 480 -23.37 6.73 25.71
CA MET C 480 -23.53 6.59 24.27
C MET C 480 -22.25 5.99 23.68
N CYS C 481 -21.79 4.92 24.32
CA CYS C 481 -20.60 4.19 23.92
C CYS C 481 -20.89 2.70 23.97
N SER C 482 -20.07 1.91 23.29
CA SER C 482 -20.14 0.46 23.39
C SER C 482 -19.06 -0.04 24.35
N GLU C 483 -19.32 -1.21 24.94
CA GLU C 483 -18.39 -1.85 25.86
C GLU C 483 -18.41 -3.35 25.57
N LEU C 484 -17.28 -4.02 25.77
CA LEU C 484 -17.22 -5.46 25.61
C LEU C 484 -16.94 -6.09 26.97
N ALA C 485 -17.92 -6.86 27.45
CA ALA C 485 -17.87 -7.46 28.77
C ALA C 485 -17.31 -8.87 28.65
N VAL C 486 -16.41 -9.23 29.58
CA VAL C 486 -15.87 -10.58 29.66
C VAL C 486 -16.32 -11.19 30.99
N LEU C 487 -16.98 -12.34 30.90
CA LEU C 487 -17.56 -13.03 32.05
C LEU C 487 -16.91 -14.40 32.17
N ASP C 488 -16.77 -14.89 33.41
CA ASP C 488 -16.37 -16.26 33.69
C ASP C 488 -17.64 -17.06 33.95
N THR C 489 -17.73 -18.26 33.38
CA THR C 489 -18.92 -19.09 33.50
C THR C 489 -19.12 -19.61 34.93
N LYS C 490 -18.08 -19.53 35.76
CA LYS C 490 -18.19 -19.90 37.17
C LYS C 490 -19.09 -18.93 37.91
N ASP C 491 -19.12 -17.66 37.48
CA ASP C 491 -20.01 -16.67 38.06
C ASP C 491 -20.38 -15.64 36.98
N LEU C 492 -21.51 -15.89 36.30
CA LEU C 492 -21.88 -15.09 35.15
C LEU C 492 -22.34 -13.70 35.55
N THR C 493 -22.65 -13.49 36.84
CA THR C 493 -23.17 -12.22 37.32
C THR C 493 -22.07 -11.15 37.40
N ASN C 494 -20.80 -11.58 37.41
CA ASN C 494 -19.68 -10.69 37.64
C ASN C 494 -18.88 -10.48 36.35
N GLU C 495 -18.58 -9.21 36.05
CA GLU C 495 -17.70 -8.86 34.95
C GLU C 495 -16.25 -8.99 35.42
N VAL C 496 -15.51 -9.89 34.77
CA VAL C 496 -14.09 -10.05 35.05
C VAL C 496 -13.34 -8.88 34.41
N ALA C 497 -13.80 -8.45 33.22
CA ALA C 497 -13.25 -7.29 32.57
C ALA C 497 -14.35 -6.55 31.81
N LEU C 498 -14.15 -5.25 31.66
CA LEU C 498 -15.05 -4.42 30.88
C LEU C 498 -14.20 -3.55 29.96
N ILE C 499 -14.24 -3.86 28.66
CA ILE C 499 -13.47 -3.17 27.65
C ILE C 499 -14.29 -1.97 27.16
N LYS C 500 -13.73 -0.77 27.29
CA LYS C 500 -14.47 0.46 27.08
C LYS C 500 -14.11 1.03 25.72
N LEU C 501 -15.01 0.89 24.74
CA LEU C 501 -14.82 1.51 23.43
C LEU C 501 -15.18 2.99 23.54
N PRO C 502 -14.44 3.89 22.87
CA PRO C 502 -14.79 5.31 22.83
C PRO C 502 -15.79 5.70 21.75
N VAL C 503 -16.23 4.71 20.95
CA VAL C 503 -17.19 4.93 19.88
C VAL C 503 -18.38 4.00 20.11
N ARG C 504 -19.48 4.26 19.40
CA ARG C 504 -20.60 3.34 19.35
C ARG C 504 -20.37 2.30 18.25
N LEU C 505 -20.59 1.04 18.62
CA LEU C 505 -20.87 -0.01 17.66
C LEU C 505 -22.38 -0.23 17.66
N ARG C 506 -22.99 0.16 16.53
CA ARG C 506 -24.41 -0.01 16.27
C ARG C 506 -24.85 -1.42 16.64
N PRO C 507 -26.06 -1.62 17.19
CA PRO C 507 -26.58 -2.96 17.41
C PRO C 507 -26.38 -3.84 16.18
N GLY C 508 -25.85 -5.04 16.40
CA GLY C 508 -25.45 -5.91 15.33
C GLY C 508 -26.21 -7.23 15.38
N LEU C 509 -25.72 -8.20 14.63
CA LEU C 509 -26.32 -9.52 14.57
C LEU C 509 -25.31 -10.52 15.12
N HIS C 510 -24.90 -11.50 14.30
CA HIS C 510 -24.21 -12.66 14.82
C HIS C 510 -22.70 -12.43 14.86
N GLY C 511 -22.03 -13.24 15.70
CA GLY C 511 -20.60 -13.18 15.88
C GLY C 511 -20.04 -14.53 16.31
N ASN C 512 -18.72 -14.67 16.24
CA ASN C 512 -18.08 -15.95 16.49
C ASN C 512 -16.69 -15.74 17.07
N TRP C 513 -16.28 -16.72 17.88
CA TRP C 513 -14.94 -16.80 18.42
C TRP C 513 -14.08 -17.70 17.54
N VAL C 514 -12.87 -17.24 17.24
CA VAL C 514 -11.87 -18.05 16.57
C VAL C 514 -10.66 -18.14 17.49
N ASP C 515 -10.50 -19.31 18.14
CA ASP C 515 -9.44 -19.49 19.12
C ASP C 515 -8.11 -19.72 18.40
N LYS C 516 -7.03 -19.18 18.96
CA LYS C 516 -5.71 -19.28 18.39
C LYS C 516 -5.22 -20.74 18.42
N SER C 517 -5.66 -21.50 19.44
CA SER C 517 -5.19 -22.86 19.63
C SER C 517 -5.87 -23.83 18.67
N ASP C 518 -6.90 -23.38 17.94
CA ASP C 518 -7.61 -24.24 16.99
C ASP C 518 -7.13 -23.91 15.58
N VAL C 519 -6.43 -24.87 14.95
CA VAL C 519 -5.78 -24.64 13.67
C VAL C 519 -6.81 -24.34 12.59
N ASP C 520 -7.93 -25.08 12.58
CA ASP C 520 -8.95 -24.90 11.55
C ASP C 520 -10.01 -23.89 12.00
N GLY C 521 -9.79 -23.26 13.15
CA GLY C 521 -10.62 -22.15 13.61
C GLY C 521 -11.80 -22.59 14.47
N HIS C 522 -11.99 -23.91 14.61
CA HIS C 522 -13.16 -24.47 15.28
C HIS C 522 -12.69 -25.38 16.41
N PRO C 523 -13.40 -25.40 17.56
CA PRO C 523 -12.95 -26.16 18.73
C PRO C 523 -13.05 -27.67 18.52
N ALA C 524 -12.23 -28.41 19.27
CA ALA C 524 -12.14 -29.86 19.15
C ALA C 524 -13.32 -30.50 19.86
N PRO C 525 -13.76 -31.71 19.43
CA PRO C 525 -14.92 -32.36 20.06
C PRO C 525 -14.56 -32.77 21.49
N LEU C 526 -15.59 -32.84 22.35
CA LEU C 526 -15.40 -33.29 23.73
C LEU C 526 -15.27 -34.83 23.76
N LEU D 30 37.50 5.45 5.09
CA LEU D 30 36.91 4.10 4.87
C LEU D 30 37.52 3.48 3.60
N PRO D 31 37.55 2.13 3.48
CA PRO D 31 37.94 1.48 2.22
C PRO D 31 37.08 1.99 1.06
N PRO D 32 37.67 2.25 -0.13
CA PRO D 32 36.93 2.86 -1.24
C PRO D 32 35.82 1.95 -1.74
N ALA D 33 34.65 2.54 -1.98
CA ALA D 33 33.50 1.83 -2.51
C ALA D 33 33.57 1.82 -4.04
N PRO D 34 33.73 0.65 -4.70
CA PRO D 34 33.71 0.59 -6.17
C PRO D 34 32.32 1.00 -6.68
N ARG D 35 32.29 1.58 -7.90
CA ARG D 35 31.06 2.07 -8.48
C ARG D 35 30.56 1.14 -9.60
N TYR D 36 31.29 0.05 -9.85
CA TYR D 36 30.78 -1.03 -10.71
C TYR D 36 31.38 -2.35 -10.23
N PHE D 37 30.74 -3.46 -10.61
CA PHE D 37 31.16 -4.77 -10.17
C PHE D 37 32.38 -5.24 -10.97
N GLN D 38 33.34 -5.81 -10.25
CA GLN D 38 34.58 -6.33 -10.82
C GLN D 38 34.87 -7.68 -10.19
N GLY D 39 35.55 -8.56 -10.93
CA GLY D 39 35.89 -9.89 -10.43
C GLY D 39 35.00 -10.96 -11.07
N GLU D 40 35.42 -12.22 -10.88
CA GLU D 40 34.80 -13.36 -11.54
C GLU D 40 33.43 -13.64 -10.95
N ASN D 41 33.25 -13.34 -9.66
CA ASN D 41 32.03 -13.65 -8.95
C ASN D 41 30.86 -12.77 -9.41
N THR D 42 31.16 -11.74 -10.21
CA THR D 42 30.14 -10.83 -10.70
C THR D 42 30.29 -10.59 -12.20
N ALA D 43 30.86 -11.56 -12.92
CA ALA D 43 31.07 -11.44 -14.37
C ALA D 43 30.09 -12.34 -15.12
N GLY D 44 29.80 -11.99 -16.37
CA GLY D 44 28.95 -12.79 -17.24
C GLY D 44 27.54 -12.96 -16.68
N PHE D 45 27.11 -14.22 -16.54
CA PHE D 45 25.78 -14.52 -16.07
C PHE D 45 25.66 -14.21 -14.58
N MET D 46 26.80 -14.04 -13.90
CA MET D 46 26.81 -13.77 -12.47
C MET D 46 26.76 -12.26 -12.19
N ARG D 47 26.75 -11.43 -13.24
CA ARG D 47 26.66 -9.99 -13.06
C ARG D 47 25.32 -9.65 -12.42
N PRO D 48 25.32 -8.95 -11.25
CA PRO D 48 24.07 -8.55 -10.61
C PRO D 48 23.19 -7.69 -11.52
N VAL D 49 21.88 -7.93 -11.48
CA VAL D 49 20.90 -7.14 -12.19
C VAL D 49 20.28 -6.14 -11.22
N ARG D 50 19.82 -6.65 -10.08
CA ARG D 50 19.45 -5.86 -8.92
C ARG D 50 18.12 -5.14 -9.14
N PHE D 51 17.23 -5.74 -9.94
CA PHE D 51 15.94 -5.12 -10.19
C PHE D 51 14.95 -5.63 -9.14
N GLU D 52 14.03 -4.74 -8.77
CA GLU D 52 12.86 -5.08 -7.97
C GLU D 52 11.62 -4.62 -8.72
N GLY D 53 10.57 -5.44 -8.70
CA GLY D 53 9.29 -5.04 -9.26
C GLY D 53 8.55 -6.23 -9.87
N ASP D 54 7.95 -6.00 -11.03
CA ASP D 54 7.00 -6.93 -11.62
C ASP D 54 7.29 -7.13 -13.10
N ILE D 55 7.09 -8.37 -13.56
CA ILE D 55 6.87 -8.67 -14.95
C ILE D 55 5.69 -9.62 -15.02
N THR D 56 4.53 -9.11 -15.44
CA THR D 56 3.31 -9.91 -15.51
C THR D 56 3.23 -10.58 -16.88
N ASN D 57 2.44 -11.66 -16.95
CA ASN D 57 2.11 -12.31 -18.20
C ASN D 57 3.38 -12.71 -18.94
N LEU D 58 4.20 -13.54 -18.30
CA LEU D 58 5.44 -13.99 -18.89
C LEU D 58 5.16 -14.77 -20.17
N GLU D 59 6.07 -14.64 -21.14
CA GLU D 59 6.01 -15.39 -22.39
C GLU D 59 6.12 -16.88 -22.08
N VAL D 60 5.29 -17.68 -22.75
CA VAL D 60 5.29 -19.12 -22.56
C VAL D 60 5.37 -19.80 -23.93
N VAL D 61 6.33 -20.72 -24.05
CA VAL D 61 6.39 -21.69 -25.14
C VAL D 61 5.87 -23.01 -24.57
N GLY D 62 4.95 -23.65 -25.31
CA GLY D 62 4.23 -24.79 -24.80
C GLY D 62 2.98 -24.34 -24.04
N GLU D 63 2.61 -25.10 -23.00
CA GLU D 63 1.37 -24.85 -22.30
C GLU D 63 1.54 -25.23 -20.83
N ILE D 64 1.31 -24.25 -19.94
CA ILE D 64 1.32 -24.50 -18.51
C ILE D 64 0.01 -25.21 -18.16
N PRO D 65 0.04 -26.42 -17.55
CA PRO D 65 -1.18 -27.08 -17.10
C PRO D 65 -2.05 -26.13 -16.28
N LYS D 66 -3.33 -26.04 -16.67
CA LYS D 66 -4.23 -25.03 -16.14
C LYS D 66 -4.65 -25.36 -14.71
N SER D 67 -4.42 -26.61 -14.27
CA SER D 67 -4.78 -27.03 -12.91
C SER D 67 -3.77 -26.50 -11.89
N ILE D 68 -2.56 -26.15 -12.33
CA ILE D 68 -1.53 -25.65 -11.42
C ILE D 68 -1.94 -24.27 -10.90
N GLU D 69 -2.04 -24.15 -9.57
CA GLU D 69 -2.37 -22.88 -8.95
C GLU D 69 -1.58 -22.73 -7.65
N GLY D 70 -0.74 -21.69 -7.60
CA GLY D 70 0.13 -21.45 -6.47
C GLY D 70 1.34 -20.60 -6.87
N THR D 71 2.34 -20.55 -5.99
CA THR D 71 3.48 -19.68 -6.19
C THR D 71 4.79 -20.44 -5.94
N PHE D 72 5.74 -20.26 -6.87
CA PHE D 72 7.10 -20.72 -6.69
C PHE D 72 7.94 -19.55 -6.17
N TYR D 73 8.42 -19.67 -4.93
CA TYR D 73 9.30 -18.68 -4.34
C TYR D 73 10.73 -19.23 -4.36
N ARG D 74 11.69 -18.41 -4.81
CA ARG D 74 13.10 -18.75 -4.67
C ARG D 74 13.89 -17.50 -4.30
N VAL D 75 15.05 -17.72 -3.67
CA VAL D 75 15.91 -16.65 -3.24
C VAL D 75 17.27 -16.81 -3.91
N MET D 76 17.87 -15.68 -4.31
CA MET D 76 19.23 -15.65 -4.81
C MET D 76 20.04 -14.62 -4.04
N PRO D 77 21.32 -14.90 -3.72
CA PRO D 77 22.24 -13.85 -3.31
C PRO D 77 22.48 -12.93 -4.51
N GLU D 78 22.35 -11.62 -4.27
CA GLU D 78 22.57 -10.66 -5.34
C GLU D 78 23.02 -9.34 -4.73
N PRO D 79 24.33 -9.04 -4.71
CA PRO D 79 24.84 -7.82 -4.09
C PRO D 79 24.11 -6.59 -4.64
N HIS D 80 23.54 -5.79 -3.74
CA HIS D 80 22.87 -4.57 -4.13
C HIS D 80 23.91 -3.48 -4.45
N LEU D 81 25.05 -3.53 -3.77
CA LEU D 81 26.12 -2.56 -3.96
C LEU D 81 27.45 -3.31 -4.08
N PRO D 82 28.41 -2.84 -4.90
CA PRO D 82 29.73 -3.48 -4.99
C PRO D 82 30.42 -3.51 -3.63
N SER D 83 30.91 -4.69 -3.25
CA SER D 83 31.59 -4.89 -1.98
C SER D 83 32.92 -4.17 -1.97
N PHE D 84 33.38 -3.77 -0.78
CA PHE D 84 34.74 -3.28 -0.60
C PHE D 84 35.68 -4.46 -0.34
N ILE D 85 35.12 -5.64 -0.08
CA ILE D 85 35.87 -6.89 0.02
C ILE D 85 36.10 -7.43 -1.39
N PRO D 86 37.35 -7.59 -1.87
CA PRO D 86 37.59 -8.20 -3.18
C PRO D 86 37.23 -9.68 -3.20
N ASN D 87 36.61 -10.13 -4.31
CA ASN D 87 36.19 -11.51 -4.50
C ASN D 87 35.35 -11.98 -3.32
N ASP D 88 34.36 -11.17 -2.95
CA ASP D 88 33.40 -11.53 -1.91
C ASP D 88 32.66 -12.77 -2.40
N PRO D 89 32.60 -13.87 -1.62
CA PRO D 89 31.89 -15.08 -2.06
C PRO D 89 30.41 -14.85 -2.33
N TRP D 90 29.89 -15.69 -3.21
CA TRP D 90 28.51 -15.70 -3.66
C TRP D 90 27.54 -15.74 -2.48
N PHE D 91 27.86 -16.53 -1.44
CA PHE D 91 27.03 -16.69 -0.25
C PHE D 91 26.83 -15.40 0.54
N ASN D 92 27.51 -14.29 0.19
CA ASN D 92 27.47 -13.11 1.03
C ASN D 92 26.62 -12.01 0.38
N GLY D 93 25.93 -12.33 -0.74
CA GLY D 93 25.11 -11.36 -1.46
C GLY D 93 23.72 -11.18 -0.83
N ASP D 94 23.18 -9.97 -0.95
CA ASP D 94 21.86 -9.63 -0.40
C ASP D 94 20.78 -10.54 -0.99
N GLY D 95 19.90 -11.04 -0.13
CA GLY D 95 18.81 -11.91 -0.55
C GLY D 95 17.77 -11.16 -1.38
N ASN D 96 17.53 -11.64 -2.60
CA ASN D 96 16.51 -11.11 -3.48
C ASN D 96 15.50 -12.22 -3.77
N ILE D 97 14.22 -11.97 -3.47
CA ILE D 97 13.17 -12.98 -3.54
C ILE D 97 12.44 -12.86 -4.88
N SER D 98 12.31 -13.99 -5.58
CA SER D 98 11.46 -14.12 -6.75
C SER D 98 10.20 -14.90 -6.39
N GLY D 99 9.05 -14.42 -6.87
CA GLY D 99 7.82 -15.18 -6.81
C GLY D 99 7.22 -15.35 -8.20
N PHE D 100 6.94 -16.59 -8.57
CA PHE D 100 6.24 -16.89 -9.80
C PHE D 100 4.82 -17.35 -9.46
N TYR D 101 3.84 -16.49 -9.78
CA TYR D 101 2.45 -16.70 -9.39
C TYR D 101 1.70 -17.33 -10.57
N PHE D 102 1.20 -18.56 -10.37
CA PHE D 102 0.56 -19.32 -11.42
C PHE D 102 -0.95 -19.41 -11.20
N LYS D 103 -1.72 -19.16 -12.28
CA LYS D 103 -3.14 -19.47 -12.30
C LYS D 103 -3.63 -19.59 -13.74
N ASP D 104 -4.40 -20.65 -14.00
CA ASP D 104 -5.12 -20.87 -15.25
C ASP D 104 -4.19 -20.76 -16.45
N GLY D 105 -2.96 -21.27 -16.29
CA GLY D 105 -2.01 -21.33 -17.39
C GLY D 105 -1.28 -20.01 -17.65
N HIS D 106 -1.50 -19.00 -16.79
CA HIS D 106 -0.77 -17.73 -16.86
C HIS D 106 0.17 -17.64 -15.65
N VAL D 107 1.26 -16.87 -15.80
CA VAL D 107 2.23 -16.72 -14.74
C VAL D 107 2.78 -15.29 -14.73
N ASP D 108 2.91 -14.74 -13.51
CA ASP D 108 3.50 -13.42 -13.29
C ASP D 108 4.71 -13.56 -12.37
N LEU D 109 5.71 -12.69 -12.57
CA LEU D 109 6.88 -12.61 -11.71
C LEU D 109 6.79 -11.35 -10.84
N LYS D 110 7.04 -11.54 -9.53
CA LYS D 110 7.32 -10.43 -8.64
C LYS D 110 8.70 -10.67 -8.01
N GLN D 111 9.46 -9.59 -7.83
CA GLN D 111 10.85 -9.65 -7.42
C GLN D 111 11.13 -8.53 -6.42
N ARG D 112 11.68 -8.87 -5.24
CA ARG D 112 11.97 -7.85 -4.25
C ARG D 112 13.05 -8.29 -3.26
N TYR D 113 13.97 -7.37 -2.96
CA TYR D 113 14.99 -7.58 -1.95
C TYR D 113 14.37 -7.65 -0.55
N VAL D 114 14.90 -8.54 0.29
CA VAL D 114 14.60 -8.54 1.71
C VAL D 114 15.21 -7.29 2.34
N ARG D 115 14.41 -6.56 3.13
CA ARG D 115 14.87 -5.37 3.82
C ARG D 115 15.57 -5.77 5.12
N THR D 116 16.74 -6.39 4.98
CA THR D 116 17.60 -6.68 6.11
C THR D 116 18.16 -5.36 6.64
N GLU D 117 18.71 -5.41 7.86
CA GLU D 117 19.43 -4.27 8.41
C GLU D 117 20.55 -3.87 7.45
N LYS D 118 21.29 -4.87 6.97
CA LYS D 118 22.36 -4.66 6.01
C LYS D 118 21.85 -3.90 4.80
N PHE D 119 20.77 -4.40 4.17
CA PHE D 119 20.24 -3.81 2.96
C PHE D 119 19.86 -2.35 3.20
N VAL D 120 19.13 -2.10 4.29
CA VAL D 120 18.57 -0.79 4.57
C VAL D 120 19.69 0.22 4.82
N ARG D 121 20.67 -0.14 5.65
CA ARG D 121 21.71 0.79 6.04
C ARG D 121 22.66 1.06 4.86
N GLU D 122 22.95 0.04 4.07
CA GLU D 122 23.79 0.21 2.89
C GLU D 122 23.07 1.04 1.83
N ALA D 123 21.74 0.91 1.75
CA ALA D 123 20.95 1.70 0.82
C ALA D 123 20.96 3.18 1.22
N GLU D 124 20.87 3.46 2.54
CA GLU D 124 20.96 4.81 3.05
C GLU D 124 22.31 5.44 2.71
N ALA D 125 23.39 4.69 2.93
CA ALA D 125 24.74 5.20 2.74
C ALA D 125 25.14 5.18 1.27
N ARG D 126 24.44 4.38 0.45
CA ARG D 126 24.78 4.16 -0.95
C ARG D 126 26.21 3.62 -1.09
N ARG D 127 26.59 2.73 -0.17
CA ARG D 127 27.85 2.00 -0.26
C ARG D 127 27.80 0.80 0.66
N SER D 128 28.66 -0.19 0.39
CA SER D 128 28.73 -1.38 1.21
C SER D 128 29.39 -1.05 2.55
N LEU D 129 28.90 -1.71 3.61
CA LEU D 129 29.31 -1.47 4.98
C LEU D 129 29.65 -2.79 5.66
N LEU D 130 28.90 -3.85 5.35
CA LEU D 130 29.17 -5.17 5.89
C LEU D 130 30.39 -5.76 5.19
N GLY D 131 31.25 -6.42 5.97
CA GLY D 131 32.52 -6.93 5.47
C GLY D 131 32.45 -8.39 5.07
N LYS D 132 33.39 -9.19 5.58
CA LYS D 132 33.56 -10.57 5.17
C LYS D 132 32.42 -11.43 5.72
N TYR D 133 32.20 -12.56 5.04
CA TYR D 133 31.21 -13.55 5.41
C TYR D 133 31.37 -13.91 6.89
N ARG D 134 30.31 -13.64 7.66
CA ARG D 134 30.18 -14.06 9.05
C ARG D 134 31.34 -13.58 9.91
N ASN D 135 31.88 -12.40 9.61
CA ASN D 135 32.95 -11.83 10.41
C ASN D 135 32.66 -10.37 10.73
N ARG D 136 32.03 -10.14 11.89
CA ARG D 136 31.60 -8.81 12.29
C ARG D 136 32.78 -7.89 12.55
N TYR D 137 33.98 -8.44 12.76
CA TYR D 137 35.15 -7.63 13.06
C TYR D 137 35.67 -6.91 11.80
N THR D 138 35.11 -7.23 10.62
CA THR D 138 35.51 -6.58 9.38
C THR D 138 34.47 -5.56 8.91
N ASP D 139 33.35 -5.43 9.65
CA ASP D 139 32.29 -4.50 9.28
C ASP D 139 32.75 -3.07 9.53
N LEU D 140 32.23 -2.13 8.74
CA LEU D 140 32.59 -0.72 8.84
C LEU D 140 31.68 -0.01 9.84
N VAL D 141 30.54 -0.63 10.19
CA VAL D 141 29.69 -0.13 11.26
C VAL D 141 29.23 -1.32 12.08
N GLU D 142 28.68 -1.05 13.26
CA GLU D 142 28.20 -2.11 14.13
C GLU D 142 26.78 -2.49 13.72
N PHE D 143 26.60 -3.74 13.31
CA PHE D 143 25.30 -4.28 12.97
C PHE D 143 24.75 -5.07 14.15
N LYS D 144 23.44 -4.95 14.37
CA LYS D 144 22.74 -5.78 15.33
C LYS D 144 22.45 -7.14 14.69
N ILE D 145 21.94 -7.13 13.44
CA ILE D 145 21.66 -8.33 12.68
C ILE D 145 22.45 -8.27 11.38
N ARG D 146 23.16 -9.36 11.04
CA ARG D 146 24.05 -9.36 9.88
C ARG D 146 23.47 -10.18 8.73
N SER D 147 22.23 -10.65 8.86
CA SER D 147 21.62 -11.50 7.86
C SER D 147 21.59 -10.83 6.49
N THR D 148 21.87 -11.62 5.45
CA THR D 148 21.56 -11.28 4.08
C THR D 148 20.26 -11.97 3.64
N ALA D 149 19.77 -12.90 4.48
CA ALA D 149 18.50 -13.57 4.25
C ALA D 149 18.43 -14.17 2.85
N ASN D 150 19.47 -14.92 2.46
CA ASN D 150 19.69 -15.20 1.05
C ASN D 150 19.74 -16.70 0.75
N THR D 151 19.39 -17.56 1.71
CA THR D 151 19.65 -18.99 1.57
C THR D 151 18.37 -19.75 1.24
N ASN D 152 17.28 -19.48 1.95
CA ASN D 152 16.04 -20.19 1.73
C ASN D 152 14.87 -19.25 1.99
N ILE D 153 13.70 -19.61 1.46
CA ILE D 153 12.48 -18.83 1.60
C ILE D 153 11.33 -19.82 1.76
N VAL D 154 10.72 -19.85 2.96
CA VAL D 154 9.73 -20.85 3.29
C VAL D 154 8.45 -20.15 3.73
N TYR D 155 7.35 -20.93 3.75
CA TYR D 155 6.05 -20.43 4.13
C TYR D 155 5.70 -20.96 5.52
N TRP D 156 5.27 -20.06 6.40
CA TRP D 156 4.86 -20.46 7.73
C TRP D 156 3.76 -19.52 8.24
N ARG D 157 2.58 -20.09 8.47
N ARG D 157 2.57 -20.09 8.47
CA ARG D 157 1.45 -19.40 9.09
CA ARG D 157 1.44 -19.40 9.10
C ARG D 157 1.23 -18.03 8.46
C ARG D 157 1.19 -18.03 8.46
N GLY D 158 1.08 -18.01 7.13
CA GLY D 158 0.63 -16.82 6.41
C GLY D 158 1.74 -15.82 6.08
N GLN D 159 3.00 -16.15 6.43
CA GLN D 159 4.15 -15.31 6.10
C GLN D 159 5.18 -16.13 5.35
N LEU D 160 6.04 -15.44 4.59
CA LEU D 160 7.30 -16.00 4.14
C LEU D 160 8.35 -15.74 5.21
N LEU D 161 9.25 -16.71 5.40
CA LEU D 161 10.43 -16.53 6.24
C LEU D 161 11.67 -16.64 5.35
N ALA D 162 12.43 -15.55 5.26
CA ALA D 162 13.66 -15.52 4.50
C ALA D 162 14.81 -15.85 5.45
N LEU D 163 15.56 -16.91 5.12
CA LEU D 163 16.40 -17.60 6.09
C LEU D 163 17.88 -17.40 5.77
N LYS D 164 18.66 -17.29 6.85
CA LYS D 164 20.11 -17.26 6.82
C LYS D 164 20.61 -17.78 8.16
N GLU D 165 21.48 -18.81 8.13
CA GLU D 165 21.71 -19.65 9.29
C GLU D 165 22.48 -18.94 10.40
N ASP D 166 22.97 -17.71 10.16
CA ASP D 166 23.67 -16.95 11.18
C ASP D 166 22.73 -15.99 11.91
N SER D 167 21.41 -16.09 11.67
CA SER D 167 20.49 -15.04 12.07
C SER D 167 19.09 -15.59 12.30
N PRO D 168 18.19 -14.82 12.95
CA PRO D 168 16.77 -15.14 12.94
C PRO D 168 16.20 -14.95 11.54
N PRO D 169 14.99 -15.47 11.25
CA PRO D 169 14.35 -15.26 9.96
C PRO D 169 13.91 -13.81 9.79
N TYR D 170 13.74 -13.38 8.52
CA TYR D 170 13.01 -12.17 8.20
C TYR D 170 11.63 -12.56 7.66
N ALA D 171 10.58 -11.97 8.23
CA ALA D 171 9.21 -12.24 7.82
C ALA D 171 8.83 -11.33 6.66
N MET D 172 8.09 -11.88 5.71
CA MET D 172 7.70 -11.16 4.50
C MET D 172 6.27 -11.52 4.11
N ASP D 173 5.62 -10.61 3.37
CA ASP D 173 4.26 -10.79 2.87
C ASP D 173 4.30 -11.67 1.63
N PRO D 174 3.59 -12.81 1.59
CA PRO D 174 3.60 -13.70 0.42
C PRO D 174 3.08 -13.08 -0.88
N GLU D 175 2.22 -12.06 -0.76
CA GLU D 175 1.54 -11.47 -1.90
C GLU D 175 2.37 -10.34 -2.49
N THR D 176 2.93 -9.46 -1.64
CA THR D 176 3.60 -8.25 -2.09
C THR D 176 5.11 -8.33 -1.93
N LEU D 177 5.61 -9.30 -1.16
CA LEU D 177 7.02 -9.45 -0.82
C LEU D 177 7.53 -8.25 -0.01
N GLU D 178 6.61 -7.51 0.64
CA GLU D 178 6.99 -6.53 1.64
C GLU D 178 7.71 -7.26 2.78
N THR D 179 8.76 -6.64 3.31
CA THR D 179 9.45 -7.15 4.49
C THR D 179 8.80 -6.58 5.75
N PHE D 180 8.30 -7.45 6.63
CA PHE D 180 7.76 -7.01 7.91
C PHE D 180 8.89 -6.70 8.90
N GLY D 181 9.91 -7.56 8.92
CA GLY D 181 11.09 -7.35 9.74
C GLY D 181 11.63 -8.66 10.30
N VAL D 182 12.68 -8.56 11.12
CA VAL D 182 13.25 -9.72 11.78
C VAL D 182 12.16 -10.34 12.65
N TYR D 183 12.07 -11.67 12.64
CA TYR D 183 10.95 -12.39 13.23
C TYR D 183 11.42 -13.25 14.40
N ASP D 184 10.76 -13.14 15.56
CA ASP D 184 11.16 -13.90 16.73
C ASP D 184 10.01 -14.73 17.28
N PHE D 185 9.03 -15.07 16.43
CA PHE D 185 7.95 -15.98 16.77
C PHE D 185 7.23 -15.53 18.06
N ASP D 186 6.83 -14.25 18.09
CA ASP D 186 6.10 -13.68 19.22
C ASP D 186 6.92 -13.77 20.48
N GLY D 187 8.23 -13.48 20.37
CA GLY D 187 9.13 -13.46 21.51
C GLY D 187 9.51 -14.84 22.04
N GLN D 188 9.18 -15.90 21.28
CA GLN D 188 9.42 -17.26 21.74
C GLN D 188 10.76 -17.82 21.25
N LEU D 189 11.37 -17.18 20.24
CA LEU D 189 12.57 -17.71 19.63
C LEU D 189 13.68 -17.76 20.67
N PRO D 190 14.19 -18.97 21.04
CA PRO D 190 15.19 -19.09 22.10
C PRO D 190 16.65 -18.92 21.65
N SER D 191 16.87 -18.90 20.33
CA SER D 191 18.19 -18.99 19.74
C SER D 191 18.52 -17.69 19.00
N LEU D 192 19.81 -17.36 18.92
CA LEU D 192 20.27 -16.26 18.09
C LEU D 192 20.22 -16.62 16.60
N THR D 193 20.08 -17.92 16.29
CA THR D 193 20.25 -18.42 14.93
C THR D 193 19.10 -19.34 14.57
N PHE D 194 18.76 -19.35 13.28
CA PHE D 194 17.68 -20.16 12.76
C PHE D 194 18.15 -20.79 11.45
N THR D 195 18.13 -22.13 11.41
CA THR D 195 18.62 -22.88 10.27
C THR D 195 17.91 -22.45 8.99
N ALA D 196 18.62 -22.58 7.86
CA ALA D 196 18.03 -22.33 6.56
C ALA D 196 17.23 -23.54 6.06
N HIS D 197 17.27 -24.64 6.81
CA HIS D 197 16.64 -25.88 6.37
C HIS D 197 15.72 -26.44 7.46
N PRO D 198 14.66 -25.71 7.87
CA PRO D 198 13.67 -26.28 8.78
C PRO D 198 12.90 -27.37 8.05
N LYS D 199 12.29 -28.28 8.82
CA LYS D 199 11.53 -29.39 8.25
C LYS D 199 10.07 -29.25 8.67
N PHE D 200 9.16 -29.60 7.76
CA PHE D 200 7.73 -29.50 8.01
C PHE D 200 7.16 -30.91 8.08
N ASP D 201 6.67 -31.30 9.26
CA ASP D 201 6.09 -32.60 9.46
C ASP D 201 4.70 -32.60 8.83
N PRO D 202 4.44 -33.45 7.80
CA PRO D 202 3.15 -33.44 7.13
C PRO D 202 2.00 -33.98 7.99
N VAL D 203 2.33 -34.73 9.05
CA VAL D 203 1.32 -35.33 9.92
C VAL D 203 0.98 -34.38 11.07
N THR D 204 1.99 -33.92 11.81
CA THR D 204 1.77 -33.11 13.00
C THR D 204 1.63 -31.63 12.64
N ARG D 205 2.06 -31.25 11.43
CA ARG D 205 2.01 -29.88 10.94
C ARG D 205 2.96 -28.99 11.74
N GLU D 206 3.97 -29.60 12.36
CA GLU D 206 4.98 -28.84 13.10
C GLU D 206 6.06 -28.34 12.15
N MET D 207 6.65 -27.19 12.48
CA MET D 207 7.90 -26.78 11.88
C MET D 207 9.03 -27.12 12.86
N VAL D 208 9.95 -27.97 12.41
CA VAL D 208 11.05 -28.46 13.25
C VAL D 208 12.32 -27.71 12.85
N CYS D 209 12.98 -27.12 13.83
CA CYS D 209 14.04 -26.15 13.61
C CYS D 209 15.24 -26.43 14.51
N PHE D 210 16.33 -25.73 14.22
CA PHE D 210 17.44 -25.62 15.13
C PHE D 210 18.26 -24.40 14.74
N GLY D 211 19.23 -24.08 15.61
CA GLY D 211 20.30 -23.14 15.28
C GLY D 211 21.60 -23.62 15.89
N TYR D 212 22.72 -23.46 15.16
CA TYR D 212 24.04 -23.71 15.70
C TYR D 212 24.72 -22.35 15.87
N GLU D 213 25.87 -22.35 16.57
CA GLU D 213 26.45 -21.12 17.11
C GLU D 213 25.34 -20.31 17.77
N ALA D 214 24.52 -21.01 18.57
CA ALA D 214 23.23 -20.49 19.01
C ALA D 214 23.39 -19.43 20.11
N LYS D 215 24.59 -19.30 20.68
CA LYS D 215 24.84 -18.28 21.68
C LYS D 215 25.90 -17.29 21.21
N GLY D 216 26.23 -17.31 19.90
CA GLY D 216 27.12 -16.32 19.35
C GLY D 216 28.29 -16.95 18.60
N ASP D 217 29.14 -16.09 18.04
CA ASP D 217 30.29 -16.49 17.25
C ASP D 217 31.10 -17.54 18.00
N GLY D 218 31.35 -18.68 17.34
CA GLY D 218 32.29 -19.67 17.82
C GLY D 218 31.77 -20.57 18.94
N THR D 219 30.52 -20.36 19.38
CA THR D 219 29.95 -21.19 20.43
C THR D 219 29.57 -22.55 19.87
N ARG D 220 29.66 -23.59 20.71
CA ARG D 220 29.37 -24.96 20.32
C ARG D 220 27.93 -25.31 20.66
N ASP D 221 27.17 -24.30 21.09
CA ASP D 221 25.79 -24.49 21.51
C ASP D 221 24.89 -24.68 20.30
N ILE D 222 24.11 -25.77 20.34
CA ILE D 222 23.04 -26.01 19.39
C ILE D 222 21.73 -25.89 20.15
N CYS D 223 20.77 -25.16 19.57
CA CYS D 223 19.43 -25.10 20.11
C CYS D 223 18.47 -25.77 19.16
N TYR D 224 17.87 -26.88 19.61
CA TYR D 224 16.83 -27.58 18.87
C TYR D 224 15.48 -27.12 19.38
N TYR D 225 14.61 -26.70 18.46
CA TYR D 225 13.29 -26.20 18.84
C TYR D 225 12.28 -26.47 17.72
N SER D 226 11.01 -26.51 18.11
CA SER D 226 9.92 -26.77 17.18
C SER D 226 8.75 -25.86 17.50
N PHE D 227 7.89 -25.65 16.49
CA PHE D 227 6.68 -24.86 16.62
C PHE D 227 5.50 -25.69 16.13
N GLY D 228 4.44 -25.74 16.94
CA GLY D 228 3.20 -26.38 16.53
C GLY D 228 2.47 -25.53 15.49
N PRO D 229 1.46 -26.08 14.80
CA PRO D 229 0.75 -25.35 13.75
C PRO D 229 0.02 -24.09 14.25
N ASP D 230 -0.24 -24.02 15.56
CA ASP D 230 -0.86 -22.85 16.17
C ASP D 230 0.17 -21.75 16.46
N GLY D 231 1.46 -22.04 16.22
CA GLY D 231 2.51 -21.05 16.38
C GLY D 231 3.20 -21.07 17.75
N LYS D 232 2.76 -21.95 18.65
CA LYS D 232 3.37 -22.07 19.97
C LYS D 232 4.60 -22.94 19.89
N ILE D 233 5.66 -22.54 20.61
CA ILE D 233 6.87 -23.33 20.68
C ILE D 233 6.56 -24.62 21.45
N ALA D 234 7.12 -25.74 20.99
CA ALA D 234 6.93 -27.03 21.62
C ALA D 234 8.25 -27.46 22.27
N GLU D 235 9.16 -28.03 21.47
CA GLU D 235 10.45 -28.46 21.97
C GLU D 235 11.39 -27.26 22.11
N THR D 236 12.24 -27.31 23.13
CA THR D 236 13.43 -26.47 23.20
C THR D 236 14.50 -27.21 24.00
N VAL D 237 15.52 -27.70 23.30
CA VAL D 237 16.59 -28.46 23.90
C VAL D 237 17.92 -27.83 23.52
N TRP D 238 18.72 -27.49 24.53
CA TRP D 238 20.08 -27.02 24.34
C TRP D 238 21.04 -28.20 24.42
N LEU D 239 21.89 -28.35 23.40
CA LEU D 239 22.93 -29.37 23.42
C LEU D 239 24.25 -28.75 22.97
N VAL D 240 25.31 -29.56 23.02
CA VAL D 240 26.66 -29.09 22.78
C VAL D 240 27.26 -29.93 21.64
N SER D 241 27.82 -29.21 20.66
CA SER D 241 28.52 -29.80 19.55
C SER D 241 29.93 -30.23 20.01
N PRO D 242 30.51 -31.35 19.52
CA PRO D 242 31.88 -31.72 19.88
C PRO D 242 32.93 -30.73 19.37
N VAL D 243 32.66 -30.12 18.21
CA VAL D 243 33.45 -29.01 17.69
C VAL D 243 32.50 -27.90 17.26
N CYS D 244 33.00 -26.67 17.12
CA CYS D 244 32.22 -25.60 16.52
C CYS D 244 32.28 -25.75 15.01
N GLY D 245 31.46 -26.66 14.48
CA GLY D 245 31.42 -26.93 13.06
C GLY D 245 30.10 -26.49 12.43
N MET D 246 30.09 -26.39 11.10
CA MET D 246 28.94 -25.89 10.36
C MET D 246 27.91 -27.02 10.28
N ILE D 247 26.70 -26.74 10.77
CA ILE D 247 25.57 -27.63 10.62
C ILE D 247 24.56 -26.93 9.71
N HIS D 248 24.73 -27.14 8.40
CA HIS D 248 23.95 -26.45 7.38
C HIS D 248 22.55 -27.03 7.29
N ASP D 249 22.46 -28.36 7.31
CA ASP D 249 21.19 -29.05 7.13
C ASP D 249 21.03 -30.03 8.27
N PHE D 250 19.82 -30.55 8.45
CA PHE D 250 19.57 -31.60 9.43
C PHE D 250 18.42 -32.47 8.93
N ALA D 251 18.08 -33.50 9.71
CA ALA D 251 17.07 -34.45 9.33
C ALA D 251 16.16 -34.73 10.51
N VAL D 252 14.90 -35.06 10.19
CA VAL D 252 13.89 -35.31 11.19
C VAL D 252 13.17 -36.59 10.82
N THR D 253 13.04 -37.50 11.80
CA THR D 253 12.24 -38.70 11.66
C THR D 253 11.09 -38.61 12.67
N GLU D 254 10.27 -39.66 12.75
CA GLU D 254 9.16 -39.70 13.68
C GLU D 254 9.64 -39.46 15.11
N ASN D 255 10.79 -40.06 15.49
CA ASN D 255 11.20 -40.08 16.88
C ASN D 255 12.58 -39.44 17.11
N PHE D 256 13.28 -39.01 16.04
CA PHE D 256 14.64 -38.52 16.19
C PHE D 256 14.89 -37.28 15.34
N VAL D 257 15.85 -36.46 15.76
CA VAL D 257 16.42 -35.40 14.93
C VAL D 257 17.92 -35.65 14.82
N ILE D 258 18.47 -35.36 13.63
CA ILE D 258 19.83 -35.76 13.27
C ILE D 258 20.59 -34.53 12.77
N PHE D 259 21.80 -34.32 13.33
CA PHE D 259 22.61 -33.14 13.05
C PHE D 259 23.94 -33.56 12.43
N PRO D 260 24.07 -33.61 11.08
CA PRO D 260 25.36 -33.86 10.45
C PRO D 260 26.25 -32.61 10.45
N ILE D 261 27.49 -32.75 10.93
CA ILE D 261 28.40 -31.64 11.05
C ILE D 261 29.43 -31.69 9.92
N ILE D 262 29.49 -30.60 9.15
CA ILE D 262 30.54 -30.41 8.15
C ILE D 262 31.83 -30.06 8.88
N PRO D 263 32.97 -30.73 8.56
CA PRO D 263 34.26 -30.40 9.18
C PRO D 263 34.86 -29.05 8.83
N LEU D 264 34.00 -28.03 8.66
CA LEU D 264 34.44 -26.63 8.69
C LEU D 264 34.30 -26.16 10.13
N VAL D 265 35.36 -25.58 10.68
CA VAL D 265 35.41 -25.26 12.09
C VAL D 265 35.72 -23.78 12.27
N CYS D 266 35.13 -23.18 13.30
CA CYS D 266 35.23 -21.76 13.57
C CYS D 266 36.12 -21.50 14.77
N ASP D 267 37.06 -20.57 14.61
CA ASP D 267 37.87 -20.03 15.69
C ASP D 267 37.68 -18.51 15.73
N VAL D 268 37.12 -18.03 16.84
CA VAL D 268 36.76 -16.62 16.96
C VAL D 268 38.02 -15.75 17.00
N GLU D 269 39.13 -16.29 17.50
CA GLU D 269 40.38 -15.55 17.58
C GLU D 269 40.94 -15.28 16.19
N ARG D 270 40.80 -16.26 15.28
CA ARG D 270 41.15 -16.08 13.88
C ARG D 270 40.33 -14.92 13.28
N MET D 271 39.04 -14.89 13.61
CA MET D 271 38.12 -13.89 13.06
C MET D 271 38.51 -12.49 13.52
N LYS D 272 38.91 -12.36 14.79
CA LYS D 272 39.27 -11.07 15.36
C LYS D 272 40.48 -10.46 14.64
N GLN D 273 41.32 -11.30 14.04
CA GLN D 273 42.48 -10.83 13.29
C GLN D 273 42.11 -10.59 11.82
N GLY D 274 40.84 -10.78 11.46
CA GLY D 274 40.37 -10.54 10.10
C GLY D 274 40.33 -11.80 9.25
N GLY D 275 40.45 -12.97 9.87
CA GLY D 275 40.49 -14.24 9.16
C GLY D 275 39.09 -14.79 8.90
N ASP D 276 39.06 -15.96 8.22
CA ASP D 276 37.83 -16.58 7.78
C ASP D 276 37.10 -17.18 8.96
N HIS D 277 35.76 -17.12 8.91
CA HIS D 277 34.92 -17.73 9.93
C HIS D 277 35.12 -19.25 9.93
N TRP D 278 35.26 -19.82 8.72
CA TRP D 278 35.32 -21.26 8.54
C TRP D 278 36.71 -21.69 8.06
N GLN D 279 37.17 -22.84 8.55
CA GLN D 279 38.44 -23.44 8.17
C GLN D 279 38.30 -24.97 8.24
N TRP D 280 38.68 -25.66 7.16
CA TRP D 280 38.56 -27.11 7.08
C TRP D 280 39.50 -27.77 8.09
N ASP D 281 39.06 -28.90 8.64
CA ASP D 281 39.86 -29.69 9.57
C ASP D 281 39.86 -31.14 9.10
N TYR D 282 41.03 -31.60 8.61
CA TYR D 282 41.18 -32.93 8.04
C TYR D 282 41.19 -34.00 9.13
N SER D 283 41.38 -33.60 10.39
CA SER D 283 41.67 -34.55 11.46
C SER D 283 40.40 -35.02 12.17
N ILE D 284 39.22 -34.56 11.77
CA ILE D 284 38.01 -34.93 12.47
C ILE D 284 37.11 -35.75 11.54
N PRO D 285 36.23 -36.60 12.11
CA PRO D 285 35.19 -37.27 11.33
C PRO D 285 34.08 -36.29 10.96
N MET D 286 33.14 -36.76 10.14
CA MET D 286 31.87 -36.08 9.99
C MET D 286 30.95 -36.58 11.11
N TYR D 287 30.83 -35.77 12.16
CA TYR D 287 29.96 -36.12 13.27
C TYR D 287 28.51 -36.10 12.80
N ILE D 288 27.71 -37.04 13.31
CA ILE D 288 26.29 -37.09 13.07
C ILE D 288 25.60 -37.30 14.42
N GLY D 289 25.07 -36.21 14.99
CA GLY D 289 24.37 -36.27 16.26
C GLY D 289 22.96 -36.81 16.08
N VAL D 290 22.51 -37.64 17.04
CA VAL D 290 21.16 -38.14 17.05
C VAL D 290 20.58 -37.85 18.43
N LEU D 291 19.40 -37.19 18.42
CA LEU D 291 18.72 -36.79 19.65
C LEU D 291 17.27 -37.26 19.56
N PRO D 292 16.67 -37.76 20.66
CA PRO D 292 15.23 -38.04 20.68
C PRO D 292 14.46 -36.76 20.35
N ARG D 293 13.42 -36.90 19.53
CA ARG D 293 12.73 -35.74 18.98
C ARG D 293 11.90 -35.05 20.07
N ARG D 294 11.40 -35.82 21.05
CA ARG D 294 10.49 -35.27 22.05
C ARG D 294 10.96 -35.64 23.45
N GLY D 295 11.03 -34.62 24.33
CA GLY D 295 11.18 -34.83 25.76
C GLY D 295 12.63 -34.98 26.21
N ALA D 296 13.60 -34.78 25.31
CA ALA D 296 14.99 -35.10 25.58
C ALA D 296 15.67 -34.01 26.38
N GLN D 297 16.84 -34.34 26.91
CA GLN D 297 17.78 -33.38 27.48
C GLN D 297 18.99 -33.31 26.56
N GLY D 298 19.81 -32.27 26.73
CA GLY D 298 21.00 -32.06 25.91
C GLY D 298 21.97 -33.24 25.94
N SER D 299 22.05 -33.91 27.10
CA SER D 299 22.99 -34.99 27.32
C SER D 299 22.53 -36.29 26.67
N ASP D 300 21.31 -36.31 26.11
CA ASP D 300 20.78 -37.51 25.47
C ASP D 300 21.30 -37.65 24.03
N VAL D 301 22.00 -36.63 23.53
CA VAL D 301 22.52 -36.68 22.17
C VAL D 301 23.68 -37.66 22.11
N LYS D 302 23.71 -38.48 21.06
CA LYS D 302 24.85 -39.33 20.75
C LYS D 302 25.52 -38.81 19.49
N TRP D 303 26.83 -38.55 19.57
CA TRP D 303 27.60 -38.04 18.45
C TRP D 303 28.31 -39.19 17.74
N PHE D 304 27.61 -39.83 16.80
CA PHE D 304 28.18 -40.85 15.94
C PHE D 304 29.24 -40.21 15.04
N GLU D 305 30.13 -41.06 14.50
CA GLU D 305 31.30 -40.59 13.79
C GLU D 305 31.36 -41.28 12.44
N ALA D 306 30.90 -40.57 11.39
CA ALA D 306 30.96 -41.08 10.04
C ALA D 306 32.35 -40.81 9.48
N PRO D 307 32.78 -41.56 8.45
CA PRO D 307 34.06 -41.28 7.79
C PRO D 307 34.14 -39.82 7.36
N HIS D 308 35.33 -39.24 7.52
CA HIS D 308 35.59 -37.86 7.17
C HIS D 308 35.01 -37.57 5.78
N GLY D 309 34.31 -36.44 5.68
CA GLY D 309 33.72 -36.01 4.43
C GLY D 309 32.84 -34.78 4.60
N PHE D 310 32.18 -34.37 3.52
CA PHE D 310 31.37 -33.18 3.49
C PHE D 310 29.89 -33.57 3.53
N ALA D 311 29.18 -33.08 4.55
CA ALA D 311 27.75 -33.28 4.67
C ALA D 311 27.02 -32.30 3.77
N GLY D 312 26.47 -32.79 2.65
CA GLY D 312 25.65 -31.98 1.77
C GLY D 312 24.19 -31.93 2.24
N HIS D 313 23.30 -31.55 1.34
CA HIS D 313 21.89 -31.38 1.68
C HIS D 313 21.24 -32.73 1.94
N VAL D 314 20.35 -32.76 2.94
CA VAL D 314 19.55 -33.92 3.27
C VAL D 314 18.38 -34.03 2.30
N ALA D 315 18.20 -35.21 1.71
CA ALA D 315 17.00 -35.49 0.93
C ALA D 315 15.84 -35.70 1.90
N ASN D 316 16.03 -36.66 2.82
CA ASN D 316 15.02 -37.05 3.80
C ASN D 316 15.62 -38.11 4.71
N ALA D 317 15.03 -38.29 5.90
CA ALA D 317 15.38 -39.39 6.78
C ALA D 317 14.10 -40.01 7.33
N PHE D 318 14.20 -41.28 7.71
CA PHE D 318 13.06 -42.01 8.26
C PHE D 318 13.55 -43.21 9.06
N GLU D 319 12.68 -43.71 9.94
CA GLU D 319 12.90 -44.95 10.66
C GLU D 319 12.31 -46.11 9.87
N ASP D 320 13.09 -47.18 9.71
CA ASP D 320 12.62 -48.40 9.05
C ASP D 320 11.94 -49.28 10.10
N ASP D 321 11.62 -50.52 9.72
CA ASP D 321 10.84 -51.42 10.57
C ASP D 321 11.62 -51.78 11.84
N LYS D 322 12.95 -51.86 11.74
CA LYS D 322 13.79 -52.27 12.86
C LYS D 322 14.00 -51.10 13.82
N GLY D 323 13.57 -49.89 13.45
CA GLY D 323 13.73 -48.71 14.27
C GLY D 323 15.05 -47.98 13.99
N HIS D 324 15.74 -48.40 12.92
CA HIS D 324 17.00 -47.80 12.51
C HIS D 324 16.73 -46.59 11.61
N ILE D 325 17.55 -45.55 11.76
CA ILE D 325 17.42 -44.34 10.98
C ILE D 325 18.10 -44.55 9.63
N GLN D 326 17.34 -44.35 8.54
CA GLN D 326 17.90 -44.25 7.20
C GLN D 326 18.07 -42.78 6.86
N LEU D 327 19.32 -42.33 6.73
CA LEU D 327 19.61 -40.94 6.44
C LEU D 327 20.17 -40.82 5.03
N GLN D 328 19.41 -40.17 4.15
CA GLN D 328 19.80 -40.04 2.75
C GLN D 328 20.15 -38.58 2.48
N MET D 329 21.39 -38.35 2.02
CA MET D 329 21.92 -37.00 1.85
C MET D 329 23.05 -37.03 0.82
N ALA D 330 23.35 -35.86 0.25
CA ALA D 330 24.54 -35.70 -0.56
C ALA D 330 25.76 -35.77 0.36
N TYR D 331 26.82 -36.42 -0.13
CA TYR D 331 28.01 -36.68 0.67
C TYR D 331 29.23 -36.69 -0.24
N ALA D 332 30.25 -35.90 0.11
CA ALA D 332 31.50 -35.87 -0.62
C ALA D 332 32.63 -36.26 0.32
N LYS D 333 33.79 -36.60 -0.26
CA LYS D 333 34.92 -37.10 0.49
C LYS D 333 35.95 -36.02 0.78
N ASP D 334 35.73 -34.81 0.24
CA ASP D 334 36.63 -33.69 0.48
C ASP D 334 35.80 -32.42 0.57
N ASN D 335 36.49 -31.29 0.74
CA ASN D 335 35.88 -30.00 1.06
C ASN D 335 35.24 -29.40 -0.19
N VAL D 336 33.90 -29.44 -0.25
CA VAL D 336 33.15 -28.83 -1.34
C VAL D 336 33.37 -27.32 -1.35
N PHE D 337 33.45 -26.71 -0.17
CA PHE D 337 33.70 -25.28 -0.04
C PHE D 337 35.21 -25.03 -0.02
N PHE D 338 35.84 -25.22 -1.19
CA PHE D 338 37.29 -25.27 -1.32
C PHE D 338 37.95 -23.92 -1.03
N TRP D 339 37.16 -22.83 -1.10
CA TRP D 339 37.66 -21.48 -0.86
C TRP D 339 37.91 -21.24 0.64
N TRP D 340 37.47 -22.17 1.50
CA TRP D 340 37.84 -22.16 2.92
C TRP D 340 38.68 -23.40 3.23
N PRO D 341 39.99 -23.39 2.89
CA PRO D 341 40.84 -24.58 3.07
C PRO D 341 41.25 -24.78 4.52
N ASP D 342 42.19 -25.71 4.76
CA ASP D 342 42.65 -25.99 6.12
C ASP D 342 43.66 -24.93 6.54
N ALA D 343 44.23 -25.10 7.73
CA ALA D 343 45.10 -24.10 8.34
C ALA D 343 46.33 -23.81 7.49
N ASN D 344 46.76 -24.78 6.66
CA ASN D 344 47.95 -24.60 5.82
C ASN D 344 47.57 -24.29 4.37
N GLY D 345 46.32 -23.92 4.13
CA GLY D 345 45.86 -23.54 2.80
C GLY D 345 45.61 -24.75 1.89
N LYS D 346 45.57 -25.95 2.48
CA LYS D 346 45.42 -27.19 1.72
C LYS D 346 43.95 -27.46 1.47
N GLY D 347 43.62 -27.81 0.21
CA GLY D 347 42.28 -28.22 -0.16
C GLY D 347 42.17 -28.50 -1.66
N PRO D 348 40.99 -28.97 -2.13
CA PRO D 348 40.79 -29.27 -3.55
C PRO D 348 40.68 -28.02 -4.42
N ARG D 349 40.70 -28.23 -5.75
CA ARG D 349 40.54 -27.15 -6.71
C ARG D 349 39.09 -27.08 -7.16
N PRO D 350 38.67 -26.00 -7.85
CA PRO D 350 37.32 -25.92 -8.42
C PRO D 350 36.97 -27.11 -9.30
N GLY D 351 35.73 -27.62 -9.14
CA GLY D 351 35.17 -28.63 -10.03
C GLY D 351 35.76 -30.02 -9.81
N GLU D 352 36.51 -30.20 -8.73
CA GLU D 352 37.23 -31.43 -8.44
C GLU D 352 36.36 -32.36 -7.59
N VAL D 353 35.70 -31.77 -6.57
CA VAL D 353 34.98 -32.55 -5.58
C VAL D 353 33.59 -32.88 -6.11
N GLU D 354 33.23 -34.16 -6.08
CA GLU D 354 31.89 -34.63 -6.42
C GLU D 354 31.19 -35.06 -5.13
N ALA D 355 29.87 -34.82 -5.07
CA ALA D 355 29.04 -35.33 -4.00
C ALA D 355 28.13 -36.42 -4.57
N HIS D 356 27.85 -37.44 -3.76
CA HIS D 356 27.09 -38.60 -4.21
C HIS D 356 25.94 -38.86 -3.24
N PHE D 357 24.87 -39.47 -3.77
CA PHE D 357 23.64 -39.66 -3.02
C PHE D 357 23.82 -40.84 -2.09
N ALA D 358 24.03 -40.56 -0.80
CA ALA D 358 24.48 -41.54 0.17
C ALA D 358 23.35 -41.93 1.10
N ASN D 359 23.39 -43.18 1.58
CA ASN D 359 22.50 -43.66 2.62
C ASN D 359 23.35 -44.06 3.83
N PHE D 360 23.12 -43.41 4.98
CA PHE D 360 23.73 -43.78 6.23
C PHE D 360 22.71 -44.48 7.12
N VAL D 361 23.16 -45.48 7.88
CA VAL D 361 22.30 -46.18 8.81
C VAL D 361 22.75 -45.85 10.23
N LEU D 362 21.80 -45.42 11.07
CA LEU D 362 22.12 -45.06 12.45
C LEU D 362 21.14 -45.75 13.39
N ASP D 363 21.67 -46.21 14.53
CA ASP D 363 20.87 -46.82 15.59
C ASP D 363 21.17 -46.04 16.87
N TYR D 364 20.14 -45.39 17.43
CA TYR D 364 20.31 -44.58 18.62
C TYR D 364 20.69 -45.47 19.82
N GLN D 365 20.32 -46.75 19.76
CA GLN D 365 20.59 -47.68 20.85
C GLN D 365 22.06 -48.09 20.89
N SER D 366 22.69 -48.15 19.70
CA SER D 366 24.08 -48.57 19.58
C SER D 366 24.99 -47.67 20.41
N ASP D 367 25.99 -48.28 21.05
CA ASP D 367 27.03 -47.55 21.78
C ASP D 367 28.31 -47.49 20.96
N LYS D 368 28.27 -48.09 19.76
CA LYS D 368 29.37 -48.03 18.82
C LYS D 368 29.27 -46.71 18.05
N LEU D 369 30.21 -45.80 18.31
CA LEU D 369 30.14 -44.44 17.78
C LEU D 369 30.54 -44.42 16.30
N PRO D 370 31.66 -45.05 15.87
CA PRO D 370 32.01 -45.08 14.44
C PRO D 370 30.92 -45.72 13.57
N LEU D 371 30.71 -45.14 12.38
CA LEU D 371 29.72 -45.61 11.43
C LEU D 371 30.42 -46.20 10.22
N ALA D 372 29.77 -47.18 9.59
CA ALA D 372 30.26 -47.76 8.35
C ALA D 372 30.16 -46.73 7.23
N GLU D 373 30.98 -46.92 6.19
CA GLU D 373 30.85 -46.18 4.94
C GLU D 373 29.40 -46.30 4.47
N PRO D 374 28.83 -45.23 3.88
CA PRO D 374 27.46 -45.28 3.36
C PRO D 374 27.36 -46.07 2.06
N THR D 375 26.17 -46.59 1.76
CA THR D 375 25.87 -47.09 0.42
C THR D 375 25.43 -45.91 -0.44
N TYR D 376 25.61 -46.04 -1.76
CA TYR D 376 25.27 -44.99 -2.71
C TYR D 376 24.08 -45.44 -3.53
N LEU D 377 23.11 -44.53 -3.74
CA LEU D 377 21.86 -44.86 -4.40
C LEU D 377 22.00 -44.68 -5.91
N VAL D 378 22.85 -43.75 -6.33
CA VAL D 378 23.16 -43.57 -7.74
C VAL D 378 24.63 -43.19 -7.85
N ASP D 379 25.16 -43.12 -9.08
CA ASP D 379 26.56 -42.82 -9.32
C ASP D 379 26.78 -41.35 -9.71
N ASP D 380 25.70 -40.63 -10.01
CA ASP D 380 25.78 -39.27 -10.52
C ASP D 380 26.41 -38.34 -9.47
N ASP D 381 27.18 -37.37 -9.95
CA ASP D 381 27.57 -36.21 -9.15
C ASP D 381 26.32 -35.34 -8.98
N MET D 382 25.85 -35.18 -7.73
CA MET D 382 24.55 -34.57 -7.50
C MET D 382 24.56 -33.62 -6.31
N GLU D 383 23.47 -32.86 -6.19
CA GLU D 383 23.15 -32.03 -5.04
C GLU D 383 21.70 -31.56 -5.14
N PHE D 384 21.26 -30.80 -4.12
CA PHE D 384 19.95 -30.16 -4.11
C PHE D 384 18.84 -31.19 -4.25
N PRO D 385 18.80 -32.22 -3.38
CA PRO D 385 17.73 -33.22 -3.43
C PRO D 385 16.41 -32.70 -2.87
N ARG D 386 15.32 -33.00 -3.58
CA ARG D 386 13.97 -32.74 -3.12
C ARG D 386 13.18 -34.04 -3.11
N ILE D 387 12.24 -34.17 -2.17
CA ILE D 387 11.30 -35.27 -2.16
C ILE D 387 9.89 -34.70 -2.31
N ASP D 388 8.91 -35.61 -2.36
CA ASP D 388 7.51 -35.26 -2.15
C ASP D 388 7.33 -35.01 -0.66
N ASP D 389 7.14 -33.75 -0.28
CA ASP D 389 7.22 -33.36 1.13
C ASP D 389 5.99 -33.86 1.90
N ARG D 390 5.06 -34.52 1.20
CA ARG D 390 3.94 -35.17 1.86
C ARG D 390 4.39 -36.40 2.66
N VAL D 391 5.59 -36.91 2.40
CA VAL D 391 6.12 -38.04 3.15
C VAL D 391 7.40 -37.65 3.90
N ALA D 392 7.63 -36.36 4.10
CA ALA D 392 8.80 -35.91 4.85
C ALA D 392 8.78 -36.52 6.25
N THR D 393 9.96 -36.98 6.71
CA THR D 393 10.15 -37.62 7.99
C THR D 393 9.67 -39.07 7.97
N ARG D 394 9.12 -39.52 6.84
CA ARG D 394 8.62 -40.88 6.69
C ARG D 394 9.31 -41.51 5.49
N LYS D 395 9.07 -42.81 5.28
CA LYS D 395 9.64 -43.53 4.16
C LYS D 395 9.24 -42.82 2.86
N HIS D 396 10.25 -42.44 2.06
CA HIS D 396 10.04 -41.85 0.75
C HIS D 396 10.60 -42.82 -0.28
N LYS D 397 10.07 -42.77 -1.51
CA LYS D 397 10.53 -43.65 -2.57
C LYS D 397 10.73 -42.88 -3.89
N HIS D 398 10.68 -41.54 -3.82
CA HIS D 398 10.99 -40.70 -4.96
C HIS D 398 11.92 -39.58 -4.49
N THR D 399 12.97 -39.32 -5.26
CA THR D 399 13.86 -38.20 -5.02
C THR D 399 14.17 -37.50 -6.35
N PHE D 400 14.10 -36.17 -6.32
CA PHE D 400 14.51 -35.35 -7.45
C PHE D 400 15.77 -34.58 -7.04
N PHE D 401 16.74 -34.43 -7.96
CA PHE D 401 17.99 -33.80 -7.59
C PHE D 401 18.71 -33.26 -8.82
N CYS D 402 19.56 -32.26 -8.57
CA CYS D 402 20.45 -31.71 -9.59
C CYS D 402 21.59 -32.70 -9.83
N ILE D 403 22.06 -32.74 -11.09
CA ILE D 403 23.22 -33.52 -11.45
C ILE D 403 24.20 -32.64 -12.22
N PHE D 404 25.48 -33.01 -12.17
CA PHE D 404 26.49 -32.42 -13.01
C PHE D 404 27.22 -33.54 -13.76
N ASP D 405 26.97 -33.62 -15.07
CA ASP D 405 27.44 -34.72 -15.87
C ASP D 405 28.56 -34.22 -16.79
N ARG D 406 29.76 -34.78 -16.62
CA ARG D 406 30.93 -34.36 -17.41
C ARG D 406 31.05 -35.20 -18.69
N LYS D 407 30.15 -36.16 -18.89
CA LYS D 407 30.03 -36.88 -20.15
C LYS D 407 30.08 -35.89 -21.32
N PRO D 408 31.02 -36.07 -22.29
CA PRO D 408 31.23 -35.09 -23.36
C PRO D 408 29.96 -34.73 -24.13
N GLY D 409 29.73 -33.42 -24.34
CA GLY D 409 28.63 -32.93 -25.15
C GLY D 409 27.45 -32.43 -24.33
N VAL D 410 27.25 -32.95 -23.12
CA VAL D 410 26.08 -32.61 -22.32
C VAL D 410 26.10 -31.10 -22.02
N THR D 411 27.26 -30.57 -21.61
CA THR D 411 27.46 -29.13 -21.54
C THR D 411 28.55 -28.73 -22.53
N ASP D 412 28.27 -27.71 -23.35
CA ASP D 412 29.25 -27.09 -24.22
C ASP D 412 30.07 -26.10 -23.39
N PHE D 413 31.09 -26.64 -22.69
CA PHE D 413 31.89 -25.86 -21.76
C PHE D 413 32.67 -24.75 -22.46
N GLU D 414 33.06 -24.99 -23.72
CA GLU D 414 33.81 -24.01 -24.49
C GLU D 414 32.99 -22.73 -24.65
N PHE D 415 31.67 -22.88 -24.78
CA PHE D 415 30.77 -21.75 -24.95
C PHE D 415 30.37 -21.14 -23.61
N VAL D 416 30.08 -22.01 -22.63
CA VAL D 416 29.42 -21.59 -21.40
C VAL D 416 30.41 -20.91 -20.44
N MET D 417 31.59 -21.53 -20.24
CA MET D 417 32.50 -21.14 -19.17
C MET D 417 32.92 -19.67 -19.31
N PRO D 418 33.26 -19.15 -20.51
CA PRO D 418 33.57 -17.74 -20.67
C PRO D 418 32.44 -16.77 -20.33
N ARG D 419 31.20 -17.27 -20.31
N ARG D 419 31.20 -17.27 -20.33
CA ARG D 419 30.01 -16.45 -20.07
CA ARG D 419 30.01 -16.46 -20.09
C ARG D 419 29.47 -16.66 -18.66
C ARG D 419 29.45 -16.70 -18.68
N ALA D 420 30.09 -17.57 -17.89
CA ALA D 420 29.47 -18.12 -16.69
C ALA D 420 29.82 -17.34 -15.44
N GLY D 421 30.99 -16.68 -15.42
CA GLY D 421 31.54 -16.19 -14.16
C GLY D 421 31.87 -17.34 -13.22
N GLY D 422 32.04 -17.05 -11.93
CA GLY D 422 32.39 -18.06 -10.96
C GLY D 422 31.68 -17.86 -9.63
N GLY D 423 31.94 -18.78 -8.69
CA GLY D 423 31.50 -18.65 -7.31
C GLY D 423 30.28 -19.50 -6.99
N ALA D 424 29.59 -20.00 -8.02
CA ALA D 424 28.30 -20.65 -7.86
C ALA D 424 28.36 -22.08 -8.39
N PRO D 425 27.68 -23.04 -7.71
CA PRO D 425 27.69 -24.44 -8.15
C PRO D 425 26.99 -24.60 -9.50
N MET D 426 27.42 -25.60 -10.25
CA MET D 426 26.90 -25.82 -11.59
C MET D 426 26.18 -27.16 -11.64
N SER D 427 25.09 -27.14 -12.39
CA SER D 427 24.20 -28.27 -12.55
C SER D 427 23.68 -28.25 -13.98
N ASN D 428 23.76 -29.40 -14.68
CA ASN D 428 23.38 -29.41 -16.08
C ASN D 428 22.27 -30.43 -16.34
N GLY D 429 21.57 -30.84 -15.28
CA GLY D 429 20.37 -31.65 -15.43
C GLY D 429 19.66 -31.87 -14.10
N LEU D 430 18.43 -32.39 -14.21
CA LEU D 430 17.71 -32.95 -13.07
C LEU D 430 17.62 -34.47 -13.24
N ALA D 431 17.49 -35.18 -12.12
CA ALA D 431 17.25 -36.61 -12.16
C ALA D 431 16.09 -36.94 -11.23
N HIS D 432 15.28 -37.91 -11.66
CA HIS D 432 14.25 -38.50 -10.82
C HIS D 432 14.63 -39.95 -10.55
N LEU D 433 14.84 -40.28 -9.27
CA LEU D 433 15.07 -41.66 -8.87
C LEU D 433 13.81 -42.22 -8.25
N ASN D 434 13.34 -43.35 -8.80
CA ASN D 434 12.36 -44.21 -8.14
C ASN D 434 13.13 -45.23 -7.30
N HIS D 435 12.94 -45.18 -5.97
CA HIS D 435 13.73 -45.98 -5.05
C HIS D 435 13.29 -47.44 -5.06
N GLU D 436 12.04 -47.73 -5.43
CA GLU D 436 11.55 -49.10 -5.50
C GLU D 436 12.12 -49.79 -6.72
N THR D 437 11.85 -49.22 -7.91
CA THR D 437 12.21 -49.86 -9.18
C THR D 437 13.69 -49.66 -9.48
N GLY D 438 14.27 -48.54 -9.01
CA GLY D 438 15.65 -48.19 -9.32
C GLY D 438 15.77 -47.39 -10.62
N ASP D 439 14.62 -47.06 -11.24
CA ASP D 439 14.58 -46.32 -12.48
C ASP D 439 15.01 -44.88 -12.25
N ILE D 440 15.74 -44.32 -13.24
CA ILE D 440 16.20 -42.95 -13.22
C ILE D 440 15.83 -42.30 -14.55
N GLN D 441 15.09 -41.19 -14.50
CA GLN D 441 14.93 -40.33 -15.65
C GLN D 441 15.82 -39.11 -15.45
N ARG D 442 16.40 -38.61 -16.55
CA ARG D 442 17.23 -37.42 -16.50
C ARG D 442 16.66 -36.37 -17.46
N TYR D 443 16.45 -35.15 -16.94
CA TYR D 443 16.12 -34.00 -17.75
C TYR D 443 17.41 -33.24 -18.05
N LEU D 444 17.67 -33.05 -19.36
CA LEU D 444 18.82 -32.28 -19.82
C LEU D 444 18.30 -31.08 -20.60
N PRO D 445 18.33 -29.85 -20.03
CA PRO D 445 17.77 -28.68 -20.71
C PRO D 445 18.44 -28.35 -22.05
N GLY D 446 19.71 -28.72 -22.18
CA GLY D 446 20.45 -28.49 -23.40
C GLY D 446 21.91 -28.14 -23.14
N PRO D 447 22.76 -28.14 -24.18
CA PRO D 447 24.19 -27.96 -24.01
C PRO D 447 24.63 -26.57 -23.53
N ARG D 448 23.75 -25.57 -23.70
CA ARG D 448 24.11 -24.20 -23.32
C ARG D 448 23.18 -23.69 -22.23
N LYS D 449 22.70 -24.59 -21.38
CA LYS D 449 21.84 -24.24 -20.27
C LYS D 449 22.27 -25.00 -19.02
N LEU D 450 22.14 -24.34 -17.86
CA LEU D 450 22.35 -24.95 -16.56
C LEU D 450 21.09 -24.76 -15.70
N THR D 451 20.98 -25.54 -14.62
CA THR D 451 19.77 -25.57 -13.80
C THR D 451 20.07 -25.10 -12.38
N GLY D 452 19.00 -24.69 -11.68
CA GLY D 452 19.02 -24.51 -10.23
C GLY D 452 18.28 -25.65 -9.52
N GLU D 453 17.96 -25.44 -8.25
CA GLU D 453 17.22 -26.41 -7.46
C GLU D 453 15.76 -26.44 -7.95
N CYS D 454 15.21 -27.65 -8.06
CA CYS D 454 13.85 -27.83 -8.55
C CYS D 454 12.86 -27.79 -7.38
N ILE D 455 11.58 -27.69 -7.74
CA ILE D 455 10.48 -27.92 -6.80
C ILE D 455 9.60 -29.03 -7.38
N PHE D 456 8.89 -29.71 -6.48
CA PHE D 456 7.90 -30.69 -6.86
C PHE D 456 6.50 -30.20 -6.46
N ILE D 457 5.54 -30.38 -7.37
CA ILE D 457 4.15 -29.98 -7.17
C ILE D 457 3.26 -31.21 -7.33
N PRO D 458 2.53 -31.65 -6.28
CA PRO D 458 1.54 -32.72 -6.43
C PRO D 458 0.53 -32.36 -7.52
N ARG D 459 0.20 -33.34 -8.37
CA ARG D 459 -0.73 -33.12 -9.47
C ARG D 459 -2.06 -32.60 -8.93
N ASN D 460 -2.46 -33.12 -7.77
CA ASN D 460 -3.66 -32.72 -7.07
C ASN D 460 -3.59 -33.36 -5.69
N SER D 461 -4.61 -33.12 -4.85
CA SER D 461 -4.59 -33.59 -3.46
C SER D 461 -4.74 -35.11 -3.39
N GLU D 462 -5.06 -35.79 -4.50
CA GLU D 462 -5.27 -37.22 -4.52
C GLU D 462 -4.11 -37.96 -5.20
N ALA D 463 -3.09 -37.22 -5.63
CA ALA D 463 -2.01 -37.79 -6.42
C ALA D 463 -1.16 -38.74 -5.58
N ALA D 464 -0.59 -39.75 -6.24
CA ALA D 464 0.36 -40.64 -5.63
C ALA D 464 1.67 -39.90 -5.36
N GLU D 465 2.49 -40.46 -4.47
CA GLU D 465 3.80 -39.90 -4.16
C GLU D 465 4.57 -39.70 -5.45
N GLY D 466 5.10 -38.48 -5.63
CA GLY D 466 6.01 -38.19 -6.72
C GLY D 466 5.31 -37.99 -8.06
N ASP D 467 3.97 -37.96 -8.05
CA ASP D 467 3.19 -37.77 -9.27
C ASP D 467 2.73 -36.32 -9.33
N GLY D 468 3.18 -35.62 -10.37
CA GLY D 468 2.80 -34.23 -10.57
C GLY D 468 3.77 -33.50 -11.48
N TYR D 469 4.15 -32.28 -11.09
CA TYR D 469 4.95 -31.42 -11.93
C TYR D 469 6.23 -31.04 -11.20
N VAL D 470 7.29 -30.82 -11.99
CA VAL D 470 8.55 -30.32 -11.49
C VAL D 470 8.84 -29.01 -12.20
N MET D 471 9.31 -28.01 -11.44
CA MET D 471 9.72 -26.75 -12.02
C MET D 471 11.18 -26.50 -11.67
N VAL D 472 11.91 -25.88 -12.60
CA VAL D 472 13.30 -25.58 -12.37
C VAL D 472 13.67 -24.35 -13.20
N LEU D 473 14.44 -23.45 -12.59
CA LEU D 473 14.91 -22.26 -13.27
C LEU D 473 16.19 -22.60 -14.02
N LEU D 474 16.21 -22.23 -15.31
CA LEU D 474 17.33 -22.48 -16.19
C LEU D 474 18.07 -21.17 -16.45
N ALA D 475 19.40 -21.24 -16.48
CA ALA D 475 20.22 -20.18 -17.05
C ALA D 475 20.52 -20.54 -18.50
N ASN D 476 20.10 -19.67 -19.43
CA ASN D 476 20.35 -19.86 -20.84
C ASN D 476 21.51 -18.97 -21.26
N TYR D 477 22.67 -19.59 -21.50
CA TYR D 477 23.90 -18.86 -21.77
C TYR D 477 23.92 -18.40 -23.22
N GLU D 478 23.06 -18.95 -24.08
CA GLU D 478 22.97 -18.50 -25.45
C GLU D 478 22.30 -17.12 -25.51
N ASP D 479 21.17 -16.98 -24.80
CA ASP D 479 20.39 -15.75 -24.83
C ASP D 479 20.84 -14.80 -23.71
N MET D 480 21.61 -15.33 -22.74
CA MET D 480 21.92 -14.62 -21.50
C MET D 480 20.61 -14.19 -20.82
N CYS D 481 19.69 -15.15 -20.74
CA CYS D 481 18.39 -14.97 -20.11
C CYS D 481 18.09 -16.16 -19.22
N SER D 482 17.13 -15.99 -18.31
CA SER D 482 16.64 -17.10 -17.50
C SER D 482 15.34 -17.62 -18.09
N GLU D 483 15.04 -18.89 -17.80
CA GLU D 483 13.82 -19.55 -18.24
C GLU D 483 13.33 -20.43 -17.10
N LEU D 484 12.01 -20.60 -17.00
CA LEU D 484 11.44 -21.49 -16.01
C LEU D 484 10.78 -22.65 -16.74
N ALA D 485 11.32 -23.86 -16.52
CA ALA D 485 10.85 -25.06 -17.18
C ALA D 485 9.82 -25.75 -16.29
N VAL D 486 8.73 -26.22 -16.92
CA VAL D 486 7.73 -27.03 -16.25
C VAL D 486 7.74 -28.42 -16.86
N LEU D 487 7.92 -29.44 -16.00
CA LEU D 487 8.03 -30.83 -16.42
C LEU D 487 6.90 -31.63 -15.77
N ASP D 488 6.44 -32.67 -16.47
CA ASP D 488 5.52 -33.65 -15.90
C ASP D 488 6.35 -34.86 -15.47
N THR D 489 6.07 -35.39 -14.27
CA THR D 489 6.85 -36.48 -13.71
C THR D 489 6.64 -37.78 -14.48
N LYS D 490 5.59 -37.86 -15.31
CA LYS D 490 5.37 -39.02 -16.17
C LYS D 490 6.46 -39.13 -17.23
N ASP D 491 7.00 -37.98 -17.67
CA ASP D 491 8.12 -37.97 -18.60
C ASP D 491 8.98 -36.74 -18.31
N LEU D 492 10.02 -36.92 -17.49
CA LEU D 492 10.81 -35.81 -16.99
C LEU D 492 11.71 -35.25 -18.10
N THR D 493 11.90 -36.02 -19.19
CA THR D 493 12.80 -35.61 -20.27
C THR D 493 12.19 -34.51 -21.13
N ASN D 494 10.87 -34.32 -21.05
CA ASN D 494 10.15 -33.41 -21.93
C ASN D 494 9.65 -32.19 -21.14
N GLU D 495 9.87 -31.00 -21.71
CA GLU D 495 9.33 -29.76 -21.18
C GLU D 495 7.89 -29.60 -21.66
N VAL D 496 6.96 -29.54 -20.70
CA VAL D 496 5.57 -29.27 -21.00
C VAL D 496 5.41 -27.78 -21.31
N ALA D 497 6.16 -26.94 -20.61
CA ALA D 497 6.16 -25.51 -20.85
C ALA D 497 7.55 -24.95 -20.56
N LEU D 498 7.86 -23.84 -21.25
CA LEU D 498 9.10 -23.14 -21.03
C LEU D 498 8.79 -21.65 -20.95
N ILE D 499 8.88 -21.10 -19.74
CA ILE D 499 8.56 -19.71 -19.47
C ILE D 499 9.82 -18.88 -19.71
N LYS D 500 9.74 -17.90 -20.62
CA LYS D 500 10.90 -17.19 -21.12
C LYS D 500 11.00 -15.82 -20.44
N LEU D 501 11.91 -15.67 -19.47
CA LEU D 501 12.15 -14.38 -18.86
C LEU D 501 13.03 -13.54 -19.77
N PRO D 502 12.77 -12.22 -19.88
CA PRO D 502 13.62 -11.33 -20.68
C PRO D 502 14.84 -10.79 -19.93
N VAL D 503 15.00 -11.17 -18.67
CA VAL D 503 16.10 -10.74 -17.83
C VAL D 503 16.82 -11.98 -17.28
N ARG D 504 18.02 -11.76 -16.73
CA ARG D 504 18.73 -12.82 -16.02
C ARG D 504 18.28 -12.81 -14.55
N LEU D 505 17.95 -13.99 -14.05
CA LEU D 505 17.96 -14.25 -12.62
C LEU D 505 19.25 -14.99 -12.29
N ARG D 506 20.12 -14.29 -11.56
CA ARG D 506 21.39 -14.79 -11.09
C ARG D 506 21.22 -16.17 -10.46
N PRO D 507 22.17 -17.12 -10.62
CA PRO D 507 22.12 -18.39 -9.91
C PRO D 507 21.79 -18.18 -8.43
N GLY D 508 20.81 -18.96 -7.94
CA GLY D 508 20.28 -18.77 -6.62
C GLY D 508 20.47 -20.00 -5.75
N LEU D 509 19.77 -20.03 -4.62
CA LEU D 509 19.84 -21.16 -3.71
C LEU D 509 18.46 -21.80 -3.65
N HIS D 510 17.82 -21.85 -2.47
CA HIS D 510 16.67 -22.72 -2.27
C HIS D 510 15.37 -22.01 -2.64
N GLY D 511 14.34 -22.81 -2.90
CA GLY D 511 13.02 -22.33 -3.25
C GLY D 511 11.94 -23.32 -2.83
N ASN D 512 10.68 -22.88 -2.86
CA ASN D 512 9.58 -23.68 -2.37
C ASN D 512 8.30 -23.36 -3.13
N TRP D 513 7.43 -24.37 -3.23
CA TRP D 513 6.11 -24.24 -3.79
C TRP D 513 5.10 -24.02 -2.67
N VAL D 514 4.20 -23.06 -2.87
CA VAL D 514 3.07 -22.83 -1.97
C VAL D 514 1.79 -23.01 -2.80
N ASP D 515 1.11 -24.15 -2.62
CA ASP D 515 -0.06 -24.47 -3.40
C ASP D 515 -1.27 -23.69 -2.86
N LYS D 516 -2.12 -23.22 -3.77
CA LYS D 516 -3.28 -22.43 -3.40
C LYS D 516 -4.28 -23.28 -2.63
N SER D 517 -4.33 -24.59 -2.92
CA SER D 517 -5.31 -25.47 -2.31
C SER D 517 -4.93 -25.85 -0.87
N ASP D 518 -3.73 -25.49 -0.44
CA ASP D 518 -3.27 -25.80 0.92
C ASP D 518 -3.41 -24.57 1.80
N VAL D 519 -4.28 -24.67 2.81
CA VAL D 519 -4.65 -23.56 3.67
C VAL D 519 -3.43 -23.05 4.45
N ASP D 520 -2.60 -23.95 4.98
CA ASP D 520 -1.46 -23.57 5.79
C ASP D 520 -0.20 -23.50 4.93
N GLY D 521 -0.35 -23.65 3.61
CA GLY D 521 0.74 -23.46 2.67
C GLY D 521 1.56 -24.73 2.40
N HIS D 522 1.25 -25.82 3.11
CA HIS D 522 2.01 -27.05 3.04
C HIS D 522 1.07 -28.19 2.64
N PRO D 523 1.55 -29.16 1.82
CA PRO D 523 0.68 -30.22 1.32
C PRO D 523 0.24 -31.19 2.40
N ALA D 524 -0.90 -31.85 2.17
CA ALA D 524 -1.50 -32.77 3.13
C ALA D 524 -0.76 -34.10 3.10
N PRO D 525 -0.74 -34.86 4.22
CA PRO D 525 -0.01 -36.12 4.27
C PRO D 525 -0.64 -37.15 3.35
N LEU D 526 0.16 -38.10 2.88
CA LEU D 526 -0.37 -39.23 2.12
C LEU D 526 -1.12 -40.18 3.06
FE FE2 E . 7.82 12.62 -32.37
CL CL F . -0.87 3.68 -11.41
FE FE2 G . 0.93 27.30 18.32
CL CL H . 3.15 4.78 8.64
C BEZ I . 2.38 0.84 14.38
O1 BEZ I . 1.19 0.73 14.05
O2 BEZ I . 3.14 1.77 14.02
C1 BEZ I . 2.97 -0.24 15.26
C2 BEZ I . 4.30 -0.16 15.66
C3 BEZ I . 4.83 -1.16 16.46
C4 BEZ I . 4.05 -2.22 16.87
C5 BEZ I . 2.73 -2.29 16.48
C6 BEZ I . 2.19 -1.31 15.67
FE FE2 J . -29.81 -15.00 12.52
CL CL K . -11.05 -4.90 0.57
C BEZ L . -13.91 1.36 -1.52
O1 BEZ L . -14.11 0.15 -1.72
O2 BEZ L . -13.45 1.82 -0.46
C1 BEZ L . -14.22 2.34 -2.63
C2 BEZ L . -14.01 3.70 -2.46
C3 BEZ L . -14.29 4.58 -3.49
C4 BEZ L . -14.79 4.12 -4.68
C5 BEZ L . -15.02 2.77 -4.86
C6 BEZ L . -14.73 1.88 -3.84
FE FE2 M . 21.28 -25.06 1.59
CL CL N . 9.67 -3.65 2.65
C BEZ O . 14.79 0.90 0.60
O1 BEZ O . 14.40 0.90 -0.58
O2 BEZ O . 14.53 -0.01 1.42
C1 BEZ O . 15.64 2.06 1.08
C2 BEZ O . 16.10 2.11 2.39
C3 BEZ O . 16.88 3.18 2.83
C4 BEZ O . 17.20 4.20 1.96
C5 BEZ O . 16.74 4.16 0.66
C6 BEZ O . 15.98 3.10 0.22
#